data_3KLH
#
_entry.id   3KLH
#
_cell.length_a   166.472
_cell.length_b   166.472
_cell.length_c   220.822
_cell.angle_alpha   90.00
_cell.angle_beta   90.00
_cell.angle_gamma   120.00
#
_symmetry.space_group_name_H-M   'P 32 1 2'
#
loop_
_entity.id
_entity.type
_entity.pdbx_description
1 polymer 'Reverse transcriptase/ribonuclease H'
2 polymer 'p51 RT'
3 polymer 'monoclonal antibody, heavy chain'
4 polymer 'monoclonal antibody, light chain'
5 polymer "DNA (5'-D(*AP*T*GP*CP*TP*AP*GP*GP*CP*GP*CP*CP*CP*GP*AP*AP*CP*AP*GP*GP*GP*AP*CP*TP*GP*TP*G)-3')"
6 polymer "DNA (5'-D(*AP*CP*AP*GP*TP*CP*CP*CP*TP*GP*TP*TP*CP*GP*GP*(MRG)P*CP*GP*CP*CP*(ATM))-3')"
7 non-polymer 'MAGNESIUM ION'
8 water water
#
loop_
_entity_poly.entity_id
_entity_poly.type
_entity_poly.pdbx_seq_one_letter_code
_entity_poly.pdbx_strand_id
1 'polypeptide(L)'
;MVPISPIETVPVKLKPGMDGPKVKQWPLTEEKIKALVEICTELEKEGKISKIGPENPYNTPVFAIKKKNSTRWRKLVDFR
ELNKRTQDFWEVQLGIPHPAGLKKKKSVTVLDVGDAYFSVPLDEDFRKYTAFTIPSINNETPGIRYQYNVLPQGWKGSPA
IFQSSMTKILEPFKKQNPDIVIYQYMDDLYVGSDLEIGQHRTKIEELRQHLLRWGLYTPDQKHQKEPPFLWMGYELHPDK
WTVQPIVLPEKDSWTVNDICKLVGKLNWASQIYPGIKVRQLSKLLRGTKALTEVIPLTEEAELELAENREILKEPVHGVY
YDPSKDLIAEIQKQGQGQWTYQIYQEPFKNLKTGKYARMRGAHTNDVKQLTEAVQKITTESIVIWGKTPKFKLPIQKETW
ETWWTEYWQATWIPEWEFVNTPPLVKLWYQLEKEPIVGAETFYVDGAANRETKLGKAGYVTNKGRQKVVPLTNTTNQKTE
LQAIYLALQDSGLEVNIVTDSQYALGIIQAQPDKSESELVNQIIEQLIKKEKVYLAWVPAHKGIGGNEQVDKLVSAGIRK
ILVL
;
A
2 'polypeptide(L)'
;PISPIETVPVKLKPGMDGPKVKQWPLTEEKIKALVEICTEMEKEGKISKIGPENPYNTPVFAIKKKDSTKWRKLVDFREL
NKRTQDFWEVQLGIPHPAGLKKKKSVTVLDVGDAYFSVPLDEDFRKYTAFTIPSINNETPGIRYQYNVLPQGWKGSPAIF
QSSMTKILEPFKKQNPDIVIYQYMDDLYVGSDLEIGQHRTKIEELRQHLLRWGLTTPDKKHQKEPPFLWMGYELHPDKWT
VQPIVLPEKDSWTVNDIQKLVGKLNWASQIYPGIKVRQLSKLLRGTKALTEVIPLTEEAELELAENREILKEPVHGVYYD
PSKDLIAEIQKQGQGQWTYQIYQEPFKNLKTGKYARMRGAHTNDVKQLTEAVQKITTESIVIWGKTPKFKLPIQKETWET
WWTEYWQATWIPEWEFVNTPPLVKLWYQGGHHHHHHH
;
B
3 'polypeptide(L)'
;DIQMTQTTSSLSASLGDRVTISCSASQDISSYLNWYQQKPEGTVKLLIYYTSSLHSGVPSRFSGSGSGTDYSLTISNLEP
EDIATYYCQQYSKFPWTFGGGTKLEIKRADAAPTVSIFPPSSEQLTSGGASVVCFLNNFYPKDINVKWKIDGSERQNGVL
NSWTDQDSKDSTYSMSSTLTLTKDEYERHNSYTCEATHKTSTSPIVKSFNR
;
C
4 'polypeptide(L)'
;QITLKESGPGIVQPSQPFRLTCTFSGFSLSTSGIGVTWIRQPSGKGLEWLATIWWDDDNRYNPSLKSRLTVSKDTSNNQA
FLNMMTVETADTAIYYCAQSAITSVTDSAMDHWGQGTSVTVSSAKTTPPSVYPLAPGSAAQTNSMVTLGCLVKGYFPEPV
TVTWNSGSLSSGVHTFPAVLQSDLYTLSSSVTVPSSTWPSETVTCNVAHPASSTKVDKKIVPADC
;
D
5 'polydeoxyribonucleotide'
;(DA)(DT)(DG)(DC)(DT)(DA)(DG)(DG)(DC)(DG)(DC)(DC)(DC)(DG)(DA)(DA)(DC)(DA)(DG)(DG)
(DG)(DA)(DC)(DT)(DG)(DT)(DG)
;
E
6 'polydeoxyribonucleotide'
;(DA)(DC)(DA)(DG)(DT)(DC)(DC)(DC)(DT)(DG)(DT)(DT)(DC)(DG)(DG)(MRG)(DC)(DG)(DC)
(DC)(ATM)
;
F
#
loop_
_chem_comp.id
_chem_comp.type
_chem_comp.name
_chem_comp.formula
ATM DNA linking 3'-AZIDO-3'-DEOXYTHYMIDINE-5'-MONOPHOSPHATE 'C10 H14 N5 O7 P'
DA DNA linking 2'-DEOXYADENOSINE-5'-MONOPHOSPHATE 'C10 H14 N5 O6 P'
DC DNA linking 2'-DEOXYCYTIDINE-5'-MONOPHOSPHATE 'C9 H14 N3 O7 P'
DG DNA linking 2'-DEOXYGUANOSINE-5'-MONOPHOSPHATE 'C10 H14 N5 O7 P'
DT DNA linking THYMIDINE-5'-MONOPHOSPHATE 'C10 H15 N2 O8 P'
MG non-polymer 'MAGNESIUM ION' 'Mg 2'
MRG DNA linking N2-(3-MERCAPTOPROPYL)-2'-DEOXYGUANOSINE-5'-MONOPHOSPHATE 'C13 H20 N5 O7 P S'
#
# COMPACT_ATOMS: atom_id res chain seq x y z
N PRO A 3 -37.44 39.33 -8.54
CA PRO A 3 -37.06 40.10 -9.75
C PRO A 3 -36.01 39.40 -10.64
N ILE A 4 -35.06 40.18 -11.17
CA ILE A 4 -33.97 39.65 -12.01
C ILE A 4 -32.78 39.41 -11.08
N SER A 5 -31.62 39.03 -11.61
CA SER A 5 -30.48 38.76 -10.76
C SER A 5 -29.36 39.78 -10.84
N PRO A 6 -28.65 39.98 -9.72
CA PRO A 6 -27.53 40.91 -9.70
C PRO A 6 -26.30 40.05 -9.82
N ILE A 7 -26.45 38.79 -10.22
CA ILE A 7 -25.30 37.90 -10.37
C ILE A 7 -24.44 38.30 -11.54
N GLU A 8 -23.14 38.44 -11.30
CA GLU A 8 -22.27 38.82 -12.39
C GLU A 8 -22.56 37.86 -13.55
N THR A 9 -22.67 38.43 -14.74
CA THR A 9 -22.96 37.69 -15.96
C THR A 9 -21.82 36.82 -16.46
N VAL A 10 -22.11 35.60 -16.91
CA VAL A 10 -21.03 34.75 -17.48
C VAL A 10 -20.85 35.05 -18.99
N PRO A 11 -19.61 35.39 -19.41
CA PRO A 11 -19.25 35.72 -20.78
C PRO A 11 -19.29 34.56 -21.78
N VAL A 12 -19.93 34.78 -22.92
CA VAL A 12 -20.01 33.73 -23.91
C VAL A 12 -19.63 34.28 -25.26
N LYS A 13 -19.01 33.45 -26.09
CA LYS A 13 -18.57 33.88 -27.41
C LYS A 13 -19.17 33.02 -28.48
N LEU A 14 -18.83 33.28 -29.73
CA LEU A 14 -19.31 32.45 -30.82
C LEU A 14 -18.11 31.62 -31.24
N LYS A 15 -18.36 30.45 -31.80
CA LYS A 15 -17.28 29.58 -32.27
C LYS A 15 -16.32 30.38 -33.15
N PRO A 16 -15.01 30.24 -32.95
CA PRO A 16 -13.97 30.93 -33.72
C PRO A 16 -14.22 31.10 -35.22
N GLY A 17 -14.43 32.34 -35.66
CA GLY A 17 -14.64 32.59 -37.08
C GLY A 17 -16.07 32.50 -37.59
N MET A 18 -17.03 32.59 -36.68
CA MET A 18 -18.43 32.54 -37.07
C MET A 18 -19.14 33.84 -36.70
N ASP A 19 -20.26 34.08 -37.37
CA ASP A 19 -21.04 35.27 -37.12
C ASP A 19 -22.35 34.78 -36.51
N GLY A 20 -23.26 35.71 -36.21
CA GLY A 20 -24.52 35.33 -35.62
C GLY A 20 -25.54 34.81 -36.60
N PRO A 21 -26.67 34.28 -36.11
CA PRO A 21 -27.75 33.73 -36.91
C PRO A 21 -28.56 34.77 -37.69
N LYS A 22 -28.50 34.71 -39.01
CA LYS A 22 -29.26 35.62 -39.86
C LYS A 22 -30.24 34.73 -40.64
N VAL A 23 -31.25 34.22 -39.95
CA VAL A 23 -32.30 33.35 -40.53
C VAL A 23 -33.59 34.11 -40.82
N LYS A 24 -34.09 34.04 -42.04
CA LYS A 24 -35.32 34.77 -42.37
C LYS A 24 -36.51 34.31 -41.52
N GLN A 25 -37.46 35.22 -41.34
CA GLN A 25 -38.68 34.97 -40.55
C GLN A 25 -39.86 34.61 -41.45
N TRP A 26 -40.64 33.62 -41.03
CA TRP A 26 -41.77 33.20 -41.84
C TRP A 26 -42.97 34.10 -41.54
N PRO A 27 -43.79 34.36 -42.56
CA PRO A 27 -44.95 35.21 -42.29
C PRO A 27 -45.92 34.39 -41.46
N LEU A 28 -46.29 34.92 -40.31
CA LEU A 28 -47.25 34.25 -39.43
C LEU A 28 -48.62 34.87 -39.63
N THR A 29 -49.65 34.20 -39.11
CA THR A 29 -51.02 34.69 -39.25
C THR A 29 -51.35 35.77 -38.24
N GLU A 30 -52.15 36.73 -38.68
CA GLU A 30 -52.59 37.86 -37.87
C GLU A 30 -53.06 37.38 -36.49
N GLU A 31 -53.54 36.15 -36.46
CA GLU A 31 -54.02 35.54 -35.25
C GLU A 31 -52.87 35.18 -34.32
N LYS A 32 -51.84 34.62 -34.92
CA LYS A 32 -50.65 34.20 -34.19
C LYS A 32 -49.85 35.43 -33.80
N ILE A 33 -49.73 36.39 -34.71
CA ILE A 33 -48.98 37.61 -34.45
C ILE A 33 -49.48 38.37 -33.22
N LYS A 34 -50.76 38.72 -33.22
CA LYS A 34 -51.37 39.47 -32.11
C LYS A 34 -51.17 38.81 -30.74
N ALA A 35 -51.03 37.49 -30.76
CA ALA A 35 -50.82 36.72 -29.54
C ALA A 35 -49.39 36.93 -29.04
N LEU A 36 -48.45 36.88 -29.97
CA LEU A 36 -47.05 37.07 -29.64
C LEU A 36 -46.83 38.46 -29.07
N VAL A 37 -47.46 39.45 -29.67
CA VAL A 37 -47.32 40.82 -29.20
C VAL A 37 -47.62 40.95 -27.71
N GLU A 38 -48.69 40.30 -27.25
CA GLU A 38 -49.04 40.39 -25.83
C GLU A 38 -47.92 39.77 -25.03
N ILE A 39 -47.50 38.57 -25.44
CA ILE A 39 -46.44 37.87 -24.73
C ILE A 39 -45.16 38.67 -24.64
N CYS A 40 -44.69 39.16 -25.79
CA CYS A 40 -43.47 39.94 -25.80
C CYS A 40 -43.57 41.28 -25.06
N THR A 41 -44.72 41.94 -25.11
CA THR A 41 -44.87 43.22 -24.40
C THR A 41 -44.81 42.94 -22.91
N GLU A 42 -45.16 41.71 -22.56
CA GLU A 42 -45.14 41.26 -21.17
C GLU A 42 -43.72 40.95 -20.71
N LEU A 43 -43.00 40.19 -21.53
CA LEU A 43 -41.64 39.80 -21.25
C LEU A 43 -40.75 41.02 -21.28
N GLU A 44 -41.11 42.01 -22.09
CA GLU A 44 -40.35 43.25 -22.19
C GLU A 44 -40.62 44.06 -20.96
N LYS A 45 -41.88 44.04 -20.52
CA LYS A 45 -42.29 44.77 -19.33
C LYS A 45 -41.62 44.21 -18.09
N GLU A 46 -41.35 42.90 -18.09
CA GLU A 46 -40.73 42.24 -16.95
C GLU A 46 -39.20 42.21 -17.02
N GLY A 47 -38.63 42.88 -18.02
CA GLY A 47 -37.18 42.93 -18.19
C GLY A 47 -36.46 41.77 -18.85
N LYS A 48 -37.20 40.76 -19.27
CA LYS A 48 -36.60 39.58 -19.89
C LYS A 48 -36.09 39.83 -21.31
N ILE A 49 -36.77 40.70 -22.05
CA ILE A 49 -36.34 41.04 -23.38
C ILE A 49 -36.37 42.56 -23.60
N SER A 50 -35.74 43.02 -24.67
CA SER A 50 -35.69 44.45 -24.96
C SER A 50 -35.66 44.78 -26.43
N LYS A 51 -36.24 45.92 -26.78
CA LYS A 51 -36.28 46.35 -28.18
C LYS A 51 -34.88 46.64 -28.68
N ILE A 52 -34.53 46.18 -29.88
CA ILE A 52 -33.19 46.44 -30.43
C ILE A 52 -33.28 47.42 -31.56
N GLY A 53 -32.13 48.02 -31.91
CA GLY A 53 -32.06 48.97 -33.01
C GLY A 53 -32.06 48.36 -34.43
N PRO A 54 -32.17 49.22 -35.45
CA PRO A 54 -32.18 48.72 -36.82
C PRO A 54 -30.83 48.16 -37.21
N GLU A 55 -29.84 48.53 -36.42
CA GLU A 55 -28.47 48.09 -36.62
C GLU A 55 -28.25 46.58 -36.46
N ASN A 56 -29.02 45.93 -35.60
CA ASN A 56 -28.88 44.51 -35.32
C ASN A 56 -29.27 43.72 -36.55
N PRO A 57 -28.30 43.05 -37.19
CA PRO A 57 -28.51 42.25 -38.39
C PRO A 57 -28.82 40.81 -38.16
N TYR A 58 -29.08 40.42 -36.92
CA TYR A 58 -29.33 39.02 -36.63
C TYR A 58 -30.77 38.75 -36.32
N ASN A 59 -31.19 37.52 -36.60
CA ASN A 59 -32.55 37.12 -36.36
C ASN A 59 -32.54 35.61 -36.31
N THR A 60 -33.45 35.05 -35.52
CA THR A 60 -33.62 33.61 -35.45
C THR A 60 -35.15 33.47 -35.51
N PRO A 61 -35.65 32.38 -36.12
CA PRO A 61 -37.08 32.11 -36.26
C PRO A 61 -37.86 32.01 -34.96
N VAL A 62 -38.97 32.70 -34.92
CA VAL A 62 -39.85 32.69 -33.76
C VAL A 62 -41.28 32.51 -34.19
N PHE A 63 -41.87 31.37 -33.84
CA PHE A 63 -43.25 31.20 -34.21
C PHE A 63 -44.00 30.84 -32.95
N ALA A 64 -45.29 31.15 -32.93
CA ALA A 64 -46.11 30.87 -31.76
C ALA A 64 -46.83 29.53 -31.92
N ILE A 65 -47.05 28.86 -30.79
CA ILE A 65 -47.74 27.58 -30.78
C ILE A 65 -48.58 27.51 -29.51
N LYS A 66 -49.80 26.96 -29.65
CA LYS A 66 -50.74 26.83 -28.54
C LYS A 66 -50.78 25.44 -27.88
N LYS A 67 -50.97 25.43 -26.58
CA LYS A 67 -51.08 24.19 -25.83
C LYS A 67 -52.45 23.58 -26.04
N LYS A 68 -52.49 22.33 -26.52
CA LYS A 68 -53.74 21.66 -26.85
C LYS A 68 -54.67 21.41 -25.65
N ASN A 69 -54.27 21.91 -24.48
CA ASN A 69 -55.07 21.76 -23.26
C ASN A 69 -55.54 23.09 -22.66
N SER A 70 -54.62 24.05 -22.48
CA SER A 70 -54.97 25.33 -21.86
C SER A 70 -55.40 26.38 -22.88
N THR A 71 -55.13 26.10 -24.15
CA THR A 71 -55.44 26.98 -25.28
C THR A 71 -54.51 28.21 -25.29
N ARG A 72 -53.66 28.29 -24.27
CA ARG A 72 -52.71 29.38 -24.15
C ARG A 72 -51.64 29.27 -25.22
N TRP A 73 -51.30 30.39 -25.84
CA TRP A 73 -50.31 30.41 -26.91
C TRP A 73 -48.98 30.66 -26.20
N ARG A 74 -47.89 30.09 -26.72
CA ARG A 74 -46.60 30.30 -26.10
C ARG A 74 -45.50 30.70 -27.07
N LYS A 75 -44.70 31.66 -26.65
CA LYS A 75 -43.60 32.15 -27.47
C LYS A 75 -42.54 31.06 -27.56
N LEU A 76 -42.35 30.58 -28.77
CA LEU A 76 -41.36 29.54 -29.01
C LEU A 76 -40.31 30.05 -29.99
N VAL A 77 -39.09 30.24 -29.50
CA VAL A 77 -38.02 30.70 -30.36
C VAL A 77 -37.08 29.52 -30.61
N ASP A 78 -36.83 29.25 -31.89
CA ASP A 78 -35.98 28.15 -32.34
C ASP A 78 -34.52 28.56 -32.51
N PHE A 79 -33.70 28.26 -31.51
CA PHE A 79 -32.29 28.65 -31.55
C PHE A 79 -31.33 27.65 -32.18
N ARG A 80 -31.86 26.79 -33.04
CA ARG A 80 -31.01 25.79 -33.67
C ARG A 80 -29.78 26.39 -34.34
N GLU A 81 -29.94 27.54 -35.01
CA GLU A 81 -28.79 28.13 -35.68
C GLU A 81 -27.77 28.77 -34.75
N LEU A 82 -28.26 29.49 -33.75
CA LEU A 82 -27.39 30.15 -32.78
C LEU A 82 -26.57 29.06 -32.13
N ASN A 83 -27.26 28.05 -31.62
CA ASN A 83 -26.60 26.94 -30.97
C ASN A 83 -25.47 26.38 -31.81
N LYS A 84 -25.66 26.32 -33.13
CA LYS A 84 -24.62 25.79 -33.99
C LYS A 84 -23.42 26.74 -34.09
N ARG A 85 -23.59 27.94 -33.58
CA ARG A 85 -22.54 28.96 -33.63
C ARG A 85 -22.02 29.38 -32.27
N THR A 86 -22.77 29.05 -31.21
CA THR A 86 -22.36 29.35 -29.85
C THR A 86 -21.17 28.50 -29.42
N GLN A 87 -20.15 29.15 -28.85
CA GLN A 87 -18.96 28.47 -28.34
C GLN A 87 -19.27 27.16 -27.59
N ASP A 88 -18.23 26.37 -27.34
CA ASP A 88 -18.42 25.11 -26.61
C ASP A 88 -18.25 25.37 -25.13
N PHE A 89 -19.13 24.86 -24.30
CA PHE A 89 -19.00 25.06 -22.87
C PHE A 89 -18.48 23.79 -22.31
N TRP A 90 -17.65 23.86 -21.26
CA TRP A 90 -17.27 22.61 -20.65
C TRP A 90 -18.41 22.36 -19.66
N GLU A 91 -19.33 21.46 -20.03
CA GLU A 91 -20.49 21.20 -19.18
C GLU A 91 -20.16 20.76 -17.78
N VAL A 92 -20.67 21.54 -16.84
CA VAL A 92 -20.45 21.31 -15.42
C VAL A 92 -21.22 20.14 -14.80
N GLN A 93 -22.41 19.81 -15.32
CA GLN A 93 -23.17 18.68 -14.74
C GLN A 93 -22.42 17.39 -15.08
N LEU A 94 -21.94 16.69 -14.04
CA LEU A 94 -21.14 15.48 -14.24
C LEU A 94 -21.86 14.11 -14.12
N GLY A 95 -23.14 14.12 -13.76
CA GLY A 95 -23.89 12.87 -13.63
C GLY A 95 -25.13 13.05 -12.77
N ILE A 96 -26.19 12.27 -12.98
CA ILE A 96 -27.37 12.48 -12.17
C ILE A 96 -27.25 11.90 -10.76
N PRO A 97 -27.92 12.52 -9.78
CA PRO A 97 -27.79 11.94 -8.44
C PRO A 97 -28.75 10.80 -8.27
N HIS A 98 -28.42 9.97 -7.28
CA HIS A 98 -29.17 8.76 -6.96
C HIS A 98 -29.60 8.67 -5.48
N PRO A 99 -30.90 8.52 -5.22
CA PRO A 99 -31.48 8.43 -3.87
C PRO A 99 -30.82 7.40 -2.98
N ALA A 100 -30.08 6.49 -3.60
CA ALA A 100 -29.38 5.45 -2.87
C ALA A 100 -28.18 6.02 -2.11
N GLY A 101 -27.69 7.17 -2.55
CA GLY A 101 -26.56 7.81 -1.90
C GLY A 101 -26.99 8.83 -0.85
N LEU A 102 -28.28 8.94 -0.63
CA LEU A 102 -28.77 9.89 0.37
C LEU A 102 -28.69 9.28 1.77
N LYS A 103 -28.35 10.10 2.77
CA LYS A 103 -28.28 9.62 4.15
C LYS A 103 -29.58 9.98 4.87
N LYS A 104 -30.01 9.14 5.80
CA LYS A 104 -31.24 9.39 6.53
C LYS A 104 -31.17 10.69 7.34
N LYS A 105 -31.96 11.69 6.97
CA LYS A 105 -31.93 12.96 7.70
C LYS A 105 -33.23 13.24 8.46
N LYS A 106 -33.12 13.90 9.61
CA LYS A 106 -34.31 14.22 10.43
C LYS A 106 -35.36 14.95 9.60
N SER A 107 -35.07 16.21 9.27
CA SER A 107 -35.99 17.03 8.48
C SER A 107 -35.53 17.25 7.04
N VAL A 108 -36.46 17.04 6.11
CA VAL A 108 -36.21 17.16 4.68
C VAL A 108 -37.16 18.14 3.99
N THR A 109 -36.62 19.02 3.15
CA THR A 109 -37.45 19.96 2.41
C THR A 109 -36.90 19.99 0.98
N VAL A 110 -37.80 20.14 0.01
CA VAL A 110 -37.42 20.24 -1.39
C VAL A 110 -37.98 21.56 -1.94
N LEU A 111 -37.23 22.22 -2.82
CA LEU A 111 -37.62 23.50 -3.38
C LEU A 111 -37.41 23.52 -4.88
N ASP A 112 -38.21 24.32 -5.58
CA ASP A 112 -38.04 24.47 -7.03
C ASP A 112 -37.97 25.96 -7.32
N VAL A 113 -37.10 26.33 -8.26
CA VAL A 113 -36.96 27.74 -8.62
C VAL A 113 -37.88 28.05 -9.79
N GLY A 114 -38.66 29.11 -9.66
CA GLY A 114 -39.57 29.50 -10.72
C GLY A 114 -38.87 30.44 -11.69
N ASP A 115 -39.21 30.31 -12.96
CA ASP A 115 -38.60 31.16 -13.99
C ASP A 115 -37.10 31.16 -13.77
N ALA A 116 -36.52 29.98 -13.65
CA ALA A 116 -35.10 29.87 -13.41
C ALA A 116 -34.28 30.61 -14.46
N TYR A 117 -34.33 30.12 -15.70
CA TYR A 117 -33.56 30.74 -16.77
C TYR A 117 -33.87 32.22 -16.92
N PHE A 118 -35.14 32.58 -16.89
CA PHE A 118 -35.52 33.98 -17.04
C PHE A 118 -35.12 34.87 -15.83
N SER A 119 -34.34 34.33 -14.91
CA SER A 119 -33.89 35.08 -13.75
C SER A 119 -32.40 35.38 -13.74
N VAL A 120 -31.65 34.74 -14.64
CA VAL A 120 -30.21 34.97 -14.77
C VAL A 120 -29.89 35.79 -16.03
N PRO A 121 -29.20 36.93 -15.86
CA PRO A 121 -28.81 37.83 -16.95
C PRO A 121 -27.93 37.12 -17.94
N LEU A 122 -28.03 37.53 -19.20
CA LEU A 122 -27.24 36.96 -20.28
C LEU A 122 -26.11 37.93 -20.59
N ASP A 123 -24.92 37.41 -20.92
CA ASP A 123 -23.78 38.27 -21.23
C ASP A 123 -24.21 39.38 -22.20
N GLU A 124 -24.09 40.64 -21.77
CA GLU A 124 -24.51 41.77 -22.60
C GLU A 124 -23.90 41.82 -24.01
N ASP A 125 -22.67 41.34 -24.17
CA ASP A 125 -22.04 41.36 -25.48
C ASP A 125 -22.40 40.13 -26.28
N PHE A 126 -23.58 39.58 -25.99
CA PHE A 126 -24.04 38.39 -26.69
C PHE A 126 -25.51 38.51 -27.00
N ARG A 127 -26.22 39.28 -26.19
CA ARG A 127 -27.66 39.44 -26.39
C ARG A 127 -28.03 39.72 -27.84
N LYS A 128 -27.24 40.55 -28.51
CA LYS A 128 -27.52 40.91 -29.89
C LYS A 128 -27.77 39.71 -30.79
N TYR A 129 -27.23 38.55 -30.42
CA TYR A 129 -27.40 37.37 -31.24
C TYR A 129 -28.71 36.67 -30.98
N THR A 130 -29.32 36.96 -29.85
CA THR A 130 -30.58 36.35 -29.50
C THR A 130 -31.72 37.15 -30.11
N ALA A 131 -31.36 37.98 -31.08
CA ALA A 131 -32.34 38.82 -31.74
C ALA A 131 -33.34 37.97 -32.44
N PHE A 132 -34.61 38.32 -32.28
CA PHE A 132 -35.69 37.66 -32.98
C PHE A 132 -36.66 38.75 -33.43
N THR A 133 -37.51 38.44 -34.40
CA THR A 133 -38.48 39.41 -34.90
C THR A 133 -39.89 38.82 -34.90
N ILE A 134 -40.87 39.70 -34.73
CA ILE A 134 -42.27 39.28 -34.71
C ILE A 134 -43.05 39.88 -35.88
N PRO A 135 -42.83 39.34 -37.06
CA PRO A 135 -43.50 39.83 -38.27
C PRO A 135 -44.83 40.49 -37.94
N SER A 136 -45.18 41.54 -38.69
CA SER A 136 -46.45 42.25 -38.47
C SER A 136 -47.59 41.58 -39.21
N ILE A 137 -48.81 42.04 -38.93
CA ILE A 137 -49.99 41.47 -39.57
C ILE A 137 -49.96 41.67 -41.08
N ASN A 138 -49.62 42.89 -41.50
CA ASN A 138 -49.56 43.22 -42.92
C ASN A 138 -48.11 43.40 -43.40
N ASN A 139 -47.90 43.22 -44.69
CA ASN A 139 -46.57 43.36 -45.28
C ASN A 139 -46.12 44.82 -45.33
N GLU A 140 -46.69 45.65 -44.47
CA GLU A 140 -46.36 47.08 -44.47
C GLU A 140 -45.03 47.55 -43.86
N THR A 141 -44.98 47.52 -42.53
CA THR A 141 -43.83 47.98 -41.78
C THR A 141 -43.24 46.80 -41.05
N PRO A 142 -41.92 46.78 -40.97
CA PRO A 142 -41.22 45.63 -40.38
C PRO A 142 -41.74 45.27 -38.99
N GLY A 143 -41.81 43.98 -38.69
CA GLY A 143 -42.27 43.53 -37.39
C GLY A 143 -41.41 44.07 -36.27
N ILE A 144 -41.90 43.92 -35.03
CA ILE A 144 -41.17 44.40 -33.87
C ILE A 144 -39.90 43.59 -33.63
N ARG A 145 -38.81 44.28 -33.33
CA ARG A 145 -37.53 43.62 -33.08
C ARG A 145 -37.24 43.50 -31.59
N TYR A 146 -36.76 42.33 -31.19
CA TYR A 146 -36.45 42.08 -29.79
C TYR A 146 -35.16 41.27 -29.58
N GLN A 147 -34.58 41.37 -28.38
CA GLN A 147 -33.40 40.59 -28.05
C GLN A 147 -33.58 40.11 -26.60
N TYR A 148 -32.81 39.10 -26.20
CA TYR A 148 -32.89 38.54 -24.86
C TYR A 148 -31.96 39.17 -23.85
N ASN A 149 -32.40 39.22 -22.59
CA ASN A 149 -31.59 39.77 -21.50
C ASN A 149 -31.41 38.73 -20.41
N VAL A 150 -32.10 37.61 -20.54
CA VAL A 150 -32.04 36.56 -19.57
C VAL A 150 -31.70 35.29 -20.33
N LEU A 151 -31.39 34.19 -19.62
CA LEU A 151 -31.05 32.92 -20.27
C LEU A 151 -32.18 32.41 -21.15
N PRO A 152 -31.96 32.41 -22.45
CA PRO A 152 -32.96 31.96 -23.41
C PRO A 152 -33.29 30.50 -23.22
N GLN A 153 -34.58 30.23 -23.16
CA GLN A 153 -35.10 28.87 -23.02
C GLN A 153 -34.68 28.10 -24.27
N GLY A 154 -33.99 26.97 -24.13
CA GLY A 154 -33.60 26.19 -25.30
C GLY A 154 -32.35 26.64 -26.05
N TRP A 155 -31.43 27.24 -25.32
CA TRP A 155 -30.17 27.71 -25.89
C TRP A 155 -29.09 26.81 -25.33
N LYS A 156 -28.01 26.62 -26.08
CA LYS A 156 -26.93 25.75 -25.63
C LYS A 156 -26.35 26.09 -24.24
N GLY A 157 -25.93 27.33 -24.04
CA GLY A 157 -25.34 27.69 -22.76
C GLY A 157 -26.30 27.85 -21.60
N SER A 158 -27.59 27.97 -21.86
CA SER A 158 -28.50 28.18 -20.76
C SER A 158 -28.40 27.22 -19.58
N PRO A 159 -28.17 25.92 -19.84
CA PRO A 159 -28.07 25.00 -18.70
C PRO A 159 -26.76 25.09 -17.92
N ALA A 160 -25.65 25.06 -18.65
CA ALA A 160 -24.34 25.17 -18.04
C ALA A 160 -24.21 26.50 -17.28
N ILE A 161 -24.62 27.61 -17.90
CA ILE A 161 -24.52 28.92 -17.22
C ILE A 161 -25.39 29.06 -15.96
N PHE A 162 -26.59 28.48 -15.99
CA PHE A 162 -27.47 28.54 -14.83
C PHE A 162 -26.97 27.67 -13.68
N GLN A 163 -26.36 26.54 -13.99
CA GLN A 163 -25.90 25.68 -12.93
C GLN A 163 -24.75 26.33 -12.20
N SER A 164 -23.80 26.91 -12.93
CA SER A 164 -22.66 27.57 -12.30
C SER A 164 -23.14 28.73 -11.45
N SER A 165 -24.04 29.54 -12.02
CA SER A 165 -24.59 30.67 -11.31
C SER A 165 -25.17 30.20 -9.99
N MET A 166 -25.99 29.18 -10.07
CA MET A 166 -26.63 28.59 -8.92
C MET A 166 -25.67 28.08 -7.85
N THR A 167 -24.52 27.57 -8.30
CA THR A 167 -23.53 27.05 -7.38
C THR A 167 -22.91 28.17 -6.59
N LYS A 168 -22.72 29.32 -7.25
CA LYS A 168 -22.14 30.50 -6.59
C LYS A 168 -23.09 31.10 -5.55
N ILE A 169 -24.39 30.99 -5.81
CA ILE A 169 -25.40 31.51 -4.91
C ILE A 169 -25.37 30.71 -3.62
N LEU A 170 -25.47 29.39 -3.73
CA LEU A 170 -25.43 28.56 -2.54
C LEU A 170 -24.04 28.60 -1.86
N GLU A 171 -23.00 28.80 -2.66
CA GLU A 171 -21.63 28.84 -2.18
C GLU A 171 -21.44 29.37 -0.78
N PRO A 172 -21.80 30.64 -0.52
CA PRO A 172 -21.64 31.23 0.81
C PRO A 172 -22.56 30.60 1.85
N PHE A 173 -23.80 30.37 1.48
CA PHE A 173 -24.75 29.77 2.38
C PHE A 173 -24.26 28.41 2.90
N LYS A 174 -23.62 27.63 2.03
CA LYS A 174 -23.14 26.31 2.42
C LYS A 174 -21.91 26.42 3.31
N LYS A 175 -21.24 27.56 3.25
CA LYS A 175 -20.07 27.72 4.09
C LYS A 175 -20.52 28.04 5.51
N GLN A 176 -21.74 28.58 5.65
CA GLN A 176 -22.28 28.94 6.96
C GLN A 176 -23.18 27.85 7.51
N ASN A 177 -23.50 26.85 6.68
CA ASN A 177 -24.33 25.74 7.12
C ASN A 177 -23.70 24.44 6.64
N PRO A 178 -22.56 24.06 7.23
CA PRO A 178 -21.89 22.83 6.82
C PRO A 178 -22.63 21.57 7.25
N ASP A 179 -23.69 21.73 8.04
CA ASP A 179 -24.46 20.59 8.52
C ASP A 179 -25.83 20.45 7.89
N ILE A 180 -25.95 20.99 6.68
CA ILE A 180 -27.18 20.93 5.91
C ILE A 180 -26.74 20.58 4.50
N VAL A 181 -27.27 19.48 3.96
CA VAL A 181 -26.91 19.06 2.61
C VAL A 181 -27.89 19.61 1.61
N ILE A 182 -27.32 20.16 0.55
CA ILE A 182 -28.13 20.73 -0.50
C ILE A 182 -27.78 19.99 -1.78
N TYR A 183 -28.72 19.23 -2.30
CA TYR A 183 -28.47 18.51 -3.55
C TYR A 183 -28.95 19.42 -4.67
N GLN A 184 -27.99 20.11 -5.26
CA GLN A 184 -28.25 21.06 -6.33
C GLN A 184 -28.32 20.39 -7.69
N TYR A 185 -29.52 20.38 -8.29
CA TYR A 185 -29.75 19.79 -9.61
C TYR A 185 -30.61 20.63 -10.53
N MET A 186 -29.97 21.32 -11.48
CA MET A 186 -30.63 22.21 -12.42
C MET A 186 -31.30 23.33 -11.61
N ASP A 187 -32.63 23.37 -11.57
CA ASP A 187 -33.29 24.39 -10.76
C ASP A 187 -34.13 23.76 -9.66
N ASP A 188 -33.72 22.57 -9.24
CA ASP A 188 -34.40 21.86 -8.19
C ASP A 188 -33.43 21.70 -7.03
N LEU A 189 -33.87 22.01 -5.82
CA LEU A 189 -33.01 21.90 -4.67
C LEU A 189 -33.52 20.98 -3.56
N TYR A 190 -32.73 19.99 -3.21
CA TYR A 190 -33.11 19.11 -2.12
C TYR A 190 -32.28 19.54 -0.90
N VAL A 191 -32.98 19.85 0.18
CA VAL A 191 -32.31 20.27 1.40
C VAL A 191 -32.75 19.35 2.50
N GLY A 192 -31.77 18.86 3.25
CA GLY A 192 -32.03 17.96 4.35
C GLY A 192 -31.03 18.18 5.48
N SER A 193 -31.47 17.95 6.71
CA SER A 193 -30.61 18.12 7.89
C SER A 193 -31.21 17.40 9.10
N ASP A 194 -30.42 17.32 10.17
CA ASP A 194 -30.86 16.66 11.40
C ASP A 194 -31.35 17.67 12.43
N LEU A 195 -31.77 18.84 11.95
CA LEU A 195 -32.28 19.89 12.83
C LEU A 195 -33.75 19.59 13.13
N GLU A 196 -34.26 20.23 14.18
CA GLU A 196 -35.66 20.07 14.63
C GLU A 196 -36.60 20.78 13.65
N ILE A 197 -37.72 20.14 13.31
CA ILE A 197 -38.70 20.71 12.37
C ILE A 197 -38.84 22.22 12.44
N GLY A 198 -38.74 22.75 13.65
CA GLY A 198 -38.86 24.18 13.85
C GLY A 198 -37.62 24.93 13.42
N GLN A 199 -36.46 24.54 13.96
CA GLN A 199 -35.20 25.22 13.62
C GLN A 199 -34.84 24.99 12.15
N HIS A 200 -35.41 23.93 11.57
CA HIS A 200 -35.21 23.55 10.17
C HIS A 200 -35.96 24.57 9.29
N ARG A 201 -37.29 24.60 9.42
CA ARG A 201 -38.09 25.51 8.63
C ARG A 201 -37.62 26.94 8.82
N THR A 202 -36.95 27.20 9.95
CA THR A 202 -36.43 28.55 10.21
C THR A 202 -35.14 28.71 9.42
N LYS A 203 -34.56 27.60 8.97
CA LYS A 203 -33.33 27.64 8.19
C LYS A 203 -33.72 27.65 6.71
N ILE A 204 -34.82 26.98 6.37
CA ILE A 204 -35.30 26.91 4.98
C ILE A 204 -35.78 28.29 4.53
N GLU A 205 -36.49 28.98 5.41
CA GLU A 205 -36.97 30.29 5.08
C GLU A 205 -35.70 31.13 4.91
N GLU A 206 -34.73 30.89 5.77
CA GLU A 206 -33.49 31.63 5.71
C GLU A 206 -32.85 31.47 4.36
N LEU A 207 -33.04 30.31 3.75
CA LEU A 207 -32.48 30.03 2.44
C LEU A 207 -33.31 30.70 1.34
N ARG A 208 -34.62 30.53 1.40
CA ARG A 208 -35.50 31.15 0.41
C ARG A 208 -35.27 32.64 0.35
N GLN A 209 -35.03 33.25 1.50
CA GLN A 209 -34.78 34.69 1.57
C GLN A 209 -33.38 35.04 1.07
N HIS A 210 -32.48 34.07 1.05
CA HIS A 210 -31.13 34.34 0.57
C HIS A 210 -31.09 34.20 -0.95
N LEU A 211 -31.97 33.37 -1.49
CA LEU A 211 -32.06 33.18 -2.92
C LEU A 211 -32.84 34.33 -3.51
N LEU A 212 -33.85 34.78 -2.79
CA LEU A 212 -34.67 35.89 -3.24
C LEU A 212 -33.79 37.15 -3.34
N ARG A 213 -32.76 37.19 -2.51
CA ARG A 213 -31.80 38.30 -2.49
C ARG A 213 -31.07 38.33 -3.82
N TRP A 214 -30.87 37.17 -4.42
CA TRP A 214 -30.17 37.08 -5.70
C TRP A 214 -31.10 36.95 -6.86
N GLY A 215 -32.39 37.08 -6.58
CA GLY A 215 -33.37 37.01 -7.65
C GLY A 215 -33.92 35.64 -7.94
N LEU A 216 -33.63 34.65 -7.10
CA LEU A 216 -34.19 33.34 -7.35
C LEU A 216 -35.43 33.15 -6.49
N TYR A 217 -36.57 32.99 -7.16
CA TYR A 217 -37.83 32.81 -6.47
C TYR A 217 -38.18 31.33 -6.27
N THR A 218 -38.66 31.01 -5.08
CA THR A 218 -39.06 29.65 -4.75
C THR A 218 -40.54 29.59 -4.42
N PRO A 219 -41.39 29.40 -5.45
CA PRO A 219 -42.85 29.33 -5.32
C PRO A 219 -43.36 28.51 -4.13
N ASP A 220 -44.56 28.84 -3.63
CA ASP A 220 -45.15 28.13 -2.48
C ASP A 220 -45.67 26.75 -2.85
N GLN A 221 -45.32 26.32 -4.07
CA GLN A 221 -45.66 24.99 -4.55
C GLN A 221 -44.41 24.14 -4.31
N LYS A 222 -43.82 24.31 -3.13
CA LYS A 222 -42.62 23.56 -2.72
C LYS A 222 -42.96 22.43 -1.71
N HIS A 223 -42.11 21.40 -1.67
CA HIS A 223 -42.29 20.25 -0.77
C HIS A 223 -42.04 20.57 0.69
N GLN A 224 -43.07 21.02 1.37
CA GLN A 224 -42.96 21.35 2.78
C GLN A 224 -43.59 20.22 3.59
N LYS A 225 -42.76 19.55 4.41
CA LYS A 225 -43.19 18.43 5.26
C LYS A 225 -44.15 17.53 4.49
N GLU A 226 -43.75 17.13 3.28
CA GLU A 226 -44.61 16.31 2.45
C GLU A 226 -44.08 14.93 2.05
N PRO A 227 -43.96 14.01 3.02
CA PRO A 227 -43.47 12.67 2.67
C PRO A 227 -44.63 11.95 1.96
N PRO A 228 -44.38 11.32 0.80
CA PRO A 228 -43.08 11.22 0.11
C PRO A 228 -42.78 12.45 -0.75
N PHE A 229 -41.50 12.76 -0.91
CA PHE A 229 -41.10 13.87 -1.74
C PHE A 229 -40.86 13.36 -3.15
N LEU A 230 -41.34 14.11 -4.13
CA LEU A 230 -41.17 13.76 -5.54
C LEU A 230 -39.84 14.34 -6.01
N TRP A 231 -38.77 13.56 -5.85
CA TRP A 231 -37.44 14.02 -6.22
C TRP A 231 -36.76 13.19 -7.29
N MET A 232 -36.27 13.86 -8.32
CA MET A 232 -35.55 13.17 -9.37
C MET A 232 -36.26 11.96 -9.96
N GLY A 233 -37.58 11.93 -9.87
CA GLY A 233 -38.31 10.81 -10.43
C GLY A 233 -38.47 9.64 -9.49
N TYR A 234 -38.34 9.90 -8.19
CA TYR A 234 -38.49 8.86 -7.18
C TYR A 234 -39.36 9.44 -6.07
N GLU A 235 -39.70 8.61 -5.09
CA GLU A 235 -40.51 9.08 -3.97
C GLU A 235 -39.76 8.77 -2.72
N LEU A 236 -39.43 9.82 -1.98
CA LEU A 236 -38.66 9.63 -0.77
C LEU A 236 -39.51 9.50 0.49
N HIS A 237 -39.50 8.30 1.07
CA HIS A 237 -40.24 8.07 2.31
C HIS A 237 -39.22 8.07 3.42
N PRO A 238 -39.68 8.29 4.66
CA PRO A 238 -38.83 8.33 5.85
C PRO A 238 -37.60 7.44 5.80
N ASP A 239 -37.82 6.13 5.61
CA ASP A 239 -36.70 5.17 5.57
C ASP A 239 -36.59 4.37 4.27
N LYS A 240 -37.58 4.51 3.39
CA LYS A 240 -37.58 3.82 2.12
C LYS A 240 -37.89 4.76 0.95
N TRP A 241 -37.42 4.39 -0.23
CA TRP A 241 -37.64 5.19 -1.43
C TRP A 241 -38.07 4.29 -2.57
N THR A 242 -38.97 4.80 -3.39
CA THR A 242 -39.47 4.02 -4.51
C THR A 242 -39.40 4.80 -5.80
N VAL A 243 -39.14 4.11 -6.91
CA VAL A 243 -39.08 4.78 -8.18
C VAL A 243 -40.51 5.04 -8.59
N GLN A 244 -40.76 6.20 -9.17
CA GLN A 244 -42.12 6.54 -9.58
C GLN A 244 -42.64 5.57 -10.60
N PRO A 245 -43.90 5.13 -10.42
CA PRO A 245 -44.60 4.18 -11.29
C PRO A 245 -44.12 4.11 -12.74
N ILE A 246 -43.48 2.99 -13.09
CA ILE A 246 -42.99 2.78 -14.44
C ILE A 246 -44.04 1.96 -15.19
N VAL A 247 -44.67 2.60 -16.17
CA VAL A 247 -45.72 1.99 -16.99
C VAL A 247 -45.22 1.23 -18.23
N LEU A 248 -44.95 -0.07 -18.04
CA LEU A 248 -44.50 -0.96 -19.11
C LEU A 248 -45.42 -0.88 -20.35
N PRO A 249 -44.89 -0.45 -21.51
CA PRO A 249 -45.68 -0.34 -22.73
C PRO A 249 -46.19 -1.70 -23.22
N GLU A 250 -47.52 -1.86 -23.30
CA GLU A 250 -48.10 -3.13 -23.75
C GLU A 250 -48.94 -2.99 -25.01
N LYS A 251 -48.28 -2.98 -26.17
CA LYS A 251 -48.99 -2.84 -27.43
C LYS A 251 -49.28 -4.17 -28.16
N ASP A 252 -50.11 -4.10 -29.20
CA ASP A 252 -50.49 -5.26 -30.02
C ASP A 252 -49.35 -5.67 -30.97
N SER A 253 -48.96 -4.76 -31.86
CA SER A 253 -47.87 -5.00 -32.81
C SER A 253 -46.62 -4.28 -32.26
N TRP A 254 -45.44 -4.74 -32.65
CA TRP A 254 -44.21 -4.11 -32.16
C TRP A 254 -43.23 -3.67 -33.25
N THR A 255 -43.10 -2.34 -33.39
CA THR A 255 -42.18 -1.77 -34.38
C THR A 255 -40.80 -1.64 -33.71
N VAL A 256 -39.78 -1.43 -34.52
CA VAL A 256 -38.44 -1.30 -33.98
C VAL A 256 -38.48 -0.17 -32.95
N ASN A 257 -39.24 0.87 -33.25
CA ASN A 257 -39.32 2.00 -32.33
C ASN A 257 -39.94 1.62 -30.98
N ASP A 258 -40.89 0.69 -30.99
CA ASP A 258 -41.55 0.24 -29.76
C ASP A 258 -40.61 -0.64 -28.94
N ILE A 259 -39.63 -1.24 -29.60
CA ILE A 259 -38.65 -2.08 -28.92
C ILE A 259 -37.75 -1.14 -28.08
N CYS A 260 -37.34 -0.02 -28.70
CA CYS A 260 -36.50 1.00 -28.07
C CYS A 260 -37.24 1.66 -26.90
N LYS A 261 -38.56 1.73 -26.99
CA LYS A 261 -39.36 2.34 -25.95
C LYS A 261 -39.56 1.38 -24.78
N LEU A 262 -39.46 0.08 -25.06
CA LEU A 262 -39.63 -0.91 -24.01
C LEU A 262 -38.34 -1.16 -23.30
N VAL A 263 -37.29 -1.43 -24.07
CA VAL A 263 -35.99 -1.71 -23.50
C VAL A 263 -35.48 -0.60 -22.54
N GLY A 264 -35.51 0.65 -22.99
CA GLY A 264 -35.05 1.74 -22.14
C GLY A 264 -35.79 1.85 -20.80
N LYS A 265 -37.10 1.65 -20.82
CA LYS A 265 -37.89 1.71 -19.58
C LYS A 265 -37.54 0.53 -18.69
N LEU A 266 -37.15 -0.59 -19.29
CA LEU A 266 -36.77 -1.79 -18.53
C LEU A 266 -35.44 -1.52 -17.83
N ASN A 267 -34.51 -0.92 -18.57
CA ASN A 267 -33.20 -0.55 -18.03
C ASN A 267 -33.38 0.40 -16.88
N TRP A 268 -34.24 1.39 -17.08
CA TRP A 268 -34.50 2.37 -16.05
C TRP A 268 -34.95 1.69 -14.77
N ALA A 269 -35.75 0.64 -14.90
CA ALA A 269 -36.29 -0.10 -13.77
C ALA A 269 -35.29 -1.05 -13.12
N SER A 270 -34.40 -1.58 -13.95
CA SER A 270 -33.40 -2.50 -13.45
C SER A 270 -32.50 -1.93 -12.36
N GLN A 271 -32.60 -0.63 -12.13
CA GLN A 271 -31.76 0.01 -11.12
C GLN A 271 -32.25 -0.35 -9.73
N ILE A 272 -33.53 -0.67 -9.60
CA ILE A 272 -34.05 -1.04 -8.28
C ILE A 272 -34.72 -2.40 -8.24
N TYR A 273 -35.23 -2.87 -9.39
CA TYR A 273 -35.88 -4.18 -9.50
C TYR A 273 -34.87 -5.32 -9.66
N PRO A 274 -34.81 -6.21 -8.66
CA PRO A 274 -33.94 -7.38 -8.56
C PRO A 274 -33.27 -7.88 -9.83
N GLY A 275 -33.92 -8.76 -10.55
CA GLY A 275 -33.30 -9.26 -11.76
C GLY A 275 -34.15 -8.88 -12.93
N ILE A 276 -33.52 -8.27 -13.94
CA ILE A 276 -34.22 -7.90 -15.15
C ILE A 276 -33.27 -8.22 -16.27
N LYS A 277 -33.75 -9.00 -17.22
CA LYS A 277 -32.94 -9.39 -18.36
C LYS A 277 -33.40 -8.57 -19.56
N VAL A 278 -32.47 -8.26 -20.44
CA VAL A 278 -32.79 -7.48 -21.62
C VAL A 278 -32.07 -8.08 -22.82
N ARG A 279 -30.96 -8.77 -22.56
CA ARG A 279 -30.17 -9.40 -23.62
C ARG A 279 -31.04 -9.88 -24.79
N GLN A 280 -32.08 -10.64 -24.46
CA GLN A 280 -33.01 -11.20 -25.47
C GLN A 280 -33.83 -10.24 -26.34
N LEU A 281 -34.84 -9.59 -25.78
CA LEU A 281 -35.66 -8.70 -26.60
C LEU A 281 -34.83 -7.55 -27.22
N SER A 282 -33.60 -7.37 -26.74
CA SER A 282 -32.73 -6.33 -27.26
C SER A 282 -32.20 -6.72 -28.61
N LYS A 283 -31.99 -8.01 -28.80
CA LYS A 283 -31.50 -8.51 -30.07
C LYS A 283 -32.59 -8.51 -31.12
N LEU A 284 -33.67 -7.79 -30.85
CA LEU A 284 -34.76 -7.75 -31.83
C LEU A 284 -34.46 -6.64 -32.85
N LEU A 285 -34.09 -5.45 -32.37
CA LEU A 285 -33.77 -4.32 -33.27
C LEU A 285 -32.44 -4.61 -33.93
N ARG A 286 -31.79 -5.63 -33.37
CA ARG A 286 -30.51 -6.11 -33.84
C ARG A 286 -30.58 -6.09 -35.36
N GLY A 287 -29.90 -5.14 -35.98
CA GLY A 287 -29.94 -5.06 -37.41
C GLY A 287 -29.83 -3.64 -37.91
N THR A 288 -29.98 -3.46 -39.21
CA THR A 288 -29.90 -2.15 -39.83
C THR A 288 -31.31 -1.53 -39.99
N LYS A 289 -32.34 -2.38 -39.95
CA LYS A 289 -33.74 -1.94 -40.08
C LYS A 289 -34.08 -0.88 -39.03
N ALA A 290 -34.42 0.33 -39.49
CA ALA A 290 -34.69 1.42 -38.59
C ALA A 290 -36.12 1.94 -38.46
N LEU A 291 -36.33 2.67 -37.37
CA LEU A 291 -37.59 3.32 -37.00
C LEU A 291 -38.88 2.50 -36.78
N THR A 292 -39.93 2.88 -37.49
CA THR A 292 -41.24 2.23 -37.40
C THR A 292 -41.30 1.08 -38.42
N GLU A 293 -41.05 -0.13 -37.95
CA GLU A 293 -41.10 -1.33 -38.80
C GLU A 293 -41.41 -2.51 -37.89
N VAL A 294 -42.64 -2.97 -37.91
CA VAL A 294 -43.04 -4.09 -37.05
C VAL A 294 -41.96 -5.19 -37.13
N ILE A 295 -41.61 -5.74 -35.97
CA ILE A 295 -40.61 -6.81 -35.90
C ILE A 295 -41.22 -8.00 -35.14
N PRO A 296 -41.09 -9.24 -35.68
CA PRO A 296 -41.63 -10.46 -35.05
C PRO A 296 -41.00 -10.81 -33.70
N LEU A 297 -41.81 -10.79 -32.63
CA LEU A 297 -41.31 -11.10 -31.28
C LEU A 297 -41.10 -12.59 -31.05
N THR A 298 -39.86 -13.05 -31.19
CA THR A 298 -39.54 -14.45 -31.01
C THR A 298 -39.79 -14.91 -29.56
N GLU A 299 -39.89 -16.23 -29.37
CA GLU A 299 -40.12 -16.84 -28.05
C GLU A 299 -38.98 -16.46 -27.14
N GLU A 300 -37.83 -16.20 -27.76
CA GLU A 300 -36.62 -15.82 -27.07
C GLU A 300 -36.93 -14.52 -26.33
N ALA A 301 -37.65 -13.63 -27.00
CA ALA A 301 -38.04 -12.35 -26.44
C ALA A 301 -39.30 -12.44 -25.60
N GLU A 302 -40.19 -13.36 -25.96
CA GLU A 302 -41.43 -13.54 -25.22
C GLU A 302 -41.19 -13.96 -23.77
N LEU A 303 -40.22 -14.86 -23.57
CA LEU A 303 -39.88 -15.35 -22.24
C LEU A 303 -39.24 -14.25 -21.41
N GLU A 304 -38.56 -13.35 -22.12
CA GLU A 304 -37.88 -12.21 -21.52
C GLU A 304 -38.95 -11.24 -21.01
N LEU A 305 -39.88 -10.87 -21.88
CA LEU A 305 -40.96 -9.94 -21.52
C LEU A 305 -41.83 -10.50 -20.40
N ALA A 306 -42.15 -11.78 -20.47
CA ALA A 306 -42.99 -12.40 -19.45
C ALA A 306 -42.28 -12.45 -18.09
N GLU A 307 -41.04 -12.91 -18.10
CA GLU A 307 -40.26 -13.00 -16.87
C GLU A 307 -40.05 -11.64 -16.25
N ASN A 308 -39.86 -10.62 -17.09
CA ASN A 308 -39.66 -9.27 -16.59
C ASN A 308 -40.95 -8.64 -16.03
N ARG A 309 -42.04 -8.72 -16.79
CA ARG A 309 -43.31 -8.12 -16.34
C ARG A 309 -43.72 -8.69 -15.01
N GLU A 310 -43.32 -9.92 -14.74
CA GLU A 310 -43.64 -10.56 -13.48
C GLU A 310 -42.86 -9.92 -12.34
N ILE A 311 -41.53 -9.89 -12.48
CA ILE A 311 -40.70 -9.31 -11.43
C ILE A 311 -40.91 -7.79 -11.30
N LEU A 312 -41.54 -7.19 -12.31
CA LEU A 312 -41.81 -5.74 -12.32
C LEU A 312 -43.16 -5.50 -11.65
N LYS A 313 -43.94 -6.58 -11.52
CA LYS A 313 -45.24 -6.50 -10.88
C LYS A 313 -45.05 -6.74 -9.38
N GLU A 314 -43.81 -6.97 -8.98
CA GLU A 314 -43.47 -7.19 -7.58
C GLU A 314 -43.06 -5.85 -6.97
N PRO A 315 -43.94 -5.23 -6.18
CA PRO A 315 -43.65 -3.92 -5.56
C PRO A 315 -42.46 -3.99 -4.57
N VAL A 316 -41.34 -3.38 -4.95
CA VAL A 316 -40.12 -3.35 -4.12
C VAL A 316 -39.75 -1.93 -3.68
N HIS A 317 -38.60 -1.81 -3.04
CA HIS A 317 -38.15 -0.52 -2.58
C HIS A 317 -36.62 -0.49 -2.40
N GLY A 318 -36.14 0.60 -1.81
CA GLY A 318 -34.72 0.74 -1.58
C GLY A 318 -34.58 1.40 -0.24
N VAL A 319 -33.37 1.41 0.30
CA VAL A 319 -33.15 2.06 1.58
C VAL A 319 -32.08 3.13 1.40
N TYR A 320 -31.91 3.97 2.42
CA TYR A 320 -30.93 5.04 2.37
C TYR A 320 -29.56 4.55 2.82
N TYR A 321 -28.52 5.34 2.54
CA TYR A 321 -27.15 4.95 2.88
C TYR A 321 -26.71 5.22 4.29
N ASP A 322 -26.13 4.21 4.92
CA ASP A 322 -25.63 4.32 6.27
C ASP A 322 -24.11 4.25 6.19
N PRO A 323 -23.45 5.38 6.48
CA PRO A 323 -21.99 5.60 6.49
C PRO A 323 -21.18 4.60 7.27
N SER A 324 -21.55 4.36 8.52
CA SER A 324 -20.84 3.40 9.34
C SER A 324 -20.76 1.99 8.71
N LYS A 325 -21.92 1.41 8.39
CA LYS A 325 -21.98 0.06 7.81
C LYS A 325 -21.54 0.00 6.33
N ASP A 326 -20.36 -0.55 6.08
CA ASP A 326 -19.85 -0.63 4.71
C ASP A 326 -20.84 -1.24 3.72
N LEU A 327 -20.45 -1.22 2.45
CA LEU A 327 -21.26 -1.72 1.36
C LEU A 327 -20.91 -3.12 0.91
N ILE A 328 -21.91 -3.83 0.41
CA ILE A 328 -21.72 -5.18 -0.10
C ILE A 328 -22.42 -5.27 -1.45
N ALA A 329 -21.71 -5.78 -2.45
CA ALA A 329 -22.24 -5.94 -3.79
C ALA A 329 -22.19 -7.41 -4.11
N GLU A 330 -23.34 -7.98 -4.46
CA GLU A 330 -23.41 -9.41 -4.78
C GLU A 330 -23.79 -9.63 -6.23
N ILE A 331 -22.95 -10.35 -6.94
CA ILE A 331 -23.19 -10.63 -8.36
C ILE A 331 -23.79 -12.01 -8.60
N GLN A 332 -24.73 -12.08 -9.54
CA GLN A 332 -25.39 -13.32 -9.92
C GLN A 332 -25.20 -13.56 -11.41
N LYS A 333 -24.99 -14.81 -11.79
CA LYS A 333 -24.81 -15.13 -13.20
C LYS A 333 -26.08 -15.70 -13.83
N GLN A 334 -26.60 -15.02 -14.84
CA GLN A 334 -27.83 -15.46 -15.50
C GLN A 334 -27.51 -15.72 -16.97
N GLY A 335 -28.50 -15.49 -17.83
CA GLY A 335 -28.35 -15.74 -19.25
C GLY A 335 -27.07 -15.35 -19.95
N GLN A 336 -26.91 -15.81 -21.18
CA GLN A 336 -25.71 -15.53 -21.97
C GLN A 336 -25.32 -14.09 -21.71
N GLY A 337 -24.13 -13.89 -21.14
CA GLY A 337 -23.66 -12.56 -20.83
C GLY A 337 -24.50 -11.68 -19.93
N GLN A 338 -25.60 -12.19 -19.39
CA GLN A 338 -26.44 -11.39 -18.51
C GLN A 338 -26.04 -11.60 -17.05
N TRP A 339 -25.76 -10.51 -16.35
CA TRP A 339 -25.37 -10.59 -14.94
C TRP A 339 -26.24 -9.65 -14.09
N THR A 340 -26.57 -10.02 -12.85
CA THR A 340 -27.37 -9.16 -12.01
C THR A 340 -26.69 -8.97 -10.67
N TYR A 341 -26.77 -7.76 -10.13
CA TYR A 341 -26.14 -7.46 -8.84
C TYR A 341 -27.07 -6.67 -7.95
N GLN A 342 -26.84 -6.78 -6.64
CA GLN A 342 -27.62 -6.05 -5.67
C GLN A 342 -26.59 -5.49 -4.70
N ILE A 343 -26.61 -4.18 -4.53
CA ILE A 343 -25.69 -3.52 -3.60
C ILE A 343 -26.48 -3.24 -2.35
N TYR A 344 -25.94 -3.67 -1.22
CA TYR A 344 -26.63 -3.47 0.05
C TYR A 344 -25.63 -3.38 1.19
N GLN A 345 -26.16 -3.08 2.38
CA GLN A 345 -25.31 -2.98 3.55
C GLN A 345 -25.88 -3.81 4.69
N GLU A 346 -27.08 -4.32 4.45
CA GLU A 346 -27.74 -5.19 5.42
C GLU A 346 -28.58 -6.23 4.69
N PRO A 347 -28.50 -7.49 5.13
CA PRO A 347 -29.22 -8.64 4.56
C PRO A 347 -30.55 -8.30 3.86
N PHE A 348 -30.57 -8.41 2.54
CA PHE A 348 -31.77 -8.14 1.74
C PHE A 348 -32.44 -6.75 1.86
N LYS A 349 -31.65 -5.76 2.28
CA LYS A 349 -32.09 -4.37 2.41
C LYS A 349 -31.36 -3.63 1.29
N ASN A 350 -31.84 -3.84 0.06
CA ASN A 350 -31.26 -3.24 -1.13
C ASN A 350 -31.08 -1.72 -1.12
N LEU A 351 -29.91 -1.29 -1.58
CA LEU A 351 -29.62 0.14 -1.69
C LEU A 351 -29.91 0.46 -3.16
N LYS A 352 -29.37 -0.37 -4.06
CA LYS A 352 -29.56 -0.21 -5.50
C LYS A 352 -29.20 -1.50 -6.22
N THR A 353 -29.95 -1.87 -7.26
CA THR A 353 -29.66 -3.08 -8.03
C THR A 353 -29.16 -2.71 -9.41
N GLY A 354 -29.08 -3.68 -10.31
CA GLY A 354 -28.62 -3.38 -11.64
C GLY A 354 -28.22 -4.58 -12.46
N LYS A 355 -27.76 -4.33 -13.68
CA LYS A 355 -27.35 -5.42 -14.57
C LYS A 355 -26.36 -5.01 -15.68
N TYR A 356 -25.33 -5.84 -15.89
CA TYR A 356 -24.35 -5.60 -16.94
C TYR A 356 -24.34 -6.77 -17.88
N ALA A 357 -24.33 -6.48 -19.19
CA ALA A 357 -24.34 -7.49 -20.23
C ALA A 357 -23.52 -7.08 -21.44
N ARG A 358 -22.40 -6.41 -21.20
CA ARG A 358 -21.56 -5.97 -22.29
C ARG A 358 -20.47 -6.99 -22.53
N MET A 359 -20.49 -7.64 -23.68
CA MET A 359 -19.46 -8.60 -23.95
C MET A 359 -18.25 -7.89 -24.56
N ARG A 360 -17.20 -7.70 -23.76
CA ARG A 360 -15.99 -7.07 -24.27
C ARG A 360 -15.06 -8.16 -24.84
N GLY A 361 -14.74 -8.02 -26.13
CA GLY A 361 -13.87 -8.96 -26.82
C GLY A 361 -14.71 -9.90 -27.67
N ALA A 362 -14.14 -10.39 -28.78
CA ALA A 362 -14.88 -11.32 -29.64
C ALA A 362 -14.92 -12.70 -28.96
N HIS A 363 -13.82 -13.07 -28.30
CA HIS A 363 -13.72 -14.36 -27.61
C HIS A 363 -13.40 -14.14 -26.13
N THR A 364 -14.42 -14.23 -25.28
CA THR A 364 -14.26 -14.03 -23.84
C THR A 364 -14.66 -15.29 -23.07
N ASN A 365 -14.74 -15.21 -21.75
CA ASN A 365 -15.19 -16.33 -20.92
C ASN A 365 -15.85 -15.82 -19.63
N ASP A 366 -16.45 -16.70 -18.84
CA ASP A 366 -17.14 -16.24 -17.62
C ASP A 366 -16.28 -15.64 -16.55
N VAL A 367 -15.02 -16.04 -16.48
CA VAL A 367 -14.18 -15.46 -15.46
C VAL A 367 -13.94 -14.02 -15.88
N LYS A 368 -13.56 -13.82 -17.13
CA LYS A 368 -13.33 -12.47 -17.66
C LYS A 368 -14.50 -11.54 -17.36
N GLN A 369 -15.68 -11.89 -17.86
CA GLN A 369 -16.85 -11.08 -17.64
C GLN A 369 -17.17 -10.83 -16.17
N LEU A 370 -16.93 -11.80 -15.30
CA LEU A 370 -17.22 -11.53 -13.90
C LEU A 370 -16.28 -10.39 -13.47
N THR A 371 -15.03 -10.47 -13.90
CA THR A 371 -14.01 -9.45 -13.60
C THR A 371 -14.54 -8.13 -14.15
N GLU A 372 -15.11 -8.16 -15.35
CA GLU A 372 -15.64 -6.95 -15.97
C GLU A 372 -16.79 -6.36 -15.16
N ALA A 373 -17.64 -7.20 -14.59
CA ALA A 373 -18.77 -6.74 -13.78
C ALA A 373 -18.28 -6.08 -12.50
N VAL A 374 -17.34 -6.72 -11.81
CA VAL A 374 -16.76 -6.19 -10.58
C VAL A 374 -16.17 -4.79 -10.80
N GLN A 375 -15.47 -4.62 -11.91
CA GLN A 375 -14.87 -3.32 -12.17
C GLN A 375 -15.90 -2.22 -12.35
N LYS A 376 -16.88 -2.46 -13.19
CA LYS A 376 -17.89 -1.45 -13.45
C LYS A 376 -18.81 -1.22 -12.26
N ILE A 377 -18.83 -2.15 -11.31
CA ILE A 377 -19.67 -1.97 -10.12
C ILE A 377 -18.91 -1.03 -9.21
N THR A 378 -17.60 -1.24 -9.09
CA THR A 378 -16.75 -0.41 -8.25
C THR A 378 -16.91 1.06 -8.65
N THR A 379 -16.64 1.35 -9.91
CA THR A 379 -16.77 2.71 -10.41
C THR A 379 -18.13 3.31 -10.07
N GLU A 380 -19.17 2.56 -10.34
CA GLU A 380 -20.51 3.02 -10.05
C GLU A 380 -20.71 3.32 -8.55
N SER A 381 -20.00 2.60 -7.67
CA SER A 381 -20.15 2.82 -6.24
C SER A 381 -19.33 4.04 -5.85
N ILE A 382 -18.15 4.16 -6.44
CA ILE A 382 -17.31 5.31 -6.15
C ILE A 382 -18.08 6.57 -6.50
N VAL A 383 -18.89 6.51 -7.56
CA VAL A 383 -19.68 7.66 -8.00
C VAL A 383 -20.84 7.96 -7.07
N ILE A 384 -21.46 6.94 -6.49
CA ILE A 384 -22.62 7.15 -5.61
C ILE A 384 -22.26 7.27 -4.11
N TRP A 385 -21.19 6.59 -3.71
CA TRP A 385 -20.76 6.61 -2.32
C TRP A 385 -19.29 6.97 -2.11
N GLY A 386 -18.53 7.14 -3.19
CA GLY A 386 -17.13 7.48 -3.05
C GLY A 386 -16.37 6.47 -2.21
N LYS A 387 -16.75 5.19 -2.35
CA LYS A 387 -16.15 4.09 -1.59
C LYS A 387 -16.22 2.78 -2.40
N THR A 388 -15.18 1.95 -2.31
CA THR A 388 -15.16 0.65 -3.00
C THR A 388 -15.91 -0.32 -2.10
N PRO A 389 -16.90 -1.05 -2.65
CA PRO A 389 -17.69 -2.02 -1.87
C PRO A 389 -17.04 -3.39 -1.70
N LYS A 390 -17.56 -4.19 -0.77
CA LYS A 390 -17.05 -5.56 -0.57
C LYS A 390 -17.91 -6.45 -1.43
N PHE A 391 -17.28 -7.44 -2.07
CA PHE A 391 -18.00 -8.35 -2.98
C PHE A 391 -18.28 -9.77 -2.48
N LYS A 392 -19.39 -10.32 -2.99
CA LYS A 392 -19.82 -11.68 -2.71
C LYS A 392 -20.03 -12.32 -4.08
N LEU A 393 -18.93 -12.80 -4.66
CA LEU A 393 -18.92 -13.40 -5.97
C LEU A 393 -19.15 -14.93 -5.99
N PRO A 394 -19.86 -15.45 -7.02
CA PRO A 394 -20.13 -16.89 -7.11
C PRO A 394 -19.02 -17.61 -7.87
N ILE A 395 -17.78 -17.44 -7.43
CA ILE A 395 -16.65 -18.09 -8.06
C ILE A 395 -15.79 -18.67 -6.94
N GLN A 396 -15.35 -19.90 -7.12
CA GLN A 396 -14.51 -20.57 -6.14
C GLN A 396 -13.15 -19.89 -5.96
N LYS A 397 -12.75 -19.76 -4.70
CA LYS A 397 -11.47 -19.16 -4.40
C LYS A 397 -10.40 -19.84 -5.24
N GLU A 398 -10.54 -21.15 -5.39
CA GLU A 398 -9.60 -21.96 -6.15
C GLU A 398 -9.66 -21.62 -7.62
N THR A 399 -10.87 -21.40 -8.13
CA THR A 399 -11.06 -21.08 -9.54
C THR A 399 -10.29 -19.81 -9.85
N TRP A 400 -10.51 -18.78 -9.03
CA TRP A 400 -9.85 -17.50 -9.23
C TRP A 400 -8.34 -17.65 -9.13
N GLU A 401 -7.84 -18.32 -8.09
CA GLU A 401 -6.39 -18.47 -7.98
C GLU A 401 -5.76 -19.04 -9.21
N THR A 402 -6.45 -20.02 -9.81
CA THR A 402 -5.96 -20.67 -11.02
C THR A 402 -5.86 -19.68 -12.17
N TRP A 403 -6.93 -18.94 -12.38
CA TRP A 403 -6.98 -17.98 -13.47
C TRP A 403 -5.89 -16.92 -13.44
N TRP A 404 -5.91 -16.04 -12.44
CA TRP A 404 -4.92 -14.96 -12.42
C TRP A 404 -3.51 -15.46 -12.33
N THR A 405 -3.34 -16.66 -11.80
CA THR A 405 -1.99 -17.17 -11.67
C THR A 405 -1.48 -17.72 -13.00
N GLU A 406 -2.40 -18.10 -13.88
CA GLU A 406 -2.01 -18.63 -15.18
C GLU A 406 -2.26 -17.66 -16.34
N TYR A 407 -3.08 -16.64 -16.11
CA TYR A 407 -3.38 -15.71 -17.18
C TYR A 407 -2.23 -14.71 -17.34
N TRP A 408 -1.78 -14.50 -18.57
CA TRP A 408 -0.66 -13.59 -18.85
C TRP A 408 -0.96 -12.12 -18.65
N GLN A 409 -2.24 -11.76 -18.74
CA GLN A 409 -2.71 -10.38 -18.56
C GLN A 409 -2.85 -10.16 -17.07
N ALA A 410 -2.58 -8.95 -16.59
CA ALA A 410 -2.69 -8.70 -15.16
C ALA A 410 -4.14 -8.49 -14.74
N THR A 411 -4.60 -9.18 -13.70
CA THR A 411 -5.96 -9.00 -13.21
C THR A 411 -6.03 -9.03 -11.70
N TRP A 412 -7.13 -8.50 -11.16
CA TRP A 412 -7.30 -8.44 -9.72
C TRP A 412 -8.75 -8.15 -9.36
N ILE A 413 -9.09 -8.45 -8.11
CA ILE A 413 -10.43 -8.19 -7.58
C ILE A 413 -10.28 -7.85 -6.10
N PRO A 414 -10.89 -6.74 -5.66
CA PRO A 414 -10.87 -6.26 -4.28
C PRO A 414 -11.41 -7.33 -3.34
N GLU A 415 -11.30 -7.08 -2.04
CA GLU A 415 -11.80 -8.00 -1.03
C GLU A 415 -13.15 -8.54 -1.46
N TRP A 416 -13.25 -9.87 -1.54
CA TRP A 416 -14.49 -10.55 -1.89
C TRP A 416 -14.65 -11.92 -1.22
N GLU A 417 -15.90 -12.31 -0.95
CA GLU A 417 -16.19 -13.59 -0.33
C GLU A 417 -16.81 -14.48 -1.38
N PHE A 418 -16.89 -15.79 -1.11
CA PHE A 418 -17.51 -16.69 -2.07
C PHE A 418 -18.89 -17.15 -1.61
N VAL A 419 -19.93 -16.77 -2.34
CA VAL A 419 -21.29 -17.20 -1.98
C VAL A 419 -21.67 -18.30 -2.97
N ASN A 420 -21.95 -19.48 -2.43
CA ASN A 420 -22.30 -20.63 -3.24
C ASN A 420 -23.75 -20.61 -3.68
N THR A 421 -24.02 -19.91 -4.76
CA THR A 421 -25.37 -19.84 -5.30
C THR A 421 -25.27 -20.00 -6.81
N PRO A 422 -25.58 -21.21 -7.30
CA PRO A 422 -25.53 -21.56 -8.72
C PRO A 422 -26.32 -20.59 -9.59
N PRO A 423 -25.93 -20.46 -10.87
CA PRO A 423 -24.81 -21.20 -11.43
C PRO A 423 -23.46 -20.57 -11.07
N LEU A 424 -22.57 -21.38 -10.48
CA LEU A 424 -21.25 -20.90 -10.13
C LEU A 424 -20.37 -20.64 -11.37
N VAL A 425 -19.45 -19.70 -11.23
CA VAL A 425 -18.57 -19.33 -12.32
C VAL A 425 -17.28 -20.12 -12.21
N LYS A 426 -16.84 -20.67 -13.34
CA LYS A 426 -15.59 -21.42 -13.40
C LYS A 426 -15.12 -21.66 -14.83
N LEU A 427 -13.88 -22.12 -14.94
CA LEU A 427 -13.28 -22.40 -16.24
C LEU A 427 -13.76 -23.76 -16.67
N TRP A 428 -14.10 -23.91 -17.94
CA TRP A 428 -14.58 -25.20 -18.43
C TRP A 428 -13.53 -26.16 -18.96
N TYR A 429 -12.35 -25.67 -19.27
CA TYR A 429 -11.34 -26.57 -19.75
C TYR A 429 -9.95 -26.12 -19.42
N GLN A 430 -9.12 -27.05 -18.98
CA GLN A 430 -7.73 -26.77 -18.63
C GLN A 430 -6.85 -26.95 -19.86
N LEU A 431 -5.54 -26.90 -19.65
CA LEU A 431 -4.60 -27.07 -20.73
C LEU A 431 -3.29 -27.57 -20.12
N GLU A 432 -2.72 -28.60 -20.74
CA GLU A 432 -1.48 -29.22 -20.27
C GLU A 432 -0.28 -28.30 -20.33
N LYS A 433 0.52 -28.30 -19.26
CA LYS A 433 1.72 -27.49 -19.25
C LYS A 433 2.78 -28.30 -19.96
N GLU A 434 2.72 -29.62 -19.79
CA GLU A 434 3.67 -30.55 -20.40
C GLU A 434 3.02 -31.48 -21.47
N PRO A 435 3.73 -31.76 -22.61
CA PRO A 435 3.16 -32.64 -23.65
C PRO A 435 2.78 -33.97 -22.99
N ILE A 436 1.54 -34.41 -23.20
CA ILE A 436 1.09 -35.66 -22.59
C ILE A 436 1.69 -36.87 -23.33
N VAL A 437 2.18 -37.86 -22.57
CA VAL A 437 2.78 -39.07 -23.16
C VAL A 437 1.74 -40.18 -23.32
N GLY A 438 1.59 -40.64 -24.56
CA GLY A 438 0.60 -41.66 -24.85
C GLY A 438 -0.55 -41.07 -25.62
N ALA A 439 -0.22 -40.17 -26.56
CA ALA A 439 -1.18 -39.49 -27.42
C ALA A 439 -0.56 -38.96 -28.71
N GLU A 440 -1.34 -39.04 -29.77
CA GLU A 440 -0.90 -38.62 -31.09
C GLU A 440 -0.55 -37.14 -31.05
N THR A 441 0.66 -36.81 -31.51
CA THR A 441 1.09 -35.43 -31.54
C THR A 441 0.90 -34.82 -32.93
N PHE A 442 -0.35 -34.43 -33.21
CA PHE A 442 -0.77 -33.79 -34.48
C PHE A 442 0.05 -32.55 -34.90
N TYR A 443 0.19 -32.33 -36.20
CA TYR A 443 0.91 -31.18 -36.69
C TYR A 443 -0.12 -30.53 -37.61
N VAL A 444 -0.82 -29.52 -37.11
CA VAL A 444 -1.85 -28.80 -37.87
C VAL A 444 -1.40 -27.47 -38.49
N ASP A 445 -2.02 -27.12 -39.61
CA ASP A 445 -1.73 -25.89 -40.36
C ASP A 445 -2.86 -25.67 -41.36
N GLY A 446 -2.92 -24.47 -41.94
CA GLY A 446 -3.93 -24.12 -42.91
C GLY A 446 -3.33 -23.09 -43.85
N ALA A 447 -4.12 -22.59 -44.79
CA ALA A 447 -3.63 -21.59 -45.73
C ALA A 447 -4.81 -21.25 -46.58
N ALA A 448 -4.70 -20.19 -47.36
CA ALA A 448 -5.78 -19.77 -48.22
C ALA A 448 -5.23 -18.68 -49.12
N ASN A 449 -5.99 -18.33 -50.16
CA ASN A 449 -5.57 -17.30 -51.09
C ASN A 449 -6.47 -16.07 -51.03
N ARG A 450 -5.86 -14.92 -50.79
CA ARG A 450 -6.60 -13.66 -50.71
C ARG A 450 -7.24 -13.31 -52.05
N GLU A 451 -6.54 -13.62 -53.14
CA GLU A 451 -7.04 -13.32 -54.47
C GLU A 451 -8.21 -14.20 -54.86
N THR A 452 -8.31 -15.37 -54.24
CA THR A 452 -9.38 -16.32 -54.55
C THR A 452 -10.55 -16.22 -53.58
N LYS A 453 -10.44 -16.91 -52.45
CA LYS A 453 -11.52 -16.99 -51.48
C LYS A 453 -11.53 -18.26 -50.66
N LEU A 454 -11.04 -19.34 -51.25
CA LEU A 454 -10.98 -20.63 -50.58
C LEU A 454 -9.56 -21.07 -50.21
N GLY A 455 -9.50 -22.21 -49.52
CA GLY A 455 -8.23 -22.76 -49.09
C GLY A 455 -8.41 -24.04 -48.29
N LYS A 456 -7.32 -24.81 -48.18
CA LYS A 456 -7.31 -26.08 -47.45
C LYS A 456 -6.89 -25.90 -45.99
N ALA A 457 -6.92 -26.99 -45.22
CA ALA A 457 -6.56 -26.97 -43.81
C ALA A 457 -6.56 -28.42 -43.30
N GLY A 458 -5.50 -28.82 -42.59
CA GLY A 458 -5.45 -30.17 -42.06
C GLY A 458 -4.27 -30.53 -41.16
N TYR A 459 -4.20 -31.80 -40.78
CA TYR A 459 -3.13 -32.29 -39.89
C TYR A 459 -2.38 -33.52 -40.46
N VAL A 460 -1.21 -33.77 -39.88
CA VAL A 460 -0.32 -34.86 -40.24
C VAL A 460 0.07 -35.25 -38.80
N THR A 461 -0.27 -36.48 -38.38
CA THR A 461 0.05 -36.96 -37.02
C THR A 461 1.37 -37.76 -37.14
N ASN A 462 1.94 -38.11 -35.99
CA ASN A 462 3.19 -38.87 -35.95
C ASN A 462 3.01 -40.29 -36.48
N LYS A 463 1.78 -40.81 -36.27
CA LYS A 463 1.32 -42.14 -36.68
C LYS A 463 1.08 -42.24 -38.20
N GLY A 464 1.60 -41.26 -38.94
CA GLY A 464 1.43 -41.24 -40.39
C GLY A 464 0.05 -40.82 -40.88
N ARG A 465 -0.90 -40.58 -39.98
CA ARG A 465 -2.24 -40.16 -40.39
C ARG A 465 -2.34 -38.74 -40.97
N GLN A 466 -3.09 -38.61 -42.06
CA GLN A 466 -3.27 -37.34 -42.75
C GLN A 466 -4.72 -37.08 -43.21
N LYS A 467 -5.16 -35.84 -43.02
CA LYS A 467 -6.47 -35.39 -43.48
C LYS A 467 -6.42 -33.91 -43.87
N VAL A 468 -6.98 -33.59 -45.03
CA VAL A 468 -7.02 -32.22 -45.53
C VAL A 468 -8.40 -31.93 -46.10
N VAL A 469 -9.16 -31.08 -45.43
CA VAL A 469 -10.55 -30.83 -45.83
C VAL A 469 -10.39 -29.42 -46.43
N PRO A 470 -10.93 -29.17 -47.64
CA PRO A 470 -10.83 -27.87 -48.31
C PRO A 470 -12.00 -26.96 -47.91
N LEU A 471 -11.75 -25.65 -47.89
CA LEU A 471 -12.79 -24.69 -47.50
C LEU A 471 -12.96 -23.56 -48.53
N THR A 472 -14.12 -22.91 -48.48
CA THR A 472 -14.46 -21.81 -49.37
C THR A 472 -14.84 -20.56 -48.57
N ASN A 473 -14.42 -19.39 -49.05
CA ASN A 473 -14.71 -18.13 -48.36
C ASN A 473 -14.10 -18.20 -46.98
N THR A 474 -12.78 -18.29 -46.94
CA THR A 474 -12.07 -18.36 -45.68
C THR A 474 -10.72 -17.68 -45.84
N THR A 475 -10.10 -17.39 -44.71
CA THR A 475 -8.82 -16.71 -44.69
C THR A 475 -7.80 -17.41 -43.79
N ASN A 476 -6.52 -17.23 -44.10
CA ASN A 476 -5.42 -17.85 -43.36
C ASN A 476 -5.73 -18.04 -41.89
N GLN A 477 -6.12 -16.96 -41.22
CA GLN A 477 -6.43 -17.03 -39.80
C GLN A 477 -7.57 -18.00 -39.54
N LYS A 478 -8.51 -18.09 -40.46
CA LYS A 478 -9.62 -19.01 -40.26
C LYS A 478 -9.21 -20.45 -40.57
N THR A 479 -8.39 -20.64 -41.62
CA THR A 479 -7.96 -21.98 -41.99
C THR A 479 -6.93 -22.51 -41.01
N GLU A 480 -6.04 -21.64 -40.52
CA GLU A 480 -5.05 -22.12 -39.55
C GLU A 480 -5.74 -22.42 -38.22
N LEU A 481 -6.99 -21.99 -38.12
CA LEU A 481 -7.80 -22.18 -36.92
C LEU A 481 -8.70 -23.38 -37.13
N GLN A 482 -8.89 -23.71 -38.40
CA GLN A 482 -9.72 -24.83 -38.85
C GLN A 482 -8.95 -26.12 -38.57
N ALA A 483 -7.71 -26.14 -39.04
CA ALA A 483 -6.81 -27.26 -38.88
C ALA A 483 -6.72 -27.74 -37.42
N ILE A 484 -6.92 -26.83 -36.48
CA ILE A 484 -6.86 -27.17 -35.05
C ILE A 484 -8.21 -27.76 -34.63
N TYR A 485 -9.23 -27.50 -35.44
CA TYR A 485 -10.54 -28.03 -35.14
C TYR A 485 -10.58 -29.49 -35.53
N LEU A 486 -9.85 -29.81 -36.61
CA LEU A 486 -9.81 -31.17 -37.11
C LEU A 486 -9.11 -32.07 -36.11
N ALA A 487 -7.84 -31.80 -35.83
CA ALA A 487 -7.10 -32.62 -34.86
C ALA A 487 -7.87 -32.81 -33.54
N LEU A 488 -8.93 -32.03 -33.35
CA LEU A 488 -9.72 -32.13 -32.13
C LEU A 488 -10.82 -33.16 -32.26
N GLN A 489 -11.44 -33.20 -33.43
CA GLN A 489 -12.52 -34.15 -33.71
C GLN A 489 -11.89 -35.52 -33.98
N ASP A 490 -10.80 -35.49 -34.73
CA ASP A 490 -10.06 -36.69 -35.08
C ASP A 490 -9.00 -37.06 -34.05
N SER A 491 -9.45 -37.36 -32.85
CA SER A 491 -8.54 -37.77 -31.79
C SER A 491 -9.31 -38.18 -30.56
N GLY A 492 -8.60 -38.81 -29.62
CA GLY A 492 -9.21 -39.30 -28.41
C GLY A 492 -9.51 -38.27 -27.34
N LEU A 493 -9.15 -38.59 -26.09
CA LEU A 493 -9.35 -37.68 -24.96
C LEU A 493 -8.06 -37.00 -24.59
N GLU A 494 -6.98 -37.45 -25.22
CA GLU A 494 -5.66 -36.89 -25.00
C GLU A 494 -5.03 -36.58 -26.36
N VAL A 495 -4.55 -35.35 -26.52
CA VAL A 495 -3.95 -34.94 -27.78
C VAL A 495 -2.83 -33.94 -27.60
N ASN A 496 -2.03 -33.79 -28.64
CA ASN A 496 -0.91 -32.85 -28.65
C ASN A 496 -0.93 -32.07 -29.96
N ILE A 497 -1.80 -31.07 -30.10
CA ILE A 497 -1.83 -30.31 -31.34
C ILE A 497 -0.64 -29.38 -31.43
N VAL A 498 -0.27 -28.97 -32.64
CA VAL A 498 0.88 -28.10 -32.80
C VAL A 498 0.74 -27.10 -33.96
N THR A 499 0.61 -25.80 -33.64
CA THR A 499 0.43 -24.77 -34.67
C THR A 499 1.62 -23.91 -34.97
N ASP A 500 1.42 -23.06 -35.95
CA ASP A 500 2.44 -22.11 -36.39
C ASP A 500 1.88 -20.65 -36.32
N SER A 501 0.62 -20.48 -35.91
CA SER A 501 0.00 -19.15 -35.80
C SER A 501 -0.34 -18.80 -34.33
N GLN A 502 0.07 -17.61 -33.87
CA GLN A 502 -0.24 -17.18 -32.50
C GLN A 502 -1.71 -16.83 -32.44
N TYR A 503 -2.21 -16.29 -33.55
CA TYR A 503 -3.60 -15.91 -33.60
C TYR A 503 -4.51 -16.99 -33.01
N ALA A 504 -4.30 -18.23 -33.45
CA ALA A 504 -5.08 -19.38 -32.99
C ALA A 504 -4.71 -19.76 -31.57
N LEU A 505 -3.40 -19.81 -31.32
CA LEU A 505 -2.90 -20.19 -30.02
C LEU A 505 -3.38 -19.25 -28.92
N GLY A 506 -3.33 -17.96 -29.23
CA GLY A 506 -3.75 -16.94 -28.28
C GLY A 506 -5.21 -17.04 -27.92
N ILE A 507 -6.07 -17.19 -28.91
CA ILE A 507 -7.50 -17.30 -28.64
C ILE A 507 -7.75 -18.49 -27.72
N ILE A 508 -6.90 -19.50 -27.83
CA ILE A 508 -7.02 -20.71 -27.05
C ILE A 508 -6.49 -20.56 -25.63
N GLN A 509 -5.23 -20.17 -25.48
CA GLN A 509 -4.68 -20.04 -24.14
C GLN A 509 -5.53 -19.18 -23.21
N ALA A 510 -6.27 -18.25 -23.81
CA ALA A 510 -7.17 -17.35 -23.11
C ALA A 510 -8.31 -18.12 -22.43
N GLN A 511 -8.41 -19.41 -22.72
CA GLN A 511 -9.43 -20.29 -22.15
C GLN A 511 -10.85 -19.73 -22.23
N PRO A 512 -11.28 -19.34 -23.44
CA PRO A 512 -12.62 -18.79 -23.65
C PRO A 512 -13.71 -19.81 -23.50
N ASP A 513 -14.92 -19.38 -23.16
CA ASP A 513 -16.02 -20.32 -23.06
C ASP A 513 -17.21 -19.78 -23.82
N LYS A 514 -16.95 -18.79 -24.67
CA LYS A 514 -17.99 -18.17 -25.48
C LYS A 514 -17.30 -17.37 -26.57
N SER A 515 -17.88 -17.32 -27.76
CA SER A 515 -17.28 -16.54 -28.83
C SER A 515 -18.31 -15.99 -29.76
N GLU A 516 -17.82 -15.16 -30.67
CA GLU A 516 -18.66 -14.50 -31.65
C GLU A 516 -18.82 -15.42 -32.86
N SER A 517 -17.72 -15.88 -33.47
CA SER A 517 -17.79 -16.77 -34.65
C SER A 517 -18.05 -18.20 -34.21
N GLU A 518 -18.71 -18.98 -35.06
CA GLU A 518 -19.02 -20.36 -34.71
C GLU A 518 -17.82 -21.32 -34.68
N LEU A 519 -16.94 -21.19 -35.68
CA LEU A 519 -15.77 -22.05 -35.75
C LEU A 519 -15.09 -22.20 -34.39
N VAL A 520 -15.09 -21.13 -33.62
CA VAL A 520 -14.47 -21.13 -32.29
C VAL A 520 -15.39 -21.65 -31.21
N ASN A 521 -16.69 -21.56 -31.45
CA ASN A 521 -17.63 -22.10 -30.48
C ASN A 521 -17.52 -23.63 -30.56
N GLN A 522 -17.23 -24.10 -31.76
CA GLN A 522 -17.07 -25.53 -32.01
C GLN A 522 -15.76 -26.03 -31.37
N ILE A 523 -14.64 -25.34 -31.61
CA ILE A 523 -13.35 -25.71 -31.01
C ILE A 523 -13.35 -25.66 -29.48
N ILE A 524 -14.23 -24.82 -28.92
CA ILE A 524 -14.33 -24.71 -27.48
C ILE A 524 -15.09 -25.93 -26.97
N GLU A 525 -16.13 -26.30 -27.72
CA GLU A 525 -16.98 -27.45 -27.40
C GLU A 525 -16.20 -28.75 -27.31
N GLN A 526 -15.17 -28.85 -28.15
CA GLN A 526 -14.31 -30.01 -28.23
C GLN A 526 -13.36 -29.99 -27.02
N LEU A 527 -12.79 -28.82 -26.74
CA LEU A 527 -11.87 -28.69 -25.61
C LEU A 527 -12.50 -29.07 -24.28
N ILE A 528 -13.76 -28.69 -24.11
CA ILE A 528 -14.46 -28.98 -22.88
C ILE A 528 -14.80 -30.46 -22.84
N LYS A 529 -14.90 -31.09 -24.00
CA LYS A 529 -15.24 -32.51 -24.09
C LYS A 529 -14.07 -33.48 -23.85
N LYS A 530 -12.88 -33.11 -24.33
CA LYS A 530 -11.70 -33.95 -24.16
C LYS A 530 -11.23 -34.11 -22.72
N GLU A 531 -9.99 -34.55 -22.55
CA GLU A 531 -9.47 -34.76 -21.22
C GLU A 531 -8.06 -34.23 -21.00
N LYS A 532 -7.23 -34.27 -22.03
CA LYS A 532 -5.89 -33.73 -21.91
C LYS A 532 -5.38 -33.18 -23.23
N VAL A 533 -5.60 -31.88 -23.40
CA VAL A 533 -5.16 -31.21 -24.60
C VAL A 533 -3.88 -30.43 -24.31
N TYR A 534 -3.07 -30.28 -25.32
CA TYR A 534 -1.83 -29.57 -25.14
C TYR A 534 -1.44 -28.95 -26.47
N LEU A 535 -1.39 -27.61 -26.55
CA LEU A 535 -0.99 -26.99 -27.81
C LEU A 535 0.40 -26.46 -27.67
N ALA A 536 1.10 -26.45 -28.79
CA ALA A 536 2.48 -25.98 -28.81
C ALA A 536 2.62 -25.19 -30.06
N TRP A 537 3.53 -24.22 -30.02
CA TRP A 537 3.74 -23.35 -31.16
C TRP A 537 5.09 -23.59 -31.77
N VAL A 538 5.15 -23.42 -33.09
CA VAL A 538 6.39 -23.54 -33.82
C VAL A 538 6.38 -22.52 -34.92
N PRO A 539 7.50 -21.82 -35.09
CA PRO A 539 7.68 -20.79 -36.11
C PRO A 539 7.52 -21.35 -37.52
N ALA A 540 6.39 -21.04 -38.17
CA ALA A 540 6.14 -21.50 -39.53
C ALA A 540 7.11 -20.97 -40.58
N HIS A 541 7.17 -21.65 -41.71
CA HIS A 541 8.03 -21.25 -42.83
C HIS A 541 9.52 -21.26 -42.49
N LYS A 542 9.87 -21.89 -41.38
CA LYS A 542 11.26 -22.01 -40.95
C LYS A 542 11.72 -23.45 -41.16
N GLY A 543 10.85 -24.27 -41.74
CA GLY A 543 11.17 -25.66 -42.02
C GLY A 543 11.52 -26.47 -40.78
N ILE A 544 10.52 -26.76 -39.96
CA ILE A 544 10.79 -27.47 -38.73
C ILE A 544 9.92 -28.65 -38.35
N GLY A 545 10.55 -29.81 -38.28
CA GLY A 545 9.90 -31.05 -37.89
C GLY A 545 8.64 -31.40 -38.66
N GLY A 546 7.57 -31.73 -37.92
CA GLY A 546 6.34 -32.12 -38.59
C GLY A 546 5.55 -31.00 -39.22
N ASN A 547 6.04 -29.77 -39.11
CA ASN A 547 5.35 -28.62 -39.69
C ASN A 547 5.48 -28.60 -41.21
N GLU A 548 6.63 -28.99 -41.74
CA GLU A 548 6.84 -29.02 -43.20
C GLU A 548 5.80 -29.92 -43.87
N GLN A 549 5.51 -31.06 -43.24
CA GLN A 549 4.53 -31.99 -43.80
C GLN A 549 3.21 -31.31 -44.08
N VAL A 550 2.58 -30.77 -43.03
CA VAL A 550 1.29 -30.10 -43.20
C VAL A 550 1.34 -28.89 -44.11
N ASP A 551 2.47 -28.20 -44.11
CA ASP A 551 2.62 -27.03 -44.95
C ASP A 551 2.41 -27.43 -46.41
N LYS A 552 3.40 -28.10 -47.00
CA LYS A 552 3.32 -28.50 -48.40
C LYS A 552 1.97 -29.08 -48.74
N LEU A 553 1.43 -29.87 -47.82
CA LEU A 553 0.14 -30.54 -48.00
C LEU A 553 -1.08 -29.60 -48.08
N VAL A 554 -1.12 -28.58 -47.22
CA VAL A 554 -2.25 -27.65 -47.23
C VAL A 554 -1.97 -26.46 -48.17
N SER A 555 -0.70 -26.14 -48.34
CA SER A 555 -0.26 -25.05 -49.20
C SER A 555 -0.37 -25.33 -50.70
N ALA A 556 -1.53 -25.83 -51.13
CA ALA A 556 -1.77 -26.09 -52.56
C ALA A 556 -2.07 -24.75 -53.25
N GLY A 557 -2.32 -23.70 -52.44
CA GLY A 557 -2.62 -22.37 -52.93
C GLY A 557 -1.39 -21.46 -52.94
N ILE A 558 -0.57 -21.55 -51.90
CA ILE A 558 0.67 -20.76 -51.71
C ILE A 558 1.82 -21.54 -52.34
N ARG A 559 3.05 -21.27 -51.91
CA ARG A 559 4.21 -21.99 -52.46
C ARG A 559 5.31 -22.23 -51.42
N LYS A 560 6.21 -23.16 -51.72
CA LYS A 560 7.31 -23.52 -50.82
C LYS A 560 6.70 -23.65 -49.44
N PRO B 1 0.63 39.72 -9.14
CA PRO B 1 0.07 39.48 -7.81
C PRO B 1 0.91 38.48 -7.02
N ILE B 2 1.88 37.85 -7.69
CA ILE B 2 2.75 36.88 -7.04
C ILE B 2 4.21 37.25 -7.20
N SER B 3 4.66 37.37 -8.45
CA SER B 3 6.04 37.73 -8.75
C SER B 3 6.11 38.72 -9.91
N PRO B 4 6.90 39.78 -9.72
CA PRO B 4 7.07 40.81 -10.76
C PRO B 4 7.89 40.39 -11.96
N ILE B 5 8.41 39.16 -11.94
CA ILE B 5 9.20 38.65 -13.05
C ILE B 5 8.29 38.55 -14.28
N GLU B 6 8.83 38.90 -15.44
CA GLU B 6 8.07 38.89 -16.69
C GLU B 6 7.57 37.52 -17.08
N THR B 7 6.32 37.46 -17.53
CA THR B 7 5.67 36.21 -17.93
C THR B 7 6.18 35.69 -19.29
N VAL B 8 6.46 34.38 -19.39
CA VAL B 8 6.92 33.79 -20.66
C VAL B 8 5.76 33.20 -21.47
N PRO B 9 5.57 33.66 -22.73
CA PRO B 9 4.53 33.26 -23.68
C PRO B 9 4.66 31.82 -24.17
N VAL B 10 3.59 31.06 -23.97
CA VAL B 10 3.55 29.66 -24.36
C VAL B 10 2.39 29.47 -25.30
N LYS B 11 2.67 28.84 -26.43
CA LYS B 11 1.63 28.59 -27.41
C LYS B 11 1.61 27.08 -27.73
N LEU B 12 0.41 26.51 -27.85
CA LEU B 12 0.27 25.10 -28.15
C LEU B 12 0.77 24.79 -29.55
N LYS B 13 0.91 23.50 -29.83
CA LYS B 13 1.37 23.02 -31.14
C LYS B 13 0.45 23.57 -32.23
N PRO B 14 1.03 23.99 -33.37
CA PRO B 14 0.21 24.53 -34.46
C PRO B 14 -0.95 23.64 -34.87
N GLY B 15 -2.13 24.24 -35.01
CA GLY B 15 -3.29 23.48 -35.42
C GLY B 15 -3.89 22.53 -34.40
N MET B 16 -3.46 22.64 -33.15
CA MET B 16 -3.98 21.78 -32.07
C MET B 16 -4.62 22.63 -30.97
N ASP B 17 -5.79 22.22 -30.47
CA ASP B 17 -6.45 23.00 -29.42
C ASP B 17 -6.01 22.61 -28.01
N GLY B 18 -6.79 22.97 -27.01
CA GLY B 18 -6.41 22.64 -25.67
C GLY B 18 -7.02 21.33 -25.21
N PRO B 19 -6.58 20.80 -24.05
CA PRO B 19 -7.09 19.53 -23.52
C PRO B 19 -8.56 19.59 -23.17
N LYS B 20 -9.34 18.61 -23.64
CA LYS B 20 -10.77 18.58 -23.30
C LYS B 20 -11.08 17.18 -22.80
N VAL B 21 -10.32 16.73 -21.81
CA VAL B 21 -10.48 15.40 -21.22
C VAL B 21 -11.46 15.37 -20.06
N LYS B 22 -12.32 14.37 -19.98
CA LYS B 22 -13.27 14.31 -18.86
C LYS B 22 -12.66 13.84 -17.54
N GLN B 23 -13.34 14.20 -16.47
CA GLN B 23 -12.91 13.93 -15.10
C GLN B 23 -13.39 12.62 -14.56
N TRP B 24 -12.47 11.73 -14.22
CA TRP B 24 -12.94 10.45 -13.70
C TRP B 24 -13.41 10.46 -12.28
N PRO B 25 -14.30 9.51 -11.94
CA PRO B 25 -14.82 9.43 -10.59
C PRO B 25 -13.66 9.45 -9.61
N LEU B 26 -13.91 10.02 -8.44
CA LEU B 26 -12.91 10.14 -7.35
C LEU B 26 -13.54 9.68 -6.06
N THR B 27 -12.75 9.00 -5.25
CA THR B 27 -13.24 8.50 -3.99
C THR B 27 -13.32 9.63 -2.99
N GLU B 28 -14.33 9.59 -2.11
CA GLU B 28 -14.55 10.63 -1.10
C GLU B 28 -13.27 11.05 -0.39
N GLU B 29 -12.45 10.08 -0.05
CA GLU B 29 -11.22 10.40 0.63
C GLU B 29 -10.33 11.34 -0.19
N LYS B 30 -10.32 11.15 -1.51
CA LYS B 30 -9.50 11.99 -2.38
C LYS B 30 -10.20 13.32 -2.66
N ILE B 31 -11.53 13.30 -2.73
CA ILE B 31 -12.25 14.55 -2.98
C ILE B 31 -12.06 15.44 -1.78
N LYS B 32 -12.20 14.84 -0.59
CA LYS B 32 -12.06 15.60 0.62
C LYS B 32 -10.69 16.26 0.66
N ALA B 33 -9.63 15.52 0.32
CA ALA B 33 -8.29 16.10 0.36
C ALA B 33 -8.09 17.12 -0.74
N LEU B 34 -8.69 16.84 -1.89
CA LEU B 34 -8.55 17.68 -3.07
C LEU B 34 -9.28 18.99 -2.91
N VAL B 35 -10.42 18.95 -2.24
CA VAL B 35 -11.20 20.18 -2.03
C VAL B 35 -10.42 21.10 -1.09
N GLU B 36 -9.77 20.50 -0.10
CA GLU B 36 -9.00 21.25 0.89
C GLU B 36 -7.78 21.94 0.31
N ILE B 37 -6.95 21.18 -0.39
CA ILE B 37 -5.73 21.70 -0.97
C ILE B 37 -6.05 22.73 -2.07
N CYS B 38 -7.26 22.66 -2.60
CA CYS B 38 -7.66 23.60 -3.65
C CYS B 38 -8.14 24.91 -3.08
N THR B 39 -8.85 24.84 -1.95
CA THR B 39 -9.35 26.02 -1.24
C THR B 39 -8.19 26.91 -0.86
N GLU B 40 -7.16 26.28 -0.31
CA GLU B 40 -6.01 27.01 0.13
C GLU B 40 -5.26 27.68 -1.00
N MET B 41 -5.16 27.05 -2.15
CA MET B 41 -4.44 27.64 -3.28
C MET B 41 -5.24 28.78 -3.91
N GLU B 42 -6.55 28.75 -3.66
CA GLU B 42 -7.49 29.75 -4.15
C GLU B 42 -7.27 31.04 -3.33
N LYS B 43 -7.18 30.87 -2.01
CA LYS B 43 -6.97 31.97 -1.12
C LYS B 43 -5.67 32.65 -1.49
N GLU B 44 -4.58 31.89 -1.52
CA GLU B 44 -3.25 32.42 -1.86
C GLU B 44 -3.20 32.93 -3.28
N GLY B 45 -4.27 32.72 -4.04
CA GLY B 45 -4.29 33.21 -5.41
C GLY B 45 -3.43 32.55 -6.48
N LYS B 46 -3.15 31.27 -6.28
CA LYS B 46 -2.36 30.47 -7.22
C LYS B 46 -3.37 29.95 -8.25
N ILE B 47 -4.59 29.72 -7.75
CA ILE B 47 -5.74 29.20 -8.50
C ILE B 47 -6.97 30.11 -8.49
N SER B 48 -7.66 30.20 -9.62
CA SER B 48 -8.88 31.02 -9.75
C SER B 48 -10.11 30.20 -10.14
N LYS B 49 -11.26 30.46 -9.51
CA LYS B 49 -12.47 29.74 -9.87
C LYS B 49 -12.92 30.17 -11.28
N ILE B 50 -13.42 29.23 -12.09
CA ILE B 50 -13.93 29.52 -13.45
C ILE B 50 -15.20 28.70 -13.67
N GLY B 51 -15.95 29.05 -14.72
CA GLY B 51 -17.20 28.36 -15.03
C GLY B 51 -17.25 27.61 -16.37
N PRO B 52 -18.43 27.52 -16.99
CA PRO B 52 -18.64 26.83 -18.26
C PRO B 52 -17.99 27.51 -19.43
N GLU B 53 -17.77 28.81 -19.35
CA GLU B 53 -17.15 29.54 -20.46
C GLU B 53 -15.80 28.97 -20.92
N ASN B 54 -15.15 28.17 -20.07
CA ASN B 54 -13.86 27.54 -20.38
C ASN B 54 -14.10 26.10 -20.91
N PRO B 55 -14.03 25.91 -22.24
CA PRO B 55 -14.24 24.64 -22.93
C PRO B 55 -13.17 23.59 -22.70
N TYR B 56 -12.10 23.96 -22.01
CA TYR B 56 -11.03 23.02 -21.75
C TYR B 56 -11.05 22.34 -20.39
N ASN B 57 -10.41 21.19 -20.31
CA ASN B 57 -10.35 20.49 -19.05
C ASN B 57 -9.21 19.48 -18.97
N THR B 58 -9.00 19.00 -17.74
CA THR B 58 -8.00 18.00 -17.43
C THR B 58 -8.44 17.32 -16.15
N PRO B 59 -7.97 16.09 -15.99
CA PRO B 59 -8.33 15.31 -14.81
C PRO B 59 -7.44 15.53 -13.63
N VAL B 60 -8.03 15.45 -12.45
CA VAL B 60 -7.31 15.61 -11.21
C VAL B 60 -7.72 14.54 -10.25
N PHE B 61 -6.78 14.24 -9.37
CA PHE B 61 -6.99 13.28 -8.29
C PHE B 61 -5.85 13.60 -7.34
N ALA B 62 -5.87 12.93 -6.19
CA ALA B 62 -4.83 13.12 -5.19
C ALA B 62 -4.33 11.76 -4.74
N ILE B 63 -3.07 11.73 -4.34
CA ILE B 63 -2.45 10.50 -3.87
C ILE B 63 -1.94 10.78 -2.46
N LYS B 64 -2.18 9.89 -1.50
CA LYS B 64 -1.70 10.08 -0.13
C LYS B 64 -0.31 9.46 0.00
N LYS B 65 0.72 10.25 -0.29
CA LYS B 65 2.09 9.75 -0.25
C LYS B 65 2.50 9.06 1.06
N LYS B 66 2.90 7.79 0.96
CA LYS B 66 3.33 7.01 2.13
C LYS B 66 4.73 7.51 2.46
N ASP B 67 5.18 8.40 1.58
CA ASP B 67 6.44 9.09 1.65
C ASP B 67 6.44 10.05 2.85
N SER B 68 5.43 10.93 2.87
CA SER B 68 5.25 11.95 3.89
C SER B 68 3.88 12.00 4.54
N THR B 69 3.06 10.98 4.31
CA THR B 69 1.68 10.90 4.84
C THR B 69 0.80 11.93 4.14
N LYS B 70 1.24 13.19 4.11
CA LYS B 70 0.51 14.30 3.48
C LYS B 70 0.09 14.09 2.02
N TRP B 71 -1.15 14.45 1.69
CA TRP B 71 -1.66 14.31 0.34
C TRP B 71 -0.96 15.24 -0.63
N ARG B 72 -1.14 14.96 -1.92
CA ARG B 72 -0.53 15.75 -2.99
C ARG B 72 -1.60 15.81 -4.09
N LYS B 73 -1.72 16.97 -4.72
CA LYS B 73 -2.70 17.08 -5.78
C LYS B 73 -1.93 16.72 -7.01
N LEU B 74 -2.60 15.97 -7.89
CA LEU B 74 -2.01 15.58 -9.16
C LEU B 74 -3.03 15.93 -10.24
N VAL B 75 -2.52 16.50 -11.31
CA VAL B 75 -3.35 16.90 -12.42
C VAL B 75 -2.76 16.15 -13.59
N ASP B 76 -3.58 15.35 -14.27
CA ASP B 76 -3.09 14.56 -15.40
C ASP B 76 -2.93 15.38 -16.68
N PHE B 77 -1.93 16.26 -16.68
CA PHE B 77 -1.66 17.14 -17.82
C PHE B 77 -0.91 16.45 -18.95
N ARG B 78 -1.16 15.15 -19.17
CA ARG B 78 -0.46 14.42 -20.24
C ARG B 78 -0.87 14.93 -21.62
N GLU B 79 -2.17 15.22 -21.75
CA GLU B 79 -2.70 15.74 -23.00
C GLU B 79 -2.10 17.09 -23.27
N LEU B 80 -2.20 17.98 -22.29
CA LEU B 80 -1.64 19.32 -22.40
C LEU B 80 -0.14 19.29 -22.70
N ASN B 81 0.61 18.38 -22.06
CA ASN B 81 2.05 18.26 -22.29
C ASN B 81 2.44 17.88 -23.72
N LYS B 82 1.50 17.27 -24.44
CA LYS B 82 1.74 16.87 -25.83
C LYS B 82 1.43 18.05 -26.70
N ARG B 83 0.39 18.79 -26.33
CA ARG B 83 -0.04 19.94 -27.09
C ARG B 83 0.96 21.11 -27.09
N THR B 84 1.95 21.06 -26.22
CA THR B 84 2.94 22.13 -26.12
C THR B 84 4.37 21.62 -26.16
N GLN B 85 4.57 20.42 -26.75
CA GLN B 85 5.89 19.73 -26.83
C GLN B 85 6.98 20.44 -27.67
N ASP B 86 6.67 21.64 -28.14
CA ASP B 86 7.60 22.41 -28.93
C ASP B 86 8.32 23.33 -27.98
N PHE B 87 7.55 23.87 -27.05
CA PHE B 87 8.08 24.78 -26.04
C PHE B 87 9.20 24.27 -25.09
N TRP B 88 8.92 23.16 -24.40
CA TRP B 88 9.87 22.60 -23.44
C TRP B 88 10.98 21.68 -23.96
N GLU B 89 10.66 20.84 -24.97
CA GLU B 89 11.63 19.88 -25.51
C GLU B 89 12.74 20.44 -26.41
N VAL B 90 12.34 21.01 -27.54
CA VAL B 90 13.27 21.59 -28.49
C VAL B 90 13.71 22.99 -28.05
N GLN B 91 12.73 23.88 -27.89
CA GLN B 91 13.00 25.25 -27.48
C GLN B 91 13.96 25.56 -26.33
N LEU B 92 13.58 25.13 -25.13
CA LEU B 92 14.41 25.36 -23.95
C LEU B 92 14.25 24.11 -23.09
N GLY B 93 15.14 23.14 -23.29
CA GLY B 93 15.11 21.91 -22.53
C GLY B 93 16.24 21.80 -21.53
N ILE B 94 16.03 20.99 -20.50
CA ILE B 94 17.04 20.80 -19.46
C ILE B 94 18.02 19.69 -19.84
N PRO B 95 19.28 20.05 -19.96
CA PRO B 95 20.34 19.09 -20.32
C PRO B 95 20.31 17.91 -19.36
N HIS B 96 20.84 16.78 -19.77
CA HIS B 96 20.86 15.60 -18.92
C HIS B 96 22.29 15.20 -18.55
N PRO B 97 22.52 14.87 -17.27
CA PRO B 97 23.85 14.48 -16.83
C PRO B 97 24.07 12.98 -16.99
N ALA B 98 25.04 12.63 -17.81
CA ALA B 98 25.34 11.23 -18.04
C ALA B 98 25.87 10.60 -16.73
N GLY B 99 26.26 11.42 -15.76
CA GLY B 99 26.81 10.92 -14.52
C GLY B 99 25.85 10.49 -13.42
N LEU B 100 24.59 10.87 -13.53
CA LEU B 100 23.63 10.49 -12.50
C LEU B 100 23.47 8.98 -12.44
N LYS B 101 23.48 8.32 -13.61
CA LYS B 101 23.36 6.86 -13.66
C LYS B 101 24.52 6.23 -12.85
N LYS B 102 25.65 6.95 -12.86
CA LYS B 102 26.89 6.53 -12.20
C LYS B 102 27.08 7.02 -10.75
N LYS B 103 26.12 6.77 -9.86
CA LYS B 103 26.23 7.19 -8.46
C LYS B 103 25.73 6.10 -7.54
N LYS B 104 26.45 5.76 -6.48
CA LYS B 104 25.96 4.68 -5.62
C LYS B 104 24.59 4.97 -4.99
N SER B 105 24.34 6.24 -4.67
CA SER B 105 23.07 6.65 -4.09
C SER B 105 22.52 7.92 -4.73
N VAL B 106 21.22 7.95 -4.99
CA VAL B 106 20.53 9.13 -5.57
C VAL B 106 19.19 9.28 -4.86
N THR B 107 18.92 10.47 -4.30
CA THR B 107 17.65 10.72 -3.62
C THR B 107 16.88 11.69 -4.53
N VAL B 108 15.58 11.70 -4.38
CA VAL B 108 14.73 12.54 -5.20
C VAL B 108 13.82 13.38 -4.30
N LEU B 109 13.89 14.69 -4.50
CA LEU B 109 13.09 15.65 -3.72
C LEU B 109 11.96 16.22 -4.55
N ASP B 110 10.79 16.37 -3.94
CA ASP B 110 9.63 16.92 -4.65
C ASP B 110 9.63 18.46 -4.67
N VAL B 111 10.26 19.06 -5.67
CA VAL B 111 10.31 20.50 -5.69
C VAL B 111 9.21 21.20 -6.50
N GLY B 112 7.97 20.80 -6.24
CA GLY B 112 6.82 21.36 -6.93
C GLY B 112 6.44 22.74 -6.48
N ASP B 113 6.33 22.92 -5.15
CA ASP B 113 5.97 24.21 -4.56
C ASP B 113 6.79 25.34 -5.12
N ALA B 114 7.96 25.00 -5.61
CA ALA B 114 8.86 25.97 -6.17
C ALA B 114 8.21 26.71 -7.32
N TYR B 115 7.29 26.02 -7.99
CA TYR B 115 6.59 26.59 -9.14
C TYR B 115 5.52 27.61 -8.82
N PHE B 116 4.88 27.50 -7.67
CA PHE B 116 3.79 28.42 -7.29
C PHE B 116 4.26 29.81 -7.03
N SER B 117 5.37 30.16 -7.64
CA SER B 117 5.97 31.47 -7.44
C SER B 117 6.39 32.17 -8.72
N VAL B 118 5.86 31.74 -9.86
CA VAL B 118 6.17 32.38 -11.13
C VAL B 118 4.85 32.50 -11.84
N PRO B 119 4.50 33.71 -12.30
CA PRO B 119 3.23 33.91 -12.99
C PRO B 119 3.16 33.19 -14.34
N LEU B 120 2.06 32.48 -14.56
CA LEU B 120 1.82 31.73 -15.80
C LEU B 120 1.27 32.66 -16.89
N ASP B 121 1.70 32.46 -18.14
CA ASP B 121 1.24 33.29 -19.23
C ASP B 121 -0.27 33.48 -19.14
N GLU B 122 -0.66 34.72 -18.91
CA GLU B 122 -2.05 35.15 -18.73
C GLU B 122 -2.99 34.58 -19.77
N ASP B 123 -2.46 34.38 -20.96
CA ASP B 123 -3.25 33.89 -22.03
C ASP B 123 -3.39 32.37 -21.99
N PHE B 124 -2.26 31.69 -21.74
CA PHE B 124 -2.19 30.22 -21.65
C PHE B 124 -2.97 29.58 -20.49
N ARG B 125 -3.42 30.41 -19.57
CA ARG B 125 -4.11 29.89 -18.41
C ARG B 125 -5.35 29.10 -18.67
N LYS B 126 -6.10 29.45 -19.72
CA LYS B 126 -7.36 28.77 -20.05
C LYS B 126 -7.18 27.25 -20.19
N TYR B 127 -6.04 26.83 -20.73
CA TYR B 127 -5.76 25.42 -20.91
C TYR B 127 -5.54 24.59 -19.67
N THR B 128 -5.20 25.22 -18.56
CA THR B 128 -4.92 24.46 -17.34
C THR B 128 -6.14 24.21 -16.50
N ALA B 129 -7.33 24.45 -17.03
CA ALA B 129 -8.53 24.25 -16.24
C ALA B 129 -8.75 22.81 -15.82
N PHE B 130 -9.37 22.61 -14.65
CA PHE B 130 -9.70 21.27 -14.14
C PHE B 130 -10.98 21.29 -13.29
N THR B 131 -11.64 20.14 -13.11
CA THR B 131 -12.91 20.13 -12.37
C THR B 131 -12.91 19.23 -11.16
N ILE B 132 -13.55 19.62 -10.07
CA ILE B 132 -13.57 18.74 -8.89
C ILE B 132 -14.96 18.16 -8.80
N PRO B 133 -15.05 16.83 -8.75
CA PRO B 133 -16.36 16.21 -8.68
C PRO B 133 -16.88 16.16 -7.29
N SER B 134 -18.10 15.61 -7.16
CA SER B 134 -18.74 15.49 -5.86
C SER B 134 -19.44 14.15 -5.71
N ILE B 135 -19.36 13.56 -4.52
CA ILE B 135 -19.99 12.27 -4.29
C ILE B 135 -21.46 12.33 -4.61
N ASN B 136 -21.89 11.36 -5.39
CA ASN B 136 -23.26 11.23 -5.79
C ASN B 136 -23.75 12.47 -6.55
N ASN B 137 -22.86 13.05 -7.34
CA ASN B 137 -23.20 14.21 -8.12
C ASN B 137 -24.13 15.11 -7.35
N GLU B 138 -23.72 15.51 -6.15
CA GLU B 138 -24.53 16.38 -5.30
C GLU B 138 -24.61 17.81 -5.81
N THR B 139 -23.49 18.28 -6.36
CA THR B 139 -23.40 19.64 -6.90
C THR B 139 -22.55 19.64 -8.16
N PRO B 140 -22.84 20.55 -9.09
CA PRO B 140 -22.04 20.60 -10.30
C PRO B 140 -20.55 20.66 -9.93
N GLY B 141 -19.71 20.13 -10.80
CA GLY B 141 -18.29 20.14 -10.49
C GLY B 141 -17.81 21.56 -10.34
N ILE B 142 -16.88 21.78 -9.41
CA ILE B 142 -16.26 23.09 -9.12
C ILE B 142 -15.02 23.29 -9.98
N ARG B 143 -15.00 24.26 -10.87
CA ARG B 143 -13.83 24.36 -11.71
C ARG B 143 -12.88 25.47 -11.36
N TYR B 144 -11.59 25.25 -11.69
CA TYR B 144 -10.47 26.17 -11.41
C TYR B 144 -9.47 26.22 -12.55
N GLN B 145 -8.54 27.16 -12.48
CA GLN B 145 -7.44 27.23 -13.43
C GLN B 145 -6.19 27.82 -12.77
N TYR B 146 -5.05 27.71 -13.45
CA TYR B 146 -3.81 28.19 -12.87
C TYR B 146 -3.44 29.60 -13.29
N ASN B 147 -2.78 30.32 -12.38
CA ASN B 147 -2.32 31.69 -12.62
C ASN B 147 -0.82 31.72 -12.47
N VAL B 148 -0.30 30.60 -12.02
CA VAL B 148 1.11 30.49 -11.81
C VAL B 148 1.52 29.12 -12.41
N LEU B 149 2.81 28.91 -12.71
CA LEU B 149 3.29 27.64 -13.27
C LEU B 149 2.67 26.47 -12.47
N PRO B 150 1.88 25.63 -13.16
CA PRO B 150 1.22 24.49 -12.53
C PRO B 150 2.14 23.30 -12.38
N GLN B 151 1.91 22.47 -11.37
CA GLN B 151 2.76 21.29 -11.15
C GLN B 151 2.30 20.16 -12.05
N GLY B 152 3.25 19.48 -12.65
CA GLY B 152 2.87 18.40 -13.53
C GLY B 152 2.76 18.85 -14.96
N TRP B 153 3.23 20.05 -15.26
CA TRP B 153 3.18 20.51 -16.62
C TRP B 153 4.58 20.64 -17.09
N LYS B 154 4.90 19.97 -18.19
CA LYS B 154 6.24 19.97 -18.76
C LYS B 154 6.86 21.35 -18.95
N GLY B 155 6.03 22.38 -19.06
CA GLY B 155 6.57 23.72 -19.26
C GLY B 155 7.17 24.41 -18.04
N SER B 156 6.56 24.13 -16.89
CA SER B 156 6.96 24.71 -15.63
C SER B 156 8.46 24.56 -15.34
N PRO B 157 9.00 23.33 -15.32
CA PRO B 157 10.44 23.21 -15.03
C PRO B 157 11.33 23.94 -16.05
N ALA B 158 10.80 24.06 -17.25
CA ALA B 158 11.50 24.69 -18.36
C ALA B 158 11.62 26.17 -18.18
N ILE B 159 10.54 26.77 -17.69
CA ILE B 159 10.46 28.20 -17.47
C ILE B 159 11.21 28.52 -16.19
N PHE B 160 10.93 27.76 -15.14
CA PHE B 160 11.55 27.92 -13.82
C PHE B 160 13.02 27.54 -13.81
N GLN B 161 13.51 27.04 -14.92
CA GLN B 161 14.88 26.64 -14.94
C GLN B 161 15.84 27.78 -14.70
N SER B 162 15.50 28.96 -15.20
CA SER B 162 16.39 30.10 -15.03
C SER B 162 16.64 30.34 -13.56
N SER B 163 15.58 30.49 -12.78
CA SER B 163 15.78 30.71 -11.37
C SER B 163 16.29 29.43 -10.68
N MET B 164 15.99 28.26 -11.21
CA MET B 164 16.42 27.03 -10.56
C MET B 164 17.93 26.84 -10.66
N THR B 165 18.48 27.23 -11.80
CA THR B 165 19.92 27.11 -12.03
C THR B 165 20.67 28.12 -11.14
N LYS B 166 19.98 29.19 -10.74
CA LYS B 166 20.59 30.19 -9.87
C LYS B 166 20.49 29.75 -8.42
N ILE B 167 19.45 29.01 -8.07
CA ILE B 167 19.31 28.55 -6.69
C ILE B 167 20.33 27.45 -6.39
N LEU B 168 20.77 26.75 -7.44
CA LEU B 168 21.72 25.65 -7.27
C LEU B 168 23.22 26.02 -7.43
N GLU B 169 23.48 27.20 -7.98
CA GLU B 169 24.85 27.67 -8.17
C GLU B 169 25.80 27.44 -6.96
N PRO B 170 25.39 27.91 -5.77
CA PRO B 170 26.19 27.76 -4.55
C PRO B 170 26.46 26.29 -4.16
N PHE B 171 25.38 25.54 -3.93
CA PHE B 171 25.46 24.15 -3.54
C PHE B 171 26.32 23.32 -4.47
N LYS B 172 26.14 23.53 -5.76
CA LYS B 172 26.90 22.80 -6.76
C LYS B 172 28.37 23.23 -6.73
N LYS B 173 28.66 24.45 -6.29
CA LYS B 173 30.06 24.91 -6.23
C LYS B 173 30.79 24.36 -4.99
N GLN B 174 30.08 24.23 -3.87
CA GLN B 174 30.64 23.69 -2.62
C GLN B 174 30.55 22.15 -2.56
N ASN B 175 30.04 21.54 -3.63
CA ASN B 175 29.89 20.10 -3.72
C ASN B 175 29.92 19.64 -5.17
N PRO B 176 30.99 19.99 -5.89
CA PRO B 176 31.11 19.60 -7.30
C PRO B 176 31.09 18.09 -7.54
N ASP B 177 30.97 17.32 -6.48
CA ASP B 177 30.94 15.86 -6.63
C ASP B 177 29.54 15.28 -6.45
N ILE B 178 28.55 16.16 -6.56
CA ILE B 178 27.18 15.77 -6.42
C ILE B 178 26.47 16.15 -7.68
N VAL B 179 25.69 15.21 -8.21
CA VAL B 179 24.97 15.47 -9.43
C VAL B 179 23.52 15.75 -9.10
N ILE B 180 22.99 16.77 -9.78
CA ILE B 180 21.61 17.24 -9.59
C ILE B 180 20.91 17.39 -10.93
N TYR B 181 19.78 16.72 -11.06
CA TYR B 181 18.99 16.77 -12.28
C TYR B 181 17.55 17.08 -11.92
N GLN B 182 16.94 17.92 -12.74
CA GLN B 182 15.56 18.32 -12.60
C GLN B 182 14.69 17.68 -13.71
N TYR B 183 13.61 17.00 -13.32
CA TYR B 183 12.67 16.40 -14.27
C TYR B 183 11.30 16.70 -13.71
N MET B 184 10.61 17.67 -14.32
CA MET B 184 9.29 18.11 -13.88
C MET B 184 9.19 18.56 -12.42
N ASP B 185 8.44 17.85 -11.59
CA ASP B 185 8.38 18.23 -10.18
C ASP B 185 9.43 17.46 -9.35
N ASP B 186 10.54 17.08 -9.96
CA ASP B 186 11.50 16.31 -9.19
C ASP B 186 12.95 16.76 -9.33
N LEU B 187 13.69 16.55 -8.25
CA LEU B 187 15.08 16.90 -8.22
C LEU B 187 15.75 15.63 -7.80
N TYR B 188 16.53 15.08 -8.74
CA TYR B 188 17.28 13.85 -8.54
C TYR B 188 18.67 14.34 -8.15
N VAL B 189 19.08 13.98 -6.93
CA VAL B 189 20.37 14.38 -6.36
C VAL B 189 21.16 13.10 -6.07
N GLY B 190 22.29 12.92 -6.72
CA GLY B 190 23.07 11.70 -6.49
C GLY B 190 24.51 11.90 -6.04
N SER B 191 24.94 11.06 -5.10
CA SER B 191 26.30 11.15 -4.54
C SER B 191 27.04 9.84 -4.34
N ASP B 192 28.37 9.93 -4.25
CA ASP B 192 29.19 8.75 -4.00
C ASP B 192 29.62 8.66 -2.52
N LEU B 193 29.03 9.53 -1.71
CA LEU B 193 29.31 9.58 -0.30
C LEU B 193 28.67 8.38 0.38
N GLU B 194 29.09 8.11 1.62
CA GLU B 194 28.54 7.02 2.40
C GLU B 194 27.05 7.29 2.58
N ILE B 195 26.28 6.24 2.78
CA ILE B 195 24.84 6.38 2.95
C ILE B 195 24.43 7.41 4.02
N GLY B 196 24.94 7.25 5.24
CA GLY B 196 24.61 8.18 6.30
C GLY B 196 25.10 9.58 6.00
N GLN B 197 26.21 9.69 5.27
CA GLN B 197 26.80 10.98 4.90
C GLN B 197 26.05 11.57 3.72
N HIS B 198 25.33 10.72 3.00
CA HIS B 198 24.54 11.16 1.86
C HIS B 198 23.26 11.75 2.46
N ARG B 199 22.62 11.00 3.36
CA ARG B 199 21.40 11.44 4.05
C ARG B 199 21.60 12.86 4.57
N THR B 200 22.79 13.12 5.10
CA THR B 200 23.13 14.42 5.66
C THR B 200 23.12 15.45 4.54
N LYS B 201 24.03 15.32 3.59
CA LYS B 201 24.12 16.24 2.47
C LYS B 201 22.76 16.53 1.80
N ILE B 202 21.87 15.55 1.75
CA ILE B 202 20.57 15.79 1.13
C ILE B 202 19.83 16.69 2.08
N GLU B 203 19.86 16.33 3.37
CA GLU B 203 19.19 17.11 4.38
C GLU B 203 19.71 18.54 4.37
N GLU B 204 20.96 18.73 3.97
CA GLU B 204 21.58 20.06 3.91
C GLU B 204 21.05 20.80 2.72
N LEU B 205 20.86 20.07 1.62
CA LEU B 205 20.35 20.65 0.40
C LEU B 205 18.94 21.16 0.60
N ARG B 206 18.16 20.45 1.40
CA ARG B 206 16.79 20.85 1.70
C ARG B 206 16.77 22.21 2.38
N GLN B 207 17.78 22.41 3.21
CA GLN B 207 17.97 23.64 3.96
C GLN B 207 18.24 24.76 2.97
N HIS B 208 19.27 24.57 2.16
CA HIS B 208 19.66 25.56 1.17
C HIS B 208 18.48 25.99 0.30
N LEU B 209 17.55 25.08 0.07
CA LEU B 209 16.39 25.38 -0.75
C LEU B 209 15.47 26.18 0.11
N LEU B 210 15.24 25.70 1.33
CA LEU B 210 14.38 26.38 2.29
C LEU B 210 14.83 27.84 2.51
N ARG B 211 16.13 28.09 2.37
CA ARG B 211 16.68 29.43 2.55
C ARG B 211 16.44 30.27 1.30
N TRP B 212 15.65 29.72 0.39
CA TRP B 212 15.39 30.42 -0.86
C TRP B 212 13.90 30.47 -1.20
N GLY B 213 13.09 29.98 -0.26
CA GLY B 213 11.65 29.96 -0.45
C GLY B 213 11.11 28.60 -0.84
N LEU B 214 11.96 27.75 -1.38
CA LEU B 214 11.57 26.42 -1.80
C LEU B 214 11.45 25.45 -0.65
N THR B 215 10.24 24.95 -0.46
CA THR B 215 10.01 23.98 0.59
C THR B 215 9.85 22.61 -0.05
N THR B 216 10.31 21.58 0.64
CA THR B 216 10.21 20.22 0.12
C THR B 216 9.59 19.36 1.16
N PRO B 217 8.63 18.51 0.78
CA PRO B 217 7.91 17.59 1.66
C PRO B 217 8.77 17.02 2.77
N ASP B 218 8.19 16.91 3.95
CA ASP B 218 8.92 16.37 5.10
C ASP B 218 8.66 14.86 5.09
N LYS B 219 9.67 14.09 4.68
CA LYS B 219 9.55 12.64 4.62
C LYS B 219 9.68 12.07 6.02
N LYS B 220 8.81 11.11 6.36
CA LYS B 220 8.85 10.48 7.67
C LYS B 220 9.81 9.30 7.67
N HIS B 221 10.31 8.92 8.85
CA HIS B 221 11.24 7.79 9.03
C HIS B 221 10.70 7.05 10.24
N GLN B 222 9.87 6.01 10.04
CA GLN B 222 9.31 5.30 11.21
C GLN B 222 10.35 4.43 11.86
N LYS B 223 10.17 4.27 13.17
CA LYS B 223 11.08 3.51 13.99
C LYS B 223 10.57 2.10 14.27
N GLU B 224 9.53 1.69 13.57
CA GLU B 224 9.01 0.37 13.75
C GLU B 224 9.33 -0.55 12.59
N PRO B 225 9.00 -1.84 12.71
CA PRO B 225 9.21 -2.90 11.73
C PRO B 225 9.74 -2.57 10.33
N PRO B 226 8.86 -2.45 9.29
CA PRO B 226 9.37 -2.16 7.94
C PRO B 226 9.98 -0.77 7.75
N PHE B 227 11.30 -0.67 7.89
CA PHE B 227 11.99 0.61 7.78
C PHE B 227 12.08 1.09 6.34
N LEU B 228 10.90 1.21 5.73
CA LEU B 228 10.74 1.60 4.34
C LEU B 228 11.55 2.80 3.88
N TRP B 229 11.81 3.72 4.81
CA TRP B 229 12.58 4.91 4.48
C TRP B 229 14.03 4.62 4.14
N MET B 230 14.39 3.34 4.08
CA MET B 230 15.76 2.97 3.73
C MET B 230 15.81 2.84 2.23
N GLY B 231 14.62 2.77 1.62
CA GLY B 231 14.49 2.64 0.17
C GLY B 231 14.42 3.97 -0.55
N TYR B 232 14.30 5.05 0.21
CA TYR B 232 14.23 6.40 -0.37
C TYR B 232 15.28 6.69 -1.41
N GLU B 233 16.49 6.17 -1.21
CA GLU B 233 17.51 6.43 -2.20
C GLU B 233 17.62 5.26 -3.12
N LEU B 234 17.86 5.59 -4.39
CA LEU B 234 18.02 4.64 -5.46
C LEU B 234 19.51 4.33 -5.58
N HIS B 235 19.83 3.17 -6.12
CA HIS B 235 21.22 2.82 -6.29
C HIS B 235 21.39 2.34 -7.73
N PRO B 236 21.72 3.27 -8.65
CA PRO B 236 21.93 3.04 -10.09
C PRO B 236 22.97 1.96 -10.45
N ASP B 237 23.90 1.70 -9.53
CA ASP B 237 24.94 0.69 -9.75
C ASP B 237 24.37 -0.68 -9.43
N LYS B 238 23.53 -0.73 -8.41
CA LYS B 238 22.91 -1.97 -8.00
C LYS B 238 21.94 -2.44 -9.10
N TRP B 239 21.65 -1.58 -10.07
CA TRP B 239 20.73 -1.95 -11.16
C TRP B 239 21.38 -2.91 -12.12
N THR B 240 20.73 -4.05 -12.35
CA THR B 240 21.24 -5.11 -13.23
C THR B 240 20.51 -5.21 -14.57
N VAL B 241 21.11 -5.95 -15.49
CA VAL B 241 20.52 -6.18 -16.80
C VAL B 241 20.24 -7.67 -17.01
N GLN B 242 18.95 -8.04 -17.03
CA GLN B 242 18.48 -9.42 -17.20
C GLN B 242 18.61 -9.90 -18.67
N PRO B 243 19.63 -10.73 -18.95
CA PRO B 243 19.87 -11.26 -20.31
C PRO B 243 19.01 -12.45 -20.66
N ILE B 244 19.08 -12.85 -21.93
CA ILE B 244 18.32 -14.00 -22.42
C ILE B 244 19.14 -15.26 -22.14
N VAL B 245 18.48 -16.31 -21.65
CA VAL B 245 19.17 -17.54 -21.33
C VAL B 245 18.48 -18.85 -21.77
N LEU B 246 19.26 -19.71 -22.43
CA LEU B 246 18.81 -21.02 -22.93
C LEU B 246 18.94 -22.08 -21.85
N PRO B 247 17.87 -22.89 -21.66
CA PRO B 247 17.88 -23.95 -20.65
C PRO B 247 19.06 -24.89 -20.76
N GLU B 248 19.35 -25.60 -19.67
CA GLU B 248 20.44 -26.57 -19.64
C GLU B 248 19.85 -27.91 -19.23
N LYS B 249 20.12 -28.92 -20.05
CA LYS B 249 19.63 -30.26 -19.80
C LYS B 249 20.55 -31.30 -20.41
N ASP B 250 20.14 -32.55 -20.25
CA ASP B 250 20.85 -33.71 -20.75
C ASP B 250 19.88 -34.54 -21.61
N SER B 251 18.61 -34.59 -21.20
CA SER B 251 17.55 -35.32 -21.90
C SER B 251 16.55 -34.37 -22.56
N TRP B 252 16.79 -34.08 -23.85
CA TRP B 252 15.95 -33.18 -24.63
C TRP B 252 14.85 -33.82 -25.47
N THR B 253 13.60 -33.76 -25.02
CA THR B 253 12.55 -34.35 -25.80
C THR B 253 12.33 -33.57 -27.11
N VAL B 254 11.40 -34.06 -27.93
CA VAL B 254 11.09 -33.41 -29.21
C VAL B 254 10.59 -32.02 -28.87
N ASN B 255 9.67 -32.00 -27.92
CA ASN B 255 9.04 -30.77 -27.42
C ASN B 255 10.09 -29.71 -27.08
N ASP B 256 11.02 -30.09 -26.23
CA ASP B 256 12.09 -29.21 -25.79
C ASP B 256 12.84 -28.57 -26.94
N ILE B 257 13.15 -29.37 -27.96
CA ILE B 257 13.91 -28.86 -29.10
C ILE B 257 13.10 -27.85 -29.88
N GLN B 258 11.80 -28.06 -29.94
CA GLN B 258 10.94 -27.14 -30.68
C GLN B 258 11.04 -25.79 -29.97
N LYS B 259 10.65 -25.76 -28.71
CA LYS B 259 10.71 -24.54 -27.95
C LYS B 259 12.10 -23.90 -27.98
N LEU B 260 13.17 -24.68 -27.89
CA LEU B 260 14.52 -24.13 -27.91
C LEU B 260 14.86 -23.45 -29.23
N VAL B 261 14.21 -23.86 -30.31
CA VAL B 261 14.47 -23.24 -31.61
C VAL B 261 13.53 -22.05 -31.74
N GLY B 262 12.32 -22.20 -31.20
CA GLY B 262 11.37 -21.09 -31.24
C GLY B 262 12.07 -19.87 -30.64
N LYS B 263 12.50 -19.99 -29.38
CA LYS B 263 13.19 -18.93 -28.65
C LYS B 263 14.41 -18.46 -29.40
N LEU B 264 15.19 -19.38 -29.94
CA LEU B 264 16.38 -19.00 -30.66
C LEU B 264 16.05 -18.24 -31.95
N ASN B 265 14.87 -18.55 -32.51
CA ASN B 265 14.46 -17.88 -33.73
C ASN B 265 14.06 -16.46 -33.39
N TRP B 266 13.36 -16.30 -32.27
CA TRP B 266 12.92 -15.00 -31.82
C TRP B 266 14.17 -14.14 -31.66
N ALA B 267 15.08 -14.66 -30.83
CA ALA B 267 16.35 -14.01 -30.51
C ALA B 267 17.24 -13.75 -31.72
N SER B 268 16.91 -14.35 -32.85
CA SER B 268 17.73 -14.12 -34.04
C SER B 268 17.57 -12.68 -34.52
N GLN B 269 16.47 -12.04 -34.14
CA GLN B 269 16.19 -10.64 -34.53
C GLN B 269 17.04 -9.65 -33.74
N ILE B 270 17.39 -10.03 -32.52
CA ILE B 270 18.25 -9.23 -31.65
C ILE B 270 19.72 -9.49 -32.05
N TYR B 271 20.15 -10.75 -31.91
CA TYR B 271 21.50 -11.22 -32.26
C TYR B 271 21.47 -11.99 -33.60
N PRO B 272 22.04 -11.38 -34.66
CA PRO B 272 22.06 -12.04 -35.99
C PRO B 272 22.95 -13.28 -36.05
N GLY B 273 23.72 -13.52 -34.98
CA GLY B 273 24.61 -14.67 -34.92
C GLY B 273 24.00 -15.93 -34.34
N ILE B 274 22.68 -16.02 -34.39
CA ILE B 274 21.98 -17.18 -33.88
C ILE B 274 21.59 -18.08 -35.06
N LYS B 275 22.05 -19.33 -35.05
CA LYS B 275 21.71 -20.29 -36.11
C LYS B 275 20.87 -21.41 -35.52
N VAL B 276 19.97 -21.95 -36.33
CA VAL B 276 19.11 -23.01 -35.83
C VAL B 276 19.04 -24.21 -36.75
N ARG B 277 19.66 -24.10 -37.93
CA ARG B 277 19.63 -25.20 -38.89
C ARG B 277 20.21 -26.50 -38.31
N GLN B 278 21.39 -26.39 -37.72
CA GLN B 278 22.07 -27.54 -37.13
C GLN B 278 21.29 -28.22 -35.99
N LEU B 279 20.43 -27.45 -35.34
CA LEU B 279 19.69 -27.97 -34.21
C LEU B 279 18.28 -28.46 -34.59
N SER B 280 17.70 -27.86 -35.61
CA SER B 280 16.37 -28.25 -36.05
C SER B 280 16.40 -29.59 -36.79
N LYS B 281 17.56 -29.95 -37.31
CA LYS B 281 17.72 -31.21 -38.04
C LYS B 281 17.27 -32.37 -37.19
N LEU B 282 17.49 -32.28 -35.88
CA LEU B 282 17.08 -33.34 -34.95
C LEU B 282 15.58 -33.60 -35.10
N LEU B 283 14.86 -32.58 -35.54
CA LEU B 283 13.44 -32.71 -35.75
C LEU B 283 13.28 -32.77 -37.24
N ARG B 284 12.98 -33.94 -37.78
CA ARG B 284 12.84 -34.02 -39.21
C ARG B 284 11.46 -34.50 -39.65
N GLY B 285 11.06 -35.68 -39.23
CA GLY B 285 9.76 -36.17 -39.64
C GLY B 285 8.73 -35.92 -38.56
N THR B 286 7.50 -36.32 -38.81
CA THR B 286 6.43 -36.12 -37.84
C THR B 286 6.63 -36.95 -36.56
N LYS B 287 7.59 -36.57 -35.72
CA LYS B 287 7.88 -37.30 -34.46
C LYS B 287 6.93 -36.96 -33.30
N ALA B 288 6.81 -37.86 -32.32
CA ALA B 288 5.93 -37.59 -31.17
C ALA B 288 6.65 -36.66 -30.21
N LEU B 289 5.93 -35.65 -29.71
CA LEU B 289 6.51 -34.67 -28.80
C LEU B 289 7.30 -35.33 -27.65
N THR B 290 6.65 -36.24 -26.93
CA THR B 290 7.29 -36.92 -25.82
C THR B 290 8.32 -37.95 -26.32
N GLU B 291 9.44 -37.49 -26.91
CA GLU B 291 10.47 -38.41 -27.42
C GLU B 291 11.90 -37.92 -27.32
N VAL B 292 12.61 -38.37 -26.28
CA VAL B 292 14.00 -37.94 -26.05
C VAL B 292 15.00 -38.08 -27.20
N ILE B 293 15.09 -37.06 -28.02
CA ILE B 293 16.02 -37.06 -29.13
C ILE B 293 17.43 -36.75 -28.66
N PRO B 294 18.37 -37.65 -28.98
CA PRO B 294 19.77 -37.47 -28.59
C PRO B 294 20.37 -36.25 -29.28
N LEU B 295 21.04 -35.42 -28.50
CA LEU B 295 21.65 -34.23 -29.05
C LEU B 295 22.99 -34.55 -29.73
N THR B 296 23.08 -34.29 -31.03
CA THR B 296 24.30 -34.56 -31.77
C THR B 296 25.49 -33.76 -31.27
N GLU B 297 26.69 -34.29 -31.51
CA GLU B 297 27.93 -33.64 -31.07
C GLU B 297 28.08 -32.24 -31.70
N GLU B 298 27.97 -32.16 -33.02
CA GLU B 298 28.07 -30.87 -33.72
C GLU B 298 26.75 -30.09 -33.64
N ALA B 299 25.72 -30.75 -33.07
CA ALA B 299 24.43 -30.13 -32.89
C ALA B 299 24.46 -29.37 -31.55
N GLU B 300 24.99 -30.01 -30.51
CA GLU B 300 25.08 -29.36 -29.20
C GLU B 300 26.25 -28.38 -29.21
N LEU B 301 26.86 -28.25 -30.39
CA LEU B 301 27.98 -27.32 -30.58
C LEU B 301 27.43 -25.92 -30.84
N GLU B 302 26.15 -25.84 -31.18
CA GLU B 302 25.50 -24.56 -31.41
C GLU B 302 24.70 -24.19 -30.18
N LEU B 303 24.13 -25.19 -29.53
CA LEU B 303 23.36 -24.97 -28.31
C LEU B 303 24.23 -24.32 -27.25
N ALA B 304 25.49 -24.75 -27.17
CA ALA B 304 26.38 -24.18 -26.18
C ALA B 304 27.15 -23.00 -26.76
N GLU B 305 26.98 -22.78 -28.06
CA GLU B 305 27.65 -21.69 -28.75
C GLU B 305 26.78 -20.45 -28.83
N ASN B 306 25.51 -20.65 -29.18
CA ASN B 306 24.57 -19.55 -29.28
C ASN B 306 24.47 -18.85 -27.94
N ARG B 307 24.43 -19.64 -26.87
CA ARG B 307 24.33 -19.09 -25.51
C ARG B 307 25.56 -18.24 -25.18
N GLU B 308 26.63 -18.47 -25.93
CA GLU B 308 27.86 -17.72 -25.73
C GLU B 308 27.76 -16.37 -26.43
N ILE B 309 26.59 -16.10 -27.00
CA ILE B 309 26.37 -14.82 -27.68
C ILE B 309 25.24 -14.07 -27.00
N LEU B 310 24.47 -14.81 -26.20
CA LEU B 310 23.33 -14.29 -25.46
C LEU B 310 23.72 -13.65 -24.13
N LYS B 311 24.96 -13.21 -24.02
CA LYS B 311 25.43 -12.56 -22.81
C LYS B 311 26.31 -11.37 -23.20
N GLU B 312 26.08 -10.89 -24.42
CA GLU B 312 26.83 -9.77 -25.00
C GLU B 312 25.99 -8.51 -25.28
N PRO B 313 26.65 -7.33 -25.45
CA PRO B 313 25.92 -6.07 -25.73
C PRO B 313 25.26 -6.12 -27.12
N VAL B 314 23.97 -5.80 -27.18
CA VAL B 314 23.28 -5.85 -28.46
C VAL B 314 24.06 -5.05 -29.54
N HIS B 315 23.79 -5.37 -30.81
CA HIS B 315 24.46 -4.78 -32.00
C HIS B 315 24.44 -3.24 -32.14
N GLY B 316 25.52 -2.59 -31.70
CA GLY B 316 25.63 -1.13 -31.80
C GLY B 316 24.37 -0.35 -31.43
N VAL B 317 23.73 -0.76 -30.34
CA VAL B 317 22.52 -0.12 -29.87
C VAL B 317 22.86 1.14 -29.08
N TYR B 318 22.46 2.29 -29.62
CA TYR B 318 22.70 3.57 -28.94
C TYR B 318 21.37 4.31 -28.74
N TYR B 319 21.36 5.18 -27.74
CA TYR B 319 20.17 5.95 -27.42
C TYR B 319 20.16 7.20 -28.28
N ASP B 320 18.99 7.56 -28.81
CA ASP B 320 18.83 8.76 -29.63
C ASP B 320 17.82 9.65 -28.90
N PRO B 321 18.28 10.79 -28.34
CA PRO B 321 17.43 11.73 -27.60
C PRO B 321 16.33 12.41 -28.42
N SER B 322 16.30 12.10 -29.71
CA SER B 322 15.32 12.67 -30.62
C SER B 322 14.14 11.75 -30.93
N LYS B 323 14.22 10.50 -30.45
CA LYS B 323 13.14 9.52 -30.66
C LYS B 323 12.45 9.14 -29.33
N ASP B 324 11.17 8.77 -29.35
CA ASP B 324 10.51 8.38 -28.10
C ASP B 324 11.12 7.14 -27.48
N LEU B 325 10.59 6.77 -26.33
CA LEU B 325 11.08 5.63 -25.58
C LEU B 325 9.93 4.68 -25.31
N ILE B 326 10.11 3.41 -25.63
CA ILE B 326 9.06 2.44 -25.38
C ILE B 326 9.49 1.41 -24.39
N ALA B 327 8.51 0.85 -23.70
CA ALA B 327 8.77 -0.13 -22.68
C ALA B 327 7.71 -1.19 -22.58
N GLU B 328 8.13 -2.44 -22.50
CA GLU B 328 7.19 -3.54 -22.37
C GLU B 328 7.40 -4.31 -21.12
N ILE B 329 6.30 -4.74 -20.55
CA ILE B 329 6.29 -5.49 -19.31
C ILE B 329 5.56 -6.78 -19.59
N GLN B 330 6.09 -7.89 -19.11
CA GLN B 330 5.41 -9.16 -19.28
C GLN B 330 5.31 -9.81 -17.90
N LYS B 331 4.11 -10.22 -17.52
CA LYS B 331 3.87 -10.85 -16.22
C LYS B 331 4.49 -12.22 -16.24
N GLN B 332 5.63 -12.35 -15.57
CA GLN B 332 6.34 -13.62 -15.53
C GLN B 332 5.89 -14.54 -14.34
N GLY B 333 4.80 -14.24 -13.67
CA GLY B 333 4.34 -15.08 -12.57
C GLY B 333 5.10 -15.17 -11.26
N GLN B 334 4.44 -15.80 -10.28
CA GLN B 334 5.07 -15.91 -8.99
C GLN B 334 5.58 -14.55 -8.57
N GLY B 335 4.84 -13.53 -9.03
CA GLY B 335 5.22 -12.15 -8.68
C GLY B 335 6.39 -11.49 -9.36
N GLN B 336 6.97 -12.15 -10.34
CA GLN B 336 8.12 -11.57 -11.04
C GLN B 336 7.72 -10.88 -12.35
N TRP B 337 8.38 -9.77 -12.71
CA TRP B 337 8.07 -9.02 -13.94
C TRP B 337 9.29 -8.61 -14.73
N THR B 338 9.24 -8.77 -16.04
CA THR B 338 10.40 -8.40 -16.84
C THR B 338 10.06 -7.24 -17.73
N TYR B 339 11.09 -6.51 -18.16
CA TYR B 339 10.84 -5.35 -19.00
C TYR B 339 11.96 -5.01 -20.00
N GLN B 340 11.60 -4.30 -21.06
CA GLN B 340 12.55 -3.91 -22.08
C GLN B 340 12.27 -2.49 -22.54
N ILE B 341 13.34 -1.70 -22.68
CA ILE B 341 13.26 -0.30 -23.06
C ILE B 341 14.05 -0.10 -24.35
N TYR B 342 13.38 0.38 -25.39
CA TYR B 342 14.00 0.60 -26.70
C TYR B 342 13.34 1.71 -27.45
N GLN B 343 13.96 2.13 -28.53
CA GLN B 343 13.41 3.16 -29.36
C GLN B 343 13.07 2.53 -30.70
N GLU B 344 13.84 1.51 -31.07
CA GLU B 344 13.59 0.81 -32.33
C GLU B 344 13.22 -0.66 -32.10
N PRO B 345 12.45 -1.20 -33.04
CA PRO B 345 12.00 -2.59 -32.99
C PRO B 345 12.77 -3.46 -32.02
N PHE B 346 13.86 -4.08 -32.47
CA PHE B 346 14.56 -5.04 -31.65
C PHE B 346 15.87 -4.60 -31.06
N LYS B 347 16.24 -3.35 -31.33
CA LYS B 347 17.46 -2.80 -30.76
C LYS B 347 17.10 -2.10 -29.44
N ASN B 348 16.98 -2.89 -28.38
CA ASN B 348 16.63 -2.30 -27.11
C ASN B 348 17.83 -1.83 -26.30
N LEU B 349 17.58 -0.80 -25.48
CA LEU B 349 18.60 -0.16 -24.66
C LEU B 349 18.79 -0.76 -23.28
N LYS B 350 17.72 -1.29 -22.70
CA LYS B 350 17.84 -1.91 -21.38
C LYS B 350 16.80 -2.99 -21.27
N THR B 351 17.20 -4.03 -20.59
CA THR B 351 16.36 -5.19 -20.36
C THR B 351 16.60 -5.53 -18.91
N GLY B 352 15.54 -5.56 -18.12
CA GLY B 352 15.73 -5.84 -16.71
C GLY B 352 14.62 -6.68 -16.13
N LYS B 353 14.76 -6.99 -14.85
CA LYS B 353 13.77 -7.81 -14.20
C LYS B 353 13.41 -7.10 -12.92
N TYR B 354 12.15 -6.72 -12.79
CA TYR B 354 11.67 -6.08 -11.57
C TYR B 354 11.19 -7.16 -10.62
N ALA B 355 12.08 -7.52 -9.70
CA ALA B 355 11.81 -8.56 -8.73
C ALA B 355 10.73 -8.05 -7.80
N ARG B 356 10.12 -8.96 -7.03
CA ARG B 356 8.94 -8.63 -6.20
C ARG B 356 9.15 -7.68 -5.00
N MET B 357 8.05 -7.41 -4.30
CA MET B 357 8.05 -6.58 -3.10
C MET B 357 6.95 -7.06 -2.15
N ARG B 358 7.31 -7.23 -0.88
CA ARG B 358 6.39 -7.74 0.15
C ARG B 358 5.24 -6.78 0.48
N GLY B 359 5.38 -5.53 0.04
CA GLY B 359 4.35 -4.52 0.24
C GLY B 359 3.29 -4.63 -0.84
N ALA B 360 3.58 -5.42 -1.87
CA ALA B 360 2.63 -5.61 -2.96
C ALA B 360 1.59 -6.65 -2.53
N HIS B 361 2.07 -7.64 -1.78
CA HIS B 361 1.20 -8.67 -1.21
C HIS B 361 0.19 -9.24 -2.21
N THR B 362 0.68 -10.03 -3.17
CA THR B 362 -0.16 -10.67 -4.20
C THR B 362 -1.34 -9.84 -4.75
N ASN B 363 -1.02 -8.79 -5.51
CA ASN B 363 -2.01 -7.92 -6.14
C ASN B 363 -1.44 -7.50 -7.50
N ASP B 364 -1.77 -8.26 -8.54
CA ASP B 364 -1.26 -7.98 -9.89
C ASP B 364 -1.27 -6.52 -10.31
N VAL B 365 -2.37 -5.83 -10.04
CA VAL B 365 -2.49 -4.42 -10.43
C VAL B 365 -1.49 -3.52 -9.67
N LYS B 366 -1.38 -3.74 -8.36
CA LYS B 366 -0.48 -2.96 -7.54
C LYS B 366 0.97 -3.14 -7.97
N GLN B 367 1.34 -4.35 -8.35
CA GLN B 367 2.72 -4.65 -8.75
C GLN B 367 3.08 -4.07 -10.11
N LEU B 368 2.08 -3.99 -10.98
CA LEU B 368 2.32 -3.45 -12.31
C LEU B 368 2.53 -1.94 -12.23
N THR B 369 1.71 -1.24 -11.43
CA THR B 369 1.89 0.20 -11.32
C THR B 369 3.24 0.50 -10.67
N GLU B 370 3.63 -0.31 -9.69
CA GLU B 370 4.91 -0.13 -9.04
C GLU B 370 6.04 -0.37 -10.03
N ALA B 371 5.84 -1.35 -10.91
CA ALA B 371 6.84 -1.69 -11.93
C ALA B 371 6.97 -0.54 -12.91
N VAL B 372 5.83 0.07 -13.27
CA VAL B 372 5.80 1.21 -14.18
C VAL B 372 6.57 2.36 -13.58
N GLN B 373 6.32 2.65 -12.30
CA GLN B 373 7.01 3.74 -11.65
C GLN B 373 8.48 3.45 -11.58
N LYS B 374 8.81 2.27 -11.06
CA LYS B 374 10.19 1.86 -10.94
C LYS B 374 10.91 2.02 -12.28
N ILE B 375 10.30 1.52 -13.35
CA ILE B 375 10.93 1.62 -14.67
C ILE B 375 11.08 3.08 -15.13
N THR B 376 10.04 3.90 -14.90
CA THR B 376 10.08 5.30 -15.31
C THR B 376 11.25 5.99 -14.63
N THR B 377 11.34 5.76 -13.32
CA THR B 377 12.41 6.35 -12.53
C THR B 377 13.76 6.05 -13.18
N GLU B 378 14.00 4.77 -13.44
CA GLU B 378 15.25 4.37 -14.06
C GLU B 378 15.47 5.11 -15.36
N SER B 379 14.40 5.27 -16.13
CA SER B 379 14.48 5.97 -17.41
C SER B 379 14.93 7.40 -17.30
N ILE B 380 14.25 8.14 -16.43
CA ILE B 380 14.54 9.55 -16.16
C ILE B 380 16.01 9.70 -15.74
N VAL B 381 16.45 8.84 -14.81
CA VAL B 381 17.82 8.84 -14.34
C VAL B 381 18.82 8.62 -15.47
N ILE B 382 18.72 7.46 -16.12
CA ILE B 382 19.64 7.05 -17.18
C ILE B 382 19.69 7.88 -18.45
N TRP B 383 18.51 8.23 -19.01
CA TRP B 383 18.39 9.00 -20.27
C TRP B 383 17.71 10.35 -20.10
N GLY B 384 16.86 10.45 -19.08
CA GLY B 384 16.16 11.69 -18.83
C GLY B 384 14.83 11.84 -19.56
N LYS B 385 14.12 10.74 -19.77
CA LYS B 385 12.83 10.81 -20.42
C LYS B 385 11.94 9.63 -20.07
N THR B 386 10.65 9.87 -20.02
CA THR B 386 9.71 8.84 -19.68
C THR B 386 9.39 8.01 -20.91
N PRO B 387 9.29 6.69 -20.76
CA PRO B 387 8.97 5.82 -21.88
C PRO B 387 7.46 5.68 -21.99
N LYS B 388 6.99 5.26 -23.15
CA LYS B 388 5.57 5.03 -23.38
C LYS B 388 5.39 3.57 -23.00
N PHE B 389 4.31 3.25 -22.30
CA PHE B 389 4.15 1.86 -21.88
C PHE B 389 3.16 0.98 -22.63
N LYS B 390 3.59 -0.23 -22.93
CA LYS B 390 2.74 -1.22 -23.56
C LYS B 390 2.43 -2.09 -22.36
N LEU B 391 1.31 -1.78 -21.73
CA LEU B 391 0.89 -2.45 -20.50
C LEU B 391 0.10 -3.75 -20.66
N PRO B 392 0.64 -4.87 -20.11
CA PRO B 392 -0.03 -6.15 -20.18
C PRO B 392 -1.22 -6.19 -19.25
N ILE B 393 -2.27 -5.47 -19.58
CA ILE B 393 -3.47 -5.47 -18.78
C ILE B 393 -4.61 -4.89 -19.62
N GLN B 394 -5.85 -5.01 -19.18
CA GLN B 394 -6.98 -4.48 -19.93
C GLN B 394 -7.25 -3.03 -19.54
N LYS B 395 -7.58 -2.17 -20.50
CA LYS B 395 -7.88 -0.77 -20.20
C LYS B 395 -8.81 -0.67 -19.00
N GLU B 396 -10.02 -1.22 -19.11
CA GLU B 396 -10.99 -1.17 -18.01
C GLU B 396 -10.43 -1.47 -16.62
N THR B 397 -9.49 -2.42 -16.56
CA THR B 397 -8.92 -2.83 -15.29
C THR B 397 -7.91 -1.86 -14.74
N TRP B 398 -6.96 -1.45 -15.58
CA TRP B 398 -5.95 -0.53 -15.14
C TRP B 398 -6.56 0.83 -14.73
N GLU B 399 -7.53 1.31 -15.50
CA GLU B 399 -8.14 2.59 -15.19
C GLU B 399 -9.07 2.55 -13.97
N THR B 400 -9.19 1.40 -13.32
CA THR B 400 -10.04 1.35 -12.15
C THR B 400 -9.17 1.40 -10.88
N TRP B 401 -7.90 0.99 -10.96
CA TRP B 401 -7.09 0.98 -9.74
C TRP B 401 -5.72 1.62 -9.75
N TRP B 402 -5.13 1.84 -10.92
CA TRP B 402 -3.79 2.38 -10.95
C TRP B 402 -3.54 3.56 -10.04
N THR B 403 -4.56 4.39 -9.79
CA THR B 403 -4.40 5.56 -8.93
C THR B 403 -4.22 5.17 -7.46
N GLU B 404 -4.87 4.09 -7.05
CA GLU B 404 -4.75 3.63 -5.66
C GLU B 404 -3.33 3.24 -5.26
N TYR B 405 -2.43 3.05 -6.23
CA TYR B 405 -1.08 2.64 -5.91
C TYR B 405 -0.08 3.58 -6.53
N TRP B 406 -0.56 4.63 -7.18
CA TRP B 406 0.36 5.58 -7.80
C TRP B 406 0.97 6.42 -6.71
N GLN B 407 2.27 6.66 -6.86
CA GLN B 407 3.04 7.40 -5.90
C GLN B 407 4.14 8.18 -6.60
N ALA B 408 3.79 8.94 -7.64
CA ALA B 408 4.79 9.72 -8.35
C ALA B 408 4.21 11.06 -8.78
N THR B 409 5.06 12.06 -8.91
CA THR B 409 4.57 13.38 -9.28
C THR B 409 4.17 13.40 -10.75
N TRP B 410 4.83 12.56 -11.55
CA TRP B 410 4.53 12.49 -12.98
C TRP B 410 3.65 11.31 -13.37
N ILE B 411 3.06 11.39 -14.55
CA ILE B 411 2.26 10.28 -15.07
C ILE B 411 2.81 9.98 -16.47
N PRO B 412 3.23 8.73 -16.70
CA PRO B 412 3.79 8.26 -17.96
C PRO B 412 2.70 8.00 -18.98
N GLU B 413 3.10 7.86 -20.23
CA GLU B 413 2.17 7.62 -21.31
C GLU B 413 2.08 6.13 -21.63
N TRP B 414 0.87 5.60 -21.52
CA TRP B 414 0.67 4.18 -21.72
C TRP B 414 -0.45 3.74 -22.65
N GLU B 415 -0.31 2.52 -23.16
CA GLU B 415 -1.33 1.90 -24.00
C GLU B 415 -1.45 0.46 -23.54
N PHE B 416 -2.60 -0.13 -23.83
CA PHE B 416 -2.88 -1.52 -23.44
C PHE B 416 -2.73 -2.53 -24.59
N VAL B 417 -2.08 -3.66 -24.31
CA VAL B 417 -1.87 -4.71 -25.28
C VAL B 417 -2.31 -6.07 -24.74
N ASN B 418 -2.93 -6.89 -25.59
CA ASN B 418 -3.34 -8.24 -25.18
C ASN B 418 -2.51 -9.31 -25.94
N THR B 419 -1.19 -9.25 -25.76
CA THR B 419 -0.26 -10.20 -26.40
C THR B 419 -0.04 -11.39 -25.46
N PRO B 420 -0.46 -12.58 -25.90
CA PRO B 420 -0.31 -13.80 -25.11
C PRO B 420 1.17 -14.18 -25.05
N PRO B 421 1.52 -15.23 -24.28
CA PRO B 421 2.93 -15.63 -24.19
C PRO B 421 3.64 -15.89 -25.53
N LEU B 422 4.01 -14.80 -26.19
CA LEU B 422 4.71 -14.82 -27.48
C LEU B 422 5.76 -15.95 -27.49
N VAL B 423 6.53 -16.01 -26.42
CA VAL B 423 7.60 -17.00 -26.19
C VAL B 423 8.26 -16.54 -24.87
N LYS B 424 8.93 -17.46 -24.21
CA LYS B 424 9.62 -17.15 -22.96
C LYS B 424 10.97 -16.70 -23.44
N LEU B 425 10.98 -15.65 -24.26
CA LEU B 425 12.20 -15.09 -24.78
C LEU B 425 13.03 -14.56 -23.64
N TRP B 426 12.39 -14.40 -22.48
CA TRP B 426 13.05 -13.90 -21.25
C TRP B 426 12.97 -14.91 -20.09
N TYR B 427 13.76 -15.99 -20.21
CA TYR B 427 13.83 -17.11 -19.25
C TYR B 427 14.24 -16.61 -17.84
N GLN B 428 13.27 -16.60 -16.93
CA GLN B 428 13.52 -16.19 -15.55
C GLN B 428 13.80 -17.41 -14.68
N ASP C 1 0.97 -4.69 24.09
CA ASP C 1 2.36 -4.82 24.63
C ASP C 1 2.87 -6.26 24.45
N ILE C 2 3.78 -6.47 23.49
CA ILE C 2 4.32 -7.79 23.17
C ILE C 2 5.10 -8.50 24.28
N GLN C 3 4.52 -9.55 24.85
CA GLN C 3 5.19 -10.30 25.92
C GLN C 3 6.13 -11.35 25.36
N MET C 4 7.43 -11.18 25.61
CA MET C 4 8.44 -12.13 25.17
C MET C 4 8.78 -13.05 26.33
N THR C 5 8.61 -14.35 26.13
CA THR C 5 8.90 -15.32 27.19
C THR C 5 9.80 -16.46 26.74
N GLN C 6 10.79 -16.73 27.58
CA GLN C 6 11.74 -17.81 27.35
C GLN C 6 11.38 -18.76 28.46
N THR C 7 10.63 -19.80 28.10
CA THR C 7 10.16 -20.84 29.02
C THR C 7 11.29 -21.46 29.84
N THR C 8 12.31 -21.94 29.14
CA THR C 8 13.45 -22.56 29.76
C THR C 8 14.24 -21.50 30.57
N SER C 9 14.12 -21.57 31.88
CA SER C 9 14.79 -20.65 32.80
C SER C 9 16.29 -20.78 33.16
N SER C 10 16.68 -21.99 33.59
CA SER C 10 18.07 -22.34 33.98
C SER C 10 18.33 -23.67 33.26
N LEU C 11 19.34 -23.71 32.39
CA LEU C 11 19.62 -24.93 31.64
C LEU C 11 21.05 -25.44 31.78
N SER C 12 21.28 -26.64 32.31
CA SER C 12 22.67 -27.14 32.41
C SER C 12 23.07 -28.08 31.26
N ALA C 13 24.35 -28.02 30.87
CA ALA C 13 24.92 -28.80 29.77
C ALA C 13 26.45 -28.93 29.89
N SER C 14 27.07 -29.63 28.93
CA SER C 14 28.52 -29.87 28.98
C SER C 14 29.30 -29.31 27.79
N LEU C 15 30.62 -29.24 27.92
CA LEU C 15 31.43 -28.71 26.83
C LEU C 15 31.39 -29.58 25.60
N GLY C 16 30.95 -28.98 24.49
CA GLY C 16 30.88 -29.70 23.23
C GLY C 16 29.44 -29.99 22.83
N ASP C 17 28.52 -29.91 23.79
CA ASP C 17 27.11 -30.19 23.51
C ASP C 17 26.50 -29.20 22.53
N ARG C 18 25.24 -29.47 22.17
CA ARG C 18 24.44 -28.65 21.26
C ARG C 18 23.23 -28.17 22.08
N VAL C 19 23.08 -26.87 22.21
CA VAL C 19 21.95 -26.37 22.98
C VAL C 19 21.14 -25.43 22.12
N THR C 20 19.83 -25.41 22.39
CA THR C 20 18.85 -24.55 21.71
C THR C 20 17.97 -23.83 22.74
N ILE C 21 17.88 -22.52 22.61
CA ILE C 21 17.08 -21.72 23.53
C ILE C 21 15.83 -21.27 22.79
N SER C 22 14.70 -21.38 23.47
CA SER C 22 13.45 -20.99 22.84
C SER C 22 12.92 -19.66 23.37
N CYS C 23 12.48 -18.84 22.41
CA CYS C 23 11.93 -17.53 22.70
C CYS C 23 10.57 -17.53 22.02
N SER C 24 9.54 -17.42 22.85
CA SER C 24 8.16 -17.39 22.36
C SER C 24 7.61 -15.98 22.50
N ALA C 25 7.02 -15.49 21.40
CA ALA C 25 6.44 -14.15 21.35
C ALA C 25 4.95 -14.19 21.71
N SER C 26 4.40 -13.05 22.14
CA SER C 26 2.99 -12.97 22.51
C SER C 26 2.11 -12.79 21.26
N GLN C 27 2.73 -12.47 20.14
CA GLN C 27 2.00 -12.29 18.90
C GLN C 27 3.01 -12.33 17.77
N ASP C 28 2.52 -12.39 16.53
CA ASP C 28 3.39 -12.47 15.37
C ASP C 28 4.31 -11.26 15.32
N ILE C 29 5.63 -11.50 15.32
CA ILE C 29 6.55 -10.39 15.29
C ILE C 29 7.36 -10.28 14.00
N SER C 30 6.89 -11.01 12.99
CA SER C 30 7.44 -11.04 11.62
C SER C 30 8.95 -11.11 11.49
N SER C 31 9.60 -11.91 12.34
CA SER C 31 11.05 -12.06 12.30
C SER C 31 11.85 -10.80 12.73
N TYR C 32 11.32 -10.04 13.67
CA TYR C 32 12.02 -8.86 14.14
C TYR C 32 12.43 -9.13 15.57
N LEU C 33 13.31 -10.12 15.73
CA LEU C 33 13.82 -10.51 17.03
C LEU C 33 15.35 -10.52 17.00
N ASN C 34 15.96 -10.08 18.10
CA ASN C 34 17.40 -10.06 18.24
C ASN C 34 17.77 -10.87 19.50
N TRP C 35 18.97 -11.46 19.48
CA TRP C 35 19.51 -12.27 20.57
C TRP C 35 20.69 -11.60 21.29
N TYR C 36 20.68 -11.58 22.61
CA TYR C 36 21.76 -10.97 23.40
C TYR C 36 22.46 -11.93 24.38
N GLN C 37 23.78 -11.82 24.50
CA GLN C 37 24.53 -12.67 25.44
C GLN C 37 25.07 -11.86 26.61
N GLN C 38 24.77 -12.30 27.83
CA GLN C 38 25.27 -11.59 28.98
C GLN C 38 26.09 -12.52 29.84
N LYS C 39 27.40 -12.26 29.77
CA LYS C 39 28.39 -13.03 30.51
C LYS C 39 28.11 -12.93 32.01
N PRO C 40 28.63 -13.88 32.79
CA PRO C 40 28.46 -13.92 34.27
C PRO C 40 28.87 -12.61 34.97
N GLU C 41 29.88 -11.94 34.42
CA GLU C 41 30.36 -10.67 34.95
C GLU C 41 29.23 -9.68 34.81
N GLY C 42 28.75 -9.53 33.57
CA GLY C 42 27.66 -8.63 33.31
C GLY C 42 27.63 -8.00 31.94
N THR C 43 28.78 -7.90 31.28
CA THR C 43 28.82 -7.29 29.96
C THR C 43 27.80 -7.92 29.03
N VAL C 44 27.17 -7.11 28.18
CA VAL C 44 26.16 -7.62 27.26
C VAL C 44 26.57 -7.45 25.80
N LYS C 45 26.51 -8.53 25.05
CA LYS C 45 26.89 -8.45 23.65
C LYS C 45 25.76 -8.89 22.72
N LEU C 46 25.78 -8.37 21.49
CA LEU C 46 24.76 -8.73 20.51
C LEU C 46 25.28 -9.88 19.68
N LEU C 47 24.58 -11.02 19.75
CA LEU C 47 24.94 -12.21 18.98
C LEU C 47 24.28 -12.19 17.63
N ILE C 48 22.96 -12.35 17.68
CA ILE C 48 22.11 -12.38 16.50
C ILE C 48 21.03 -11.30 16.42
N TYR C 49 20.83 -10.79 15.21
CA TYR C 49 19.81 -9.76 14.97
C TYR C 49 18.94 -10.21 13.81
N TYR C 50 17.66 -9.86 13.85
CA TYR C 50 16.76 -10.26 12.77
C TYR C 50 16.61 -11.77 12.60
N THR C 51 16.33 -12.42 13.73
CA THR C 51 16.11 -13.85 13.85
C THR C 51 17.40 -14.65 13.64
N SER C 52 18.03 -14.55 12.48
CA SER C 52 19.24 -15.34 12.23
C SER C 52 20.39 -14.72 11.45
N SER C 53 20.88 -13.57 11.91
CA SER C 53 22.00 -12.91 11.25
C SER C 53 23.04 -12.74 12.36
N LEU C 54 24.25 -13.18 12.08
CA LEU C 54 25.31 -13.08 13.06
C LEU C 54 25.91 -11.71 13.01
N HIS C 55 26.13 -11.12 14.19
CA HIS C 55 26.72 -9.81 14.29
C HIS C 55 28.21 -9.99 14.14
N SER C 56 28.84 -9.21 13.27
CA SER C 56 30.29 -9.32 13.02
C SER C 56 31.09 -9.63 14.29
N GLY C 57 31.91 -10.68 14.23
CA GLY C 57 32.69 -11.06 15.39
C GLY C 57 32.16 -12.25 16.18
N VAL C 58 30.86 -12.53 16.11
CA VAL C 58 30.33 -13.66 16.84
C VAL C 58 30.67 -14.92 16.06
N PRO C 59 31.18 -15.95 16.75
CA PRO C 59 31.56 -17.21 16.11
C PRO C 59 30.43 -17.85 15.30
N SER C 60 30.81 -18.69 14.34
CA SER C 60 29.86 -19.39 13.48
C SER C 60 29.06 -20.44 14.23
N ARG C 61 29.53 -20.84 15.41
CA ARG C 61 28.77 -21.85 16.14
C ARG C 61 27.50 -21.28 16.73
N PHE C 62 27.14 -20.07 16.28
CA PHE C 62 25.90 -19.42 16.73
C PHE C 62 24.92 -19.30 15.55
N SER C 63 23.67 -19.68 15.78
CA SER C 63 22.65 -19.64 14.73
C SER C 63 21.24 -19.52 15.31
N GLY C 64 20.46 -18.65 14.67
CA GLY C 64 19.10 -18.42 15.09
C GLY C 64 18.12 -18.83 14.02
N SER C 65 16.90 -19.08 14.46
CA SER C 65 15.82 -19.50 13.57
C SER C 65 14.52 -19.26 14.30
N GLY C 66 13.43 -19.35 13.54
CA GLY C 66 12.12 -19.14 14.10
C GLY C 66 11.33 -18.29 13.14
N SER C 67 10.04 -18.19 13.40
CA SER C 67 9.16 -17.39 12.55
C SER C 67 7.80 -17.18 13.17
N GLY C 68 7.17 -16.06 12.84
CA GLY C 68 5.88 -15.79 13.40
C GLY C 68 5.88 -15.59 14.91
N THR C 69 5.69 -16.67 15.68
CA THR C 69 5.65 -16.55 17.14
C THR C 69 6.75 -17.26 17.88
N ASP C 70 7.22 -18.35 17.28
CA ASP C 70 8.27 -19.16 17.90
C ASP C 70 9.64 -18.95 17.28
N TYR C 71 10.60 -18.65 18.18
CA TYR C 71 11.98 -18.40 17.80
C TYR C 71 12.97 -19.15 18.66
N SER C 72 14.08 -19.58 18.04
CA SER C 72 15.08 -20.37 18.76
C SER C 72 16.56 -20.08 18.46
N LEU C 73 17.36 -20.11 19.53
CA LEU C 73 18.80 -19.88 19.44
C LEU C 73 19.50 -21.23 19.60
N THR C 74 20.47 -21.51 18.73
CA THR C 74 21.21 -22.77 18.78
C THR C 74 22.74 -22.61 18.78
N ILE C 75 23.37 -23.01 19.88
CA ILE C 75 24.83 -22.95 20.01
C ILE C 75 25.29 -24.37 19.71
N SER C 76 25.86 -24.56 18.52
CA SER C 76 26.31 -25.86 18.05
C SER C 76 27.15 -26.65 19.05
N ASN C 77 28.38 -26.20 19.35
CA ASN C 77 29.22 -26.90 20.33
C ASN C 77 29.72 -25.98 21.44
N LEU C 78 29.18 -26.15 22.64
CA LEU C 78 29.58 -25.30 23.73
C LEU C 78 31.09 -25.16 23.96
N GLU C 79 31.47 -23.95 24.30
CA GLU C 79 32.83 -23.55 24.60
C GLU C 79 32.72 -22.97 26.00
N PRO C 80 33.86 -22.81 26.69
CA PRO C 80 33.81 -22.27 28.05
C PRO C 80 33.07 -20.94 28.21
N GLU C 81 33.25 -20.03 27.26
CA GLU C 81 32.61 -18.72 27.33
C GLU C 81 31.09 -18.80 27.19
N ASP C 82 30.65 -19.57 26.20
CA ASP C 82 29.25 -19.74 25.91
C ASP C 82 28.40 -19.89 27.17
N ILE C 83 28.80 -20.76 28.07
CA ILE C 83 28.04 -20.98 29.32
C ILE C 83 27.72 -19.60 29.92
N ALA C 84 26.52 -19.08 29.65
CA ALA C 84 26.09 -17.76 30.13
C ALA C 84 24.56 -17.57 30.17
N THR C 85 24.11 -16.33 30.36
CA THR C 85 22.68 -16.05 30.34
C THR C 85 22.34 -15.42 28.98
N TYR C 86 21.29 -15.93 28.34
CA TYR C 86 20.88 -15.45 27.01
C TYR C 86 19.53 -14.76 26.93
N TYR C 87 19.53 -13.62 26.24
CA TYR C 87 18.32 -12.82 26.07
C TYR C 87 17.82 -12.58 24.65
N CYS C 88 16.50 -12.66 24.48
CA CYS C 88 15.88 -12.36 23.19
C CYS C 88 15.06 -11.08 23.33
N GLN C 89 15.23 -10.20 22.34
CA GLN C 89 14.55 -8.90 22.32
C GLN C 89 13.78 -8.76 21.01
N GLN C 90 12.57 -8.23 21.12
CA GLN C 90 11.71 -8.02 19.97
C GLN C 90 11.57 -6.54 19.67
N TYR C 91 11.62 -6.17 18.39
CA TYR C 91 11.51 -4.77 18.04
C TYR C 91 10.52 -4.50 16.91
N SER C 92 9.41 -5.23 16.89
CA SER C 92 8.42 -5.03 15.84
C SER C 92 7.40 -4.04 16.35
N LYS C 93 7.64 -3.53 17.55
CA LYS C 93 6.69 -2.62 18.13
C LYS C 93 7.24 -2.07 19.45
N PHE C 94 7.12 -0.75 19.68
CA PHE C 94 7.56 -0.21 20.95
C PHE C 94 6.32 -0.46 21.81
N PRO C 95 6.51 -0.74 23.09
CA PRO C 95 7.85 -0.81 23.68
C PRO C 95 8.61 -2.08 23.33
N TRP C 96 9.94 -1.96 23.26
CA TRP C 96 10.80 -3.09 22.98
C TRP C 96 10.70 -3.99 24.19
N THR C 97 10.65 -5.30 23.98
CA THR C 97 10.56 -6.23 25.11
C THR C 97 11.63 -7.31 25.00
N PHE C 98 12.11 -7.75 26.16
CA PHE C 98 13.14 -8.79 26.24
C PHE C 98 12.53 -10.07 26.81
N GLY C 99 13.16 -11.20 26.49
CA GLY C 99 12.71 -12.48 27.04
C GLY C 99 12.86 -12.48 28.57
N GLY C 100 12.89 -13.67 29.15
CA GLY C 100 13.03 -13.78 30.60
C GLY C 100 14.45 -14.20 30.97
N GLY C 101 15.24 -14.46 29.94
CA GLY C 101 16.61 -14.89 30.15
C GLY C 101 16.70 -16.38 30.42
N THR C 102 17.71 -17.01 29.83
CA THR C 102 17.96 -18.43 30.00
C THR C 102 19.43 -18.61 30.40
N LYS C 103 19.67 -18.95 31.67
CA LYS C 103 21.04 -19.18 32.19
C LYS C 103 21.51 -20.54 31.68
N LEU C 104 22.69 -20.56 31.07
CA LEU C 104 23.29 -21.80 30.55
C LEU C 104 24.37 -22.25 31.54
N GLU C 105 24.21 -23.41 32.16
CA GLU C 105 25.20 -23.88 33.12
C GLU C 105 26.17 -24.96 32.65
N ILE C 106 26.92 -25.49 33.61
CA ILE C 106 27.87 -26.54 33.32
C ILE C 106 27.46 -27.76 34.10
N LYS C 107 27.15 -28.84 33.38
CA LYS C 107 26.72 -30.11 33.99
C LYS C 107 27.87 -30.74 34.77
N ARG C 108 27.58 -31.13 36.00
CA ARG C 108 28.57 -31.74 36.89
C ARG C 108 28.00 -33.00 37.61
N ALA C 109 28.87 -33.81 38.17
CA ALA C 109 28.37 -34.97 38.90
C ALA C 109 27.71 -34.38 40.14
N ASP C 110 26.61 -34.97 40.57
CA ASP C 110 25.93 -34.49 41.76
C ASP C 110 26.85 -34.45 42.96
N ALA C 111 26.48 -33.70 43.98
CA ALA C 111 27.31 -33.59 45.15
C ALA C 111 26.44 -33.10 46.28
N ALA C 112 26.73 -33.53 47.49
CA ALA C 112 25.91 -33.10 48.62
C ALA C 112 26.48 -31.85 49.25
N PRO C 113 25.65 -31.11 49.98
CA PRO C 113 26.04 -29.87 50.66
C PRO C 113 26.81 -30.02 52.00
N THR C 114 28.03 -29.54 52.05
CA THR C 114 28.81 -29.62 53.28
C THR C 114 28.28 -28.56 54.28
N VAL C 115 27.39 -29.01 55.16
CA VAL C 115 26.74 -28.14 56.14
C VAL C 115 27.47 -27.82 57.44
N SER C 116 27.64 -26.54 57.74
CA SER C 116 28.31 -26.09 58.96
C SER C 116 27.43 -25.05 59.64
N ILE C 117 27.32 -25.10 60.96
CA ILE C 117 26.53 -24.11 61.67
C ILE C 117 27.39 -23.36 62.70
N PHE C 118 27.04 -22.12 63.01
CA PHE C 118 27.83 -21.34 63.94
C PHE C 118 27.10 -20.54 64.99
N PRO C 119 27.46 -20.74 66.26
CA PRO C 119 26.84 -20.03 67.37
C PRO C 119 27.13 -18.53 67.31
N PRO C 120 26.16 -17.70 67.69
CA PRO C 120 26.35 -16.24 67.67
C PRO C 120 27.65 -15.85 68.37
N SER C 121 28.55 -15.21 67.63
CA SER C 121 29.81 -14.76 68.19
C SER C 121 29.60 -14.06 69.54
N SER C 122 30.67 -13.97 70.32
CA SER C 122 30.59 -13.33 71.61
C SER C 122 30.40 -11.84 71.42
N GLU C 123 31.18 -11.26 70.51
CA GLU C 123 31.12 -9.83 70.22
C GLU C 123 29.70 -9.42 69.83
N GLN C 124 29.06 -10.24 68.99
CA GLN C 124 27.69 -9.94 68.55
C GLN C 124 26.76 -9.92 69.75
N LEU C 125 26.95 -10.89 70.64
CA LEU C 125 26.15 -11.03 71.85
C LEU C 125 26.39 -9.86 72.81
N THR C 126 27.59 -9.27 72.75
CA THR C 126 27.95 -8.13 73.60
C THR C 126 27.16 -6.87 73.24
N SER C 127 26.82 -6.73 71.95
CA SER C 127 26.07 -5.58 71.45
C SER C 127 24.59 -5.68 71.81
N GLY C 128 24.03 -6.88 71.70
CA GLY C 128 22.64 -7.07 72.01
C GLY C 128 21.96 -7.85 70.90
N GLY C 129 22.76 -8.44 70.00
CA GLY C 129 22.20 -9.21 68.91
C GLY C 129 22.67 -10.66 68.89
N ALA C 130 22.10 -11.44 67.99
CA ALA C 130 22.49 -12.83 67.90
C ALA C 130 22.10 -13.40 66.55
N SER C 131 23.10 -13.82 65.80
CA SER C 131 22.82 -14.40 64.50
C SER C 131 23.43 -15.77 64.48
N VAL C 132 22.66 -16.72 63.97
CA VAL C 132 23.13 -18.08 63.85
C VAL C 132 23.37 -18.31 62.37
N VAL C 133 24.64 -18.43 61.99
CA VAL C 133 25.00 -18.64 60.59
C VAL C 133 25.03 -20.12 60.23
N CYS C 134 24.64 -20.45 59.01
CA CYS C 134 24.66 -21.83 58.56
C CYS C 134 25.04 -21.96 57.09
N PHE C 135 26.29 -22.34 56.82
CA PHE C 135 26.80 -22.49 55.46
C PHE C 135 26.47 -23.83 54.80
N LEU C 136 26.12 -23.80 53.53
CA LEU C 136 25.83 -25.03 52.79
C LEU C 136 26.71 -24.95 51.57
N ASN C 137 27.96 -25.34 51.71
CA ASN C 137 28.88 -25.22 50.59
C ASN C 137 29.08 -26.36 49.63
N ASN C 138 29.33 -25.97 48.38
CA ASN C 138 29.61 -26.86 47.27
C ASN C 138 28.80 -28.07 46.91
N PHE C 139 27.63 -27.87 46.33
CA PHE C 139 26.77 -28.99 45.94
C PHE C 139 26.19 -28.93 44.54
N TYR C 140 25.62 -30.02 44.07
CA TYR C 140 25.03 -29.98 42.74
C TYR C 140 23.80 -30.88 42.65
N PRO C 141 22.73 -30.41 41.98
CA PRO C 141 22.61 -29.11 41.30
C PRO C 141 22.15 -28.05 42.29
N LYS C 142 21.73 -26.88 41.77
CA LYS C 142 21.32 -25.75 42.60
C LYS C 142 20.15 -25.96 43.55
N ASP C 143 19.08 -26.60 43.05
CA ASP C 143 17.89 -26.82 43.87
C ASP C 143 18.14 -27.35 45.28
N ILE C 144 17.78 -26.55 46.28
CA ILE C 144 18.00 -26.94 47.66
C ILE C 144 17.08 -26.17 48.60
N ASN C 145 16.74 -26.78 49.74
CA ASN C 145 15.86 -26.14 50.72
C ASN C 145 16.47 -26.11 52.11
N VAL C 146 16.05 -25.15 52.92
CA VAL C 146 16.57 -25.07 54.27
C VAL C 146 15.46 -24.81 55.26
N LYS C 147 15.61 -25.35 56.46
CA LYS C 147 14.63 -25.20 57.52
C LYS C 147 15.32 -25.02 58.86
N TRP C 148 14.89 -24.01 59.61
CA TRP C 148 15.46 -23.77 60.92
C TRP C 148 14.50 -24.33 61.98
N LYS C 149 15.06 -24.82 63.08
CA LYS C 149 14.28 -25.38 64.19
C LYS C 149 14.90 -24.95 65.51
N ILE C 150 14.16 -24.22 66.33
CA ILE C 150 14.66 -23.77 67.63
C ILE C 150 14.04 -24.64 68.73
N ASP C 151 14.90 -25.23 69.56
CA ASP C 151 14.47 -26.10 70.66
C ASP C 151 13.38 -27.04 70.19
N GLY C 152 13.57 -27.65 69.03
CA GLY C 152 12.58 -28.58 68.53
C GLY C 152 11.59 -27.96 67.55
N SER C 153 10.85 -26.97 68.01
CA SER C 153 9.87 -26.31 67.15
C SER C 153 10.61 -25.53 66.08
N GLU C 154 10.06 -25.46 64.88
CA GLU C 154 10.70 -24.71 63.80
C GLU C 154 10.28 -23.23 63.77
N ARG C 155 11.14 -22.39 63.19
CA ARG C 155 10.88 -20.96 63.07
C ARG C 155 11.27 -20.47 61.68
N GLN C 156 10.29 -19.97 60.93
CA GLN C 156 10.55 -19.51 59.57
C GLN C 156 10.71 -17.99 59.55
N ASN C 157 10.50 -17.38 60.72
CA ASN C 157 10.61 -15.94 60.87
C ASN C 157 12.02 -15.54 61.32
N GLY C 158 12.67 -14.66 60.55
CA GLY C 158 14.01 -14.17 60.87
C GLY C 158 15.17 -14.79 60.10
N VAL C 159 14.82 -15.54 59.07
CA VAL C 159 15.81 -16.24 58.25
C VAL C 159 16.18 -15.55 56.94
N LEU C 160 17.44 -15.13 56.84
CA LEU C 160 17.95 -14.48 55.64
C LEU C 160 18.65 -15.55 54.83
N ASN C 161 18.82 -15.33 53.54
CA ASN C 161 19.49 -16.32 52.71
C ASN C 161 20.30 -15.68 51.60
N SER C 162 21.28 -16.41 51.08
CA SER C 162 22.12 -15.89 50.02
C SER C 162 22.63 -17.02 49.17
N TRP C 163 22.30 -17.00 47.90
CA TRP C 163 22.73 -18.04 46.98
C TRP C 163 23.85 -17.53 46.12
N THR C 164 24.77 -18.42 45.73
CA THR C 164 25.89 -18.01 44.89
C THR C 164 25.67 -18.51 43.49
N ASP C 165 26.50 -18.04 42.56
CA ASP C 165 26.41 -18.44 41.16
C ASP C 165 27.24 -19.67 40.96
N GLN C 166 26.98 -20.39 39.88
CA GLN C 166 27.73 -21.60 39.65
C GLN C 166 29.20 -21.23 39.63
N ASP C 167 29.99 -21.85 40.51
CA ASP C 167 31.42 -21.58 40.56
C ASP C 167 32.01 -21.89 39.18
N SER C 168 32.92 -21.05 38.72
CA SER C 168 33.52 -21.22 37.41
C SER C 168 34.67 -22.20 37.39
N LYS C 169 34.96 -22.78 38.54
CA LYS C 169 36.06 -23.74 38.64
C LYS C 169 35.56 -25.17 38.87
N ASP C 170 34.82 -25.39 39.95
CA ASP C 170 34.32 -26.73 40.23
C ASP C 170 32.83 -26.94 39.85
N SER C 171 32.20 -25.93 39.27
CA SER C 171 30.81 -26.00 38.85
C SER C 171 29.82 -26.33 39.97
N THR C 172 30.01 -25.81 41.18
CA THR C 172 29.07 -26.10 42.25
C THR C 172 28.43 -24.81 42.73
N TYR C 173 27.40 -24.91 43.55
CA TYR C 173 26.71 -23.75 44.10
C TYR C 173 26.88 -23.77 45.60
N SER C 174 26.51 -22.67 46.25
CA SER C 174 26.61 -22.58 47.70
C SER C 174 25.58 -21.60 48.23
N MET C 175 25.16 -21.82 49.47
CA MET C 175 24.13 -20.97 50.06
C MET C 175 24.43 -20.67 51.51
N SER C 176 24.07 -19.48 51.93
CA SER C 176 24.31 -19.03 53.28
C SER C 176 23.00 -18.63 53.94
N SER C 177 22.65 -19.29 55.04
CA SER C 177 21.43 -18.95 55.75
C SER C 177 21.78 -18.36 57.10
N THR C 178 21.06 -17.32 57.50
CA THR C 178 21.33 -16.65 58.76
C THR C 178 20.05 -16.35 59.54
N LEU C 179 19.96 -16.91 60.75
CA LEU C 179 18.83 -16.72 61.65
C LEU C 179 19.21 -15.68 62.70
N THR C 180 18.58 -14.53 62.59
CA THR C 180 18.88 -13.44 63.51
C THR C 180 17.77 -13.24 64.54
N LEU C 181 18.15 -13.30 65.81
CA LEU C 181 17.21 -13.10 66.91
C LEU C 181 17.80 -12.03 67.80
N THR C 182 17.26 -11.92 69.00
CA THR C 182 17.78 -10.92 69.92
C THR C 182 18.63 -11.59 70.98
N LYS C 183 19.29 -10.79 71.81
CA LYS C 183 20.13 -11.33 72.87
C LYS C 183 19.22 -12.15 73.79
N ASP C 184 18.02 -11.62 74.05
CA ASP C 184 17.04 -12.29 74.90
C ASP C 184 16.47 -13.51 74.15
N GLU C 185 15.85 -13.28 73.00
CA GLU C 185 15.27 -14.33 72.18
C GLU C 185 16.23 -15.53 72.02
N TYR C 186 17.52 -15.22 71.97
CA TYR C 186 18.54 -16.26 71.82
C TYR C 186 18.78 -17.01 73.13
N GLU C 187 19.27 -16.30 74.15
CA GLU C 187 19.57 -16.94 75.43
C GLU C 187 18.40 -17.71 76.03
N ARG C 188 17.19 -17.28 75.70
CA ARG C 188 15.95 -17.92 76.19
C ARG C 188 15.67 -19.24 75.48
N HIS C 189 16.73 -19.90 75.05
CA HIS C 189 16.62 -21.18 74.37
C HIS C 189 17.96 -21.93 74.43
N ASN C 190 17.96 -23.16 73.94
CA ASN C 190 19.16 -23.97 73.99
C ASN C 190 19.52 -24.66 72.67
N SER C 191 18.57 -25.39 72.08
CA SER C 191 18.83 -26.08 70.81
C SER C 191 18.44 -25.32 69.54
N TYR C 192 19.43 -25.09 68.69
CA TYR C 192 19.24 -24.40 67.41
C TYR C 192 19.63 -25.37 66.34
N THR C 193 18.64 -25.79 65.54
CA THR C 193 18.89 -26.78 64.50
C THR C 193 18.85 -26.31 63.04
N CYS C 194 19.98 -26.40 62.37
CA CYS C 194 20.00 -26.03 60.97
C CYS C 194 19.79 -27.33 60.17
N GLU C 195 18.75 -27.35 59.34
CA GLU C 195 18.44 -28.52 58.54
C GLU C 195 18.39 -28.20 57.05
N ALA C 196 19.07 -29.01 56.23
CA ALA C 196 19.14 -28.79 54.79
C ALA C 196 18.73 -29.98 53.98
N THR C 197 17.80 -29.80 53.05
CA THR C 197 17.32 -30.92 52.24
C THR C 197 17.73 -30.83 50.76
N HIS C 198 18.64 -31.69 50.35
CA HIS C 198 19.13 -31.70 48.98
C HIS C 198 18.70 -33.01 48.31
N LYS C 199 18.64 -33.01 46.98
CA LYS C 199 18.22 -34.19 46.24
C LYS C 199 19.13 -35.39 46.42
N THR C 200 20.36 -35.16 46.85
CA THR C 200 21.30 -36.27 47.03
C THR C 200 20.88 -37.29 48.10
N SER C 201 20.52 -36.80 49.28
CA SER C 201 20.11 -37.69 50.36
C SER C 201 18.67 -37.44 50.75
N THR C 202 17.93 -38.53 50.93
CA THR C 202 16.54 -38.47 51.34
C THR C 202 16.54 -37.89 52.76
N SER C 203 17.53 -38.29 53.53
CA SER C 203 17.64 -37.80 54.88
C SER C 203 18.18 -36.39 54.82
N PRO C 204 17.49 -35.45 55.47
CA PRO C 204 17.97 -34.08 55.47
C PRO C 204 19.27 -33.99 56.26
N ILE C 205 20.25 -33.28 55.71
CA ILE C 205 21.54 -33.10 56.39
C ILE C 205 21.28 -32.11 57.53
N VAL C 206 21.59 -32.50 58.76
CA VAL C 206 21.32 -31.65 59.92
C VAL C 206 22.57 -31.35 60.74
N LYS C 207 22.67 -30.12 61.27
CA LYS C 207 23.79 -29.71 62.09
C LYS C 207 23.24 -28.77 63.15
N SER C 208 23.58 -29.02 64.42
CA SER C 208 23.06 -28.18 65.49
C SER C 208 24.07 -27.94 66.59
N PHE C 209 23.65 -27.17 67.60
CA PHE C 209 24.50 -26.84 68.75
C PHE C 209 23.60 -26.45 69.95
N ASN C 210 24.17 -26.43 71.15
CA ASN C 210 23.40 -26.07 72.35
C ASN C 210 24.01 -24.97 73.19
N ARG C 211 23.19 -24.40 74.07
CA ARG C 211 23.61 -23.35 74.97
C ARG C 211 24.02 -22.12 74.19
N GLN D 1 35.47 0.13 17.64
CA GLN D 1 35.90 1.49 18.09
C GLN D 1 34.76 2.23 18.78
N ILE D 2 33.57 1.64 18.81
CA ILE D 2 32.43 2.26 19.47
C ILE D 2 32.54 1.94 20.94
N THR D 3 32.56 2.98 21.76
CA THR D 3 32.65 2.79 23.20
C THR D 3 31.49 3.54 23.84
N LEU D 4 31.04 3.07 25.00
CA LEU D 4 29.95 3.74 25.69
C LEU D 4 30.17 3.62 27.20
N LYS D 5 30.07 4.73 27.93
CA LYS D 5 30.26 4.66 29.37
C LYS D 5 29.15 5.40 30.04
N GLU D 6 28.48 4.77 31.00
CA GLU D 6 27.39 5.42 31.73
C GLU D 6 28.01 6.16 32.91
N SER D 7 27.41 7.28 33.30
CA SER D 7 27.87 8.07 34.45
C SER D 7 26.64 8.17 35.32
N GLY D 8 26.80 8.09 36.63
CA GLY D 8 25.63 8.19 37.49
C GLY D 8 25.98 8.69 38.86
N PRO D 9 25.02 8.65 39.78
CA PRO D 9 25.22 9.09 41.15
C PRO D 9 25.43 7.87 42.04
N GLY D 10 25.15 6.69 41.48
CA GLY D 10 25.27 5.45 42.21
C GLY D 10 24.27 5.28 43.35
N ILE D 11 24.24 6.26 44.25
CA ILE D 11 23.37 6.21 45.44
C ILE D 11 22.44 7.42 45.41
N VAL D 12 21.13 7.18 45.34
CA VAL D 12 20.10 8.25 45.25
C VAL D 12 18.98 8.18 46.31
N GLN D 13 18.75 9.31 46.98
CA GLN D 13 17.71 9.40 48.01
C GLN D 13 16.37 9.09 47.39
N PRO D 14 15.46 8.50 48.16
CA PRO D 14 14.11 8.17 47.66
C PRO D 14 13.31 9.43 47.34
N SER D 15 12.49 9.38 46.28
CA SER D 15 11.68 10.54 45.86
C SER D 15 12.45 11.68 45.16
N GLN D 16 13.78 11.59 45.16
CA GLN D 16 14.63 12.58 44.50
C GLN D 16 14.88 12.07 43.08
N PRO D 17 15.44 12.89 42.19
CA PRO D 17 15.68 12.44 40.82
C PRO D 17 17.14 12.16 40.55
N PHE D 18 17.42 11.45 39.46
CA PHE D 18 18.82 11.15 39.09
C PHE D 18 19.09 11.33 37.60
N ARG D 19 20.33 11.63 37.24
CA ARG D 19 20.63 11.85 35.84
C ARG D 19 21.82 11.09 35.32
N LEU D 20 21.53 10.08 34.50
CA LEU D 20 22.56 9.25 33.88
C LEU D 20 23.14 9.85 32.60
N THR D 21 24.45 9.71 32.43
CA THR D 21 25.10 10.22 31.24
C THR D 21 25.82 9.13 30.50
N CYS D 22 25.50 9.04 29.22
CA CYS D 22 26.08 8.05 28.35
C CYS D 22 27.07 8.79 27.49
N THR D 23 28.35 8.66 27.79
CA THR D 23 29.34 9.34 26.99
C THR D 23 29.86 8.30 26.02
N PHE D 24 29.73 8.62 24.73
CA PHE D 24 30.14 7.74 23.62
C PHE D 24 31.10 8.36 22.59
N SER D 25 31.67 7.47 21.79
CA SER D 25 32.62 7.88 20.75
C SER D 25 32.58 6.85 19.64
N GLY D 26 32.88 7.27 18.41
CA GLY D 26 32.89 6.30 17.33
C GLY D 26 31.75 6.46 16.35
N PHE D 27 30.67 7.08 16.81
CA PHE D 27 29.53 7.34 15.97
C PHE D 27 29.00 8.68 16.39
N SER D 28 28.07 9.20 15.62
CA SER D 28 27.48 10.49 15.91
C SER D 28 26.00 10.24 16.14
N LEU D 29 25.38 11.02 17.02
CA LEU D 29 23.96 10.85 17.24
C LEU D 29 23.21 11.70 16.20
N SER D 30 23.91 12.02 15.11
CA SER D 30 23.33 12.81 14.05
C SER D 30 23.17 12.03 12.73
N THR D 31 23.89 10.92 12.59
CA THR D 31 23.83 10.08 11.40
C THR D 31 22.47 9.44 11.29
N SER D 32 21.99 9.30 10.08
CA SER D 32 20.65 8.80 9.84
C SER D 32 20.09 7.67 10.66
N GLY D 33 20.79 6.55 10.77
CA GLY D 33 20.21 5.45 11.52
C GLY D 33 20.44 5.30 13.03
N ILE D 34 21.36 6.09 13.59
CA ILE D 34 21.68 5.95 14.99
C ILE D 34 20.64 6.45 15.99
N GLY D 35 20.78 5.94 17.20
CA GLY D 35 19.93 6.31 18.32
C GLY D 35 20.67 5.72 19.52
N VAL D 36 20.29 6.10 20.74
CA VAL D 36 20.93 5.59 21.94
C VAL D 36 19.85 5.03 22.82
N THR D 37 19.99 3.78 23.23
CA THR D 37 18.95 3.15 24.06
C THR D 37 19.35 3.02 25.52
N TRP D 38 18.38 3.14 26.43
CA TRP D 38 18.68 2.96 27.86
C TRP D 38 17.99 1.71 28.33
N ILE D 39 18.77 0.83 28.94
CA ILE D 39 18.28 -0.43 29.46
C ILE D 39 18.57 -0.47 30.94
N ARG D 40 17.68 -1.10 31.68
CA ARG D 40 17.78 -1.22 33.12
C ARG D 40 17.88 -2.72 33.40
N GLN D 41 18.37 -3.10 34.58
CA GLN D 41 18.46 -4.52 34.98
C GLN D 41 18.52 -4.63 36.49
N PRO D 42 17.36 -4.81 37.13
CA PRO D 42 17.31 -4.94 38.59
C PRO D 42 18.27 -6.04 38.98
N SER D 43 18.92 -5.88 40.13
CA SER D 43 19.86 -6.88 40.62
C SER D 43 19.16 -8.24 40.81
N GLY D 44 19.48 -9.19 39.94
CA GLY D 44 18.86 -10.50 40.03
C GLY D 44 17.89 -10.75 38.89
N LYS D 45 17.15 -9.73 38.49
CA LYS D 45 16.20 -9.90 37.41
C LYS D 45 16.84 -9.76 36.02
N GLY D 46 16.01 -9.74 34.99
CA GLY D 46 16.50 -9.62 33.62
C GLY D 46 16.44 -8.20 33.08
N LEU D 47 16.74 -8.08 31.81
CA LEU D 47 16.75 -6.79 31.15
C LEU D 47 15.37 -6.18 30.89
N GLU D 48 15.28 -4.88 31.15
CA GLU D 48 14.07 -4.09 30.98
C GLU D 48 14.48 -2.93 30.08
N TRP D 49 13.62 -2.60 29.12
CA TRP D 49 13.88 -1.50 28.20
C TRP D 49 13.28 -0.22 28.79
N LEU D 50 14.03 0.87 28.82
CA LEU D 50 13.53 2.14 29.37
C LEU D 50 13.10 3.12 28.30
N ALA D 51 14.03 3.50 27.44
CA ALA D 51 13.72 4.43 26.37
C ALA D 51 14.80 4.48 25.33
N THR D 52 14.45 4.96 24.15
CA THR D 52 15.43 5.07 23.09
C THR D 52 15.27 6.46 22.49
N ILE D 53 16.37 7.21 22.42
CA ILE D 53 16.37 8.55 21.84
C ILE D 53 17.02 8.46 20.48
N TRP D 54 16.40 9.03 19.45
CA TRP D 54 16.98 8.91 18.12
C TRP D 54 17.51 10.23 17.58
N TRP D 55 18.22 10.16 16.45
CA TRP D 55 18.83 11.33 15.82
C TRP D 55 17.81 12.42 15.49
N ASP D 56 16.62 12.02 15.03
CA ASP D 56 15.57 12.96 14.66
C ASP D 56 14.67 13.35 15.85
N ASP D 57 15.14 13.12 17.06
CA ASP D 57 14.37 13.49 18.25
C ASP D 57 13.02 12.81 18.40
N ASP D 58 12.78 11.80 17.56
CA ASP D 58 11.54 11.04 17.62
C ASP D 58 11.72 9.93 18.67
N ASN D 59 11.77 10.33 19.94
CA ASN D 59 11.99 9.41 21.04
C ASN D 59 10.81 8.52 21.38
N ARG D 60 11.11 7.37 22.01
CA ARG D 60 10.10 6.40 22.42
C ARG D 60 10.39 5.97 23.84
N TYR D 61 9.37 6.01 24.69
CA TYR D 61 9.49 5.66 26.11
C TYR D 61 8.75 4.40 26.57
N ASN D 62 9.19 3.85 27.69
CA ASN D 62 8.52 2.68 28.24
C ASN D 62 7.23 3.21 28.85
N PRO D 63 6.09 2.68 28.42
CA PRO D 63 4.77 3.08 28.89
C PRO D 63 4.57 3.04 30.41
N SER D 64 5.26 2.15 31.10
CA SER D 64 5.11 2.05 32.56
C SER D 64 5.84 3.18 33.28
N LEU D 65 6.86 3.75 32.63
CA LEU D 65 7.62 4.81 33.28
C LEU D 65 7.71 6.14 32.53
N LYS D 66 6.96 6.29 31.44
CA LYS D 66 6.97 7.52 30.65
C LYS D 66 6.75 8.75 31.51
N SER D 67 6.00 8.60 32.59
CA SER D 67 5.73 9.71 33.49
C SER D 67 6.94 10.16 34.33
N ARG D 68 7.99 9.34 34.39
CA ARG D 68 9.15 9.70 35.19
C ARG D 68 10.41 9.72 34.37
N LEU D 69 10.29 9.45 33.09
CA LEU D 69 11.45 9.43 32.21
C LEU D 69 11.52 10.62 31.29
N THR D 70 12.73 10.96 30.89
CA THR D 70 12.96 12.06 29.99
C THR D 70 14.36 11.81 29.44
N VAL D 71 14.45 11.60 28.13
CA VAL D 71 15.74 11.34 27.51
C VAL D 71 16.19 12.54 26.72
N SER D 72 17.39 13.02 26.99
CA SER D 72 17.96 14.19 26.33
C SER D 72 19.20 13.76 25.56
N LYS D 73 19.89 14.72 24.94
CA LYS D 73 21.09 14.43 24.21
C LYS D 73 21.91 15.65 23.87
N ASP D 74 23.23 15.54 23.92
CA ASP D 74 24.09 16.66 23.56
C ASP D 74 24.93 16.20 22.37
N THR D 75 24.27 16.22 21.22
CA THR D 75 24.88 15.81 19.96
C THR D 75 26.26 16.40 19.73
N SER D 76 26.48 17.58 20.28
CA SER D 76 27.78 18.23 20.16
C SER D 76 28.87 17.38 20.82
N ASN D 77 28.75 17.14 22.12
CA ASN D 77 29.78 16.38 22.79
C ASN D 77 29.58 14.89 22.84
N ASN D 78 28.63 14.41 22.06
CA ASN D 78 28.40 12.97 22.04
C ASN D 78 27.96 12.46 23.41
N GLN D 79 26.83 12.94 23.91
CA GLN D 79 26.36 12.48 25.20
C GLN D 79 24.87 12.27 25.19
N ALA D 80 24.42 11.22 25.83
CA ALA D 80 23.01 10.91 25.92
C ALA D 80 22.60 10.98 27.40
N PHE D 81 21.40 11.46 27.68
CA PHE D 81 20.98 11.57 29.06
C PHE D 81 19.70 10.85 29.38
N LEU D 82 19.51 10.55 30.65
CA LEU D 82 18.31 9.86 31.11
C LEU D 82 17.96 10.41 32.48
N ASN D 83 16.81 11.05 32.59
CA ASN D 83 16.41 11.59 33.87
C ASN D 83 15.25 10.76 34.34
N MET D 84 15.22 10.50 35.64
CA MET D 84 14.12 9.77 36.21
C MET D 84 13.72 10.58 37.43
N MET D 85 12.43 10.84 37.52
CA MET D 85 11.88 11.62 38.62
C MET D 85 11.21 10.77 39.69
N THR D 86 11.25 11.27 40.91
CA THR D 86 10.66 10.59 42.07
C THR D 86 11.00 9.10 42.04
N VAL D 87 12.28 8.78 42.24
CA VAL D 87 12.71 7.38 42.25
C VAL D 87 12.32 6.66 43.55
N GLU D 88 12.06 5.36 43.42
CA GLU D 88 11.70 4.51 44.53
C GLU D 88 12.74 3.41 44.67
N THR D 89 12.66 2.66 45.76
CA THR D 89 13.59 1.57 46.01
C THR D 89 13.51 0.58 44.86
N ALA D 90 12.40 0.58 44.15
CA ALA D 90 12.23 -0.35 43.04
C ALA D 90 13.10 -0.02 41.82
N ASP D 91 13.72 1.17 41.83
CA ASP D 91 14.54 1.61 40.70
C ASP D 91 16.01 1.34 40.94
N THR D 92 16.27 0.58 42.00
CA THR D 92 17.65 0.22 42.33
C THR D 92 18.01 -0.84 41.31
N ALA D 93 18.91 -0.52 40.38
CA ALA D 93 19.31 -1.48 39.37
C ALA D 93 20.59 -1.04 38.66
N ILE D 94 21.00 -1.79 37.64
CA ILE D 94 22.18 -1.42 36.90
C ILE D 94 21.58 -0.88 35.61
N TYR D 95 22.02 0.31 35.22
CA TYR D 95 21.53 0.97 34.02
C TYR D 95 22.56 0.92 32.91
N TYR D 96 22.22 0.34 31.77
CA TYR D 96 23.15 0.28 30.65
C TYR D 96 22.67 1.22 29.58
N CYS D 97 23.57 1.64 28.71
CA CYS D 97 23.20 2.49 27.59
C CYS D 97 23.92 1.90 26.42
N ALA D 98 23.17 1.60 25.36
CA ALA D 98 23.74 0.98 24.20
C ALA D 98 23.41 1.70 22.90
N GLN D 99 24.31 1.58 21.93
CA GLN D 99 24.08 2.22 20.66
C GLN D 99 23.15 1.45 19.77
N SER D 100 21.90 1.90 19.74
CA SER D 100 20.90 1.28 18.89
C SER D 100 21.10 1.85 17.46
N ALA D 101 20.89 1.02 16.46
CA ALA D 101 21.04 1.50 15.09
C ALA D 101 20.20 0.71 14.09
N ILE D 102 19.60 1.45 13.15
CA ILE D 102 18.79 0.88 12.09
C ILE D 102 19.67 0.79 10.84
N THR D 103 20.15 -0.44 10.58
CA THR D 103 21.04 -0.79 9.47
C THR D 103 20.29 -0.76 8.11
N SER D 104 19.23 -1.55 8.02
CA SER D 104 18.46 -1.66 6.80
C SER D 104 16.95 -1.65 7.03
N VAL D 105 16.23 -2.21 6.08
CA VAL D 105 14.78 -2.23 6.17
C VAL D 105 14.23 -3.19 7.22
N THR D 106 15.08 -4.04 7.79
CA THR D 106 14.62 -4.98 8.83
C THR D 106 15.57 -5.10 9.99
N ASP D 107 16.83 -4.73 9.76
CA ASP D 107 17.86 -4.79 10.79
C ASP D 107 17.82 -3.59 11.75
N SER D 108 17.54 -3.90 13.02
CA SER D 108 17.48 -2.88 14.06
C SER D 108 17.77 -3.54 15.38
N ALA D 109 19.01 -3.41 15.83
CA ALA D 109 19.41 -3.99 17.11
C ALA D 109 20.40 -3.09 17.82
N MET D 110 20.67 -3.38 19.09
CA MET D 110 21.57 -2.61 19.91
C MET D 110 22.95 -3.20 19.82
N ASP D 111 23.62 -2.81 18.74
CA ASP D 111 24.95 -3.25 18.37
C ASP D 111 26.05 -3.32 19.45
N HIS D 112 26.17 -2.25 20.23
CA HIS D 112 27.17 -2.18 21.29
C HIS D 112 26.53 -1.75 22.58
N TRP D 113 27.10 -2.16 23.71
CA TRP D 113 26.55 -1.79 25.01
C TRP D 113 27.61 -1.16 25.90
N GLY D 114 27.18 -0.73 27.08
CA GLY D 114 28.12 -0.13 28.01
C GLY D 114 28.24 -1.11 29.14
N GLN D 115 28.97 -0.75 30.19
CA GLN D 115 29.10 -1.66 31.30
C GLN D 115 28.06 -1.39 32.35
N GLY D 116 27.37 -0.26 32.21
CA GLY D 116 26.32 0.08 33.15
C GLY D 116 26.72 0.73 34.45
N THR D 117 25.86 1.60 34.96
CA THR D 117 26.13 2.26 36.21
C THR D 117 25.14 1.68 37.15
N SER D 118 25.55 1.46 38.38
CA SER D 118 24.63 0.92 39.35
C SER D 118 24.09 2.12 40.11
N VAL D 119 22.78 2.15 40.24
CA VAL D 119 22.09 3.20 40.93
C VAL D 119 21.28 2.47 41.96
N THR D 120 21.48 2.79 43.23
CA THR D 120 20.70 2.16 44.30
C THR D 120 19.86 3.24 45.00
N VAL D 121 18.67 2.86 45.42
CA VAL D 121 17.76 3.80 46.07
C VAL D 121 17.56 3.54 47.55
N SER D 122 18.09 4.42 48.40
CA SER D 122 17.97 4.27 49.85
C SER D 122 18.31 5.52 50.65
N SER D 123 17.67 5.64 51.80
CA SER D 123 17.91 6.77 52.68
C SER D 123 19.13 6.49 53.57
N ALA D 124 19.44 5.20 53.72
CA ALA D 124 20.55 4.76 54.55
C ALA D 124 21.80 5.65 54.45
N LYS D 125 22.47 5.82 55.58
CA LYS D 125 23.69 6.62 55.68
C LYS D 125 24.94 5.75 55.73
N THR D 126 25.99 6.17 55.02
CA THR D 126 27.23 5.40 55.00
C THR D 126 27.69 5.03 56.40
N THR D 127 27.38 3.80 56.79
CA THR D 127 27.79 3.32 58.10
C THR D 127 28.61 2.04 57.86
N PRO D 128 29.76 1.92 58.57
CA PRO D 128 30.71 0.79 58.50
C PRO D 128 30.09 -0.48 59.06
N PRO D 129 30.65 -1.64 58.70
CA PRO D 129 30.15 -2.94 59.15
C PRO D 129 30.73 -3.39 60.48
N SER D 130 29.98 -4.25 61.14
CA SER D 130 30.44 -4.84 62.39
C SER D 130 30.82 -6.26 61.98
N VAL D 131 32.09 -6.60 62.17
CA VAL D 131 32.59 -7.94 61.83
C VAL D 131 32.59 -8.91 63.05
N TYR D 132 32.06 -10.12 62.85
CA TYR D 132 32.00 -11.13 63.90
C TYR D 132 32.56 -12.46 63.40
N PRO D 133 33.53 -13.02 64.12
CA PRO D 133 34.12 -14.29 63.71
C PRO D 133 33.15 -15.46 63.83
N LEU D 134 33.43 -16.51 63.07
CA LEU D 134 32.59 -17.70 63.10
C LEU D 134 33.50 -18.94 63.22
N ALA D 135 33.52 -19.52 64.42
CA ALA D 135 34.32 -20.69 64.72
C ALA D 135 33.42 -21.78 65.27
N PRO D 136 33.66 -23.05 64.92
CA PRO D 136 32.84 -24.15 65.41
C PRO D 136 32.74 -24.14 66.94
N GLY D 137 31.57 -23.74 67.44
CA GLY D 137 31.35 -23.70 68.87
C GLY D 137 30.53 -24.90 69.33
N SER D 138 30.76 -25.34 70.57
CA SER D 138 30.05 -26.49 71.16
C SER D 138 30.35 -27.81 70.43
N ALA D 139 31.12 -27.73 69.34
CA ALA D 139 31.49 -28.91 68.55
C ALA D 139 32.99 -28.80 68.24
N ALA D 140 33.80 -29.56 68.97
CA ALA D 140 35.25 -29.56 68.78
C ALA D 140 35.55 -30.15 67.42
N GLN D 141 36.70 -29.77 66.85
CA GLN D 141 37.09 -30.25 65.53
C GLN D 141 37.54 -31.71 65.54
N THR D 142 37.31 -32.40 64.43
CA THR D 142 37.71 -33.79 64.30
C THR D 142 39.15 -33.89 63.79
N ASN D 143 39.32 -34.59 62.67
CA ASN D 143 40.65 -34.72 62.07
C ASN D 143 40.73 -34.56 60.56
N SER D 144 39.72 -33.90 59.99
CA SER D 144 39.66 -33.67 58.55
C SER D 144 39.88 -32.21 58.22
N MET D 145 38.84 -31.55 57.72
CA MET D 145 38.91 -30.15 57.36
C MET D 145 37.86 -29.40 58.17
N VAL D 146 38.20 -28.18 58.59
CA VAL D 146 37.29 -27.35 59.37
C VAL D 146 36.88 -26.15 58.52
N THR D 147 35.65 -25.72 58.69
CA THR D 147 35.13 -24.57 57.94
C THR D 147 34.83 -23.39 58.86
N LEU D 148 35.67 -22.36 58.79
CA LEU D 148 35.50 -21.18 59.62
C LEU D 148 34.73 -20.14 58.80
N GLY D 149 34.09 -19.21 59.48
CA GLY D 149 33.34 -18.20 58.78
C GLY D 149 33.60 -16.80 59.24
N CYS D 150 32.93 -15.85 58.58
CA CYS D 150 33.06 -14.45 58.92
C CYS D 150 31.75 -13.75 58.55
N LEU D 151 31.24 -12.95 59.48
CA LEU D 151 29.97 -12.24 59.28
C LEU D 151 30.14 -10.73 59.19
N VAL D 152 29.71 -10.15 58.06
CA VAL D 152 29.82 -8.70 57.89
C VAL D 152 28.40 -8.14 57.95
N LYS D 153 28.03 -7.66 59.13
CA LYS D 153 26.66 -7.18 59.34
C LYS D 153 26.47 -5.68 59.46
N GLY D 154 25.33 -5.23 58.92
CA GLY D 154 24.90 -3.84 58.98
C GLY D 154 25.77 -2.73 58.41
N TYR D 155 26.03 -2.75 57.10
CA TYR D 155 26.85 -1.73 56.45
C TYR D 155 26.15 -1.04 55.27
N PHE D 156 26.74 0.05 54.81
CA PHE D 156 26.17 0.78 53.66
C PHE D 156 27.11 1.89 53.21
N PRO D 157 27.36 1.96 51.92
CA PRO D 157 26.75 1.06 50.94
C PRO D 157 27.73 0.00 50.43
N GLU D 158 27.32 -0.69 49.38
CA GLU D 158 28.17 -1.68 48.76
C GLU D 158 29.37 -0.90 48.22
N PRO D 159 30.50 -1.57 47.99
CA PRO D 159 30.63 -3.00 48.23
C PRO D 159 31.58 -3.19 49.42
N VAL D 160 31.93 -4.44 49.67
CA VAL D 160 32.88 -4.77 50.73
C VAL D 160 33.84 -5.80 50.18
N THR D 161 35.08 -5.74 50.64
CA THR D 161 36.11 -6.67 50.19
C THR D 161 36.44 -7.63 51.34
N VAL D 162 36.32 -8.92 51.08
CA VAL D 162 36.62 -9.92 52.10
C VAL D 162 37.68 -10.88 51.61
N THR D 163 38.73 -11.05 52.42
CA THR D 163 39.83 -11.96 52.11
C THR D 163 40.27 -12.66 53.39
N TRP D 164 41.10 -13.67 53.25
CA TRP D 164 41.57 -14.36 54.44
C TRP D 164 43.07 -14.35 54.53
N ASN D 165 43.55 -14.14 55.76
CA ASN D 165 44.98 -14.12 56.00
C ASN D 165 45.63 -13.14 55.04
N SER D 166 45.17 -11.90 55.05
CA SER D 166 45.70 -10.85 54.18
C SER D 166 45.81 -11.30 52.72
N GLY D 167 44.92 -12.22 52.32
CA GLY D 167 44.91 -12.71 50.96
C GLY D 167 45.63 -14.01 50.70
N SER D 168 46.14 -14.64 51.75
CA SER D 168 46.87 -15.91 51.62
C SER D 168 45.95 -17.06 51.24
N LEU D 169 44.84 -17.18 51.97
CA LEU D 169 43.86 -18.23 51.72
C LEU D 169 42.92 -17.80 50.63
N SER D 170 42.78 -18.64 49.61
CA SER D 170 41.92 -18.32 48.49
C SER D 170 41.31 -19.55 47.85
N SER D 171 41.66 -20.72 48.39
CA SER D 171 41.16 -21.98 47.83
C SER D 171 39.70 -22.31 48.10
N GLY D 172 39.43 -22.67 49.34
CA GLY D 172 38.07 -23.00 49.71
C GLY D 172 37.42 -21.80 50.31
N VAL D 173 37.45 -20.67 49.60
CA VAL D 173 36.81 -19.48 50.12
C VAL D 173 35.50 -19.25 49.40
N HIS D 174 34.47 -18.91 50.17
CA HIS D 174 33.12 -18.61 49.68
C HIS D 174 32.62 -17.34 50.32
N THR D 175 32.47 -16.31 49.51
CA THR D 175 31.96 -15.04 50.00
C THR D 175 30.59 -14.85 49.34
N PHE D 176 29.55 -14.89 50.15
CA PHE D 176 28.21 -14.77 49.61
C PHE D 176 27.77 -13.33 49.39
N PRO D 177 26.90 -13.13 48.39
CA PRO D 177 26.37 -11.81 48.05
C PRO D 177 25.51 -11.29 49.21
N ALA D 178 25.56 -9.99 49.46
CA ALA D 178 24.82 -9.40 50.58
C ALA D 178 23.32 -9.33 50.38
N VAL D 179 22.64 -9.00 51.48
CA VAL D 179 21.19 -8.86 51.53
C VAL D 179 20.81 -7.69 52.42
N LEU D 180 19.62 -7.14 52.17
CA LEU D 180 19.11 -6.01 52.93
C LEU D 180 18.60 -6.31 54.33
N GLN D 181 19.20 -5.64 55.30
CA GLN D 181 18.84 -5.80 56.71
C GLN D 181 18.43 -4.41 57.19
N SER D 182 17.15 -4.07 57.02
CA SER D 182 16.68 -2.75 57.43
C SER D 182 17.51 -1.62 56.82
N ASP D 183 17.48 -1.55 55.50
CA ASP D 183 18.21 -0.52 54.78
C ASP D 183 19.70 -0.77 54.74
N LEU D 184 20.21 -1.58 55.67
CA LEU D 184 21.64 -1.92 55.76
C LEU D 184 21.98 -3.23 55.01
N TYR D 185 23.27 -3.49 54.77
CA TYR D 185 23.65 -4.72 54.05
C TYR D 185 24.30 -5.72 55.03
N THR D 186 24.05 -7.00 54.79
CA THR D 186 24.61 -8.05 55.64
C THR D 186 25.05 -9.26 54.82
N LEU D 187 26.36 -9.55 54.85
CA LEU D 187 26.90 -10.71 54.15
C LEU D 187 27.90 -11.47 55.02
N SER D 188 28.19 -12.70 54.60
CA SER D 188 29.09 -13.58 55.31
C SER D 188 30.02 -14.32 54.33
N SER D 189 31.18 -14.72 54.83
CA SER D 189 32.15 -15.42 54.01
C SER D 189 32.64 -16.66 54.76
N SER D 190 32.84 -17.76 54.03
CA SER D 190 33.32 -18.99 54.67
C SER D 190 34.61 -19.48 54.03
N VAL D 191 35.46 -20.05 54.87
CA VAL D 191 36.74 -20.60 54.45
C VAL D 191 36.91 -22.02 55.01
N THR D 192 37.36 -22.93 54.15
CA THR D 192 37.58 -24.32 54.56
C THR D 192 39.08 -24.63 54.44
N VAL D 193 39.65 -25.10 55.54
CA VAL D 193 41.06 -25.40 55.58
C VAL D 193 41.30 -26.67 56.41
N PRO D 194 42.24 -27.53 56.00
CA PRO D 194 42.51 -28.76 56.76
C PRO D 194 42.69 -28.49 58.27
N SER D 195 42.17 -29.37 59.11
CA SER D 195 42.26 -29.21 60.57
C SER D 195 43.70 -29.18 61.05
N SER D 196 44.62 -29.58 60.18
CA SER D 196 46.01 -29.61 60.53
C SER D 196 46.64 -28.23 60.51
N THR D 197 45.87 -27.22 60.10
CA THR D 197 46.40 -25.84 60.05
C THR D 197 45.66 -24.89 60.99
N TRP D 198 44.51 -25.31 61.49
CA TRP D 198 43.75 -24.50 62.43
C TRP D 198 43.37 -25.39 63.63
N PRO D 199 43.50 -24.88 64.88
CA PRO D 199 43.98 -23.55 65.23
C PRO D 199 45.48 -23.45 65.50
N SER D 200 46.24 -24.42 64.98
CA SER D 200 47.69 -24.43 65.18
C SER D 200 48.35 -23.22 64.54
N GLU D 201 47.72 -22.70 63.49
CA GLU D 201 48.19 -21.53 62.78
C GLU D 201 47.03 -20.54 62.66
N THR D 202 47.28 -19.28 62.98
CA THR D 202 46.24 -18.25 62.95
C THR D 202 45.52 -18.03 61.61
N VAL D 203 44.24 -17.77 61.72
CA VAL D 203 43.41 -17.50 60.55
C VAL D 203 42.60 -16.25 60.81
N THR D 204 42.94 -15.18 60.10
CA THR D 204 42.24 -13.92 60.28
C THR D 204 41.40 -13.52 59.06
N CYS D 205 40.29 -12.85 59.36
CA CYS D 205 39.34 -12.41 58.36
C CYS D 205 39.52 -10.93 58.00
N ASN D 206 39.76 -10.64 56.73
CA ASN D 206 39.95 -9.26 56.28
C ASN D 206 38.74 -8.58 55.66
N VAL D 207 38.24 -7.53 56.31
CA VAL D 207 37.09 -6.78 55.80
C VAL D 207 37.38 -5.31 55.49
N ALA D 208 37.16 -4.96 54.23
CA ALA D 208 37.36 -3.62 53.70
C ALA D 208 36.02 -2.98 53.27
N HIS D 209 35.77 -1.76 53.73
CA HIS D 209 34.56 -1.00 53.38
C HIS D 209 34.98 0.41 52.94
N PRO D 210 35.25 0.59 51.64
CA PRO D 210 35.66 1.86 51.05
C PRO D 210 34.84 3.09 51.41
N ALA D 211 33.52 2.97 51.40
CA ALA D 211 32.67 4.12 51.72
C ALA D 211 33.02 4.78 53.05
N SER D 212 33.24 3.99 54.09
CA SER D 212 33.55 4.52 55.41
C SER D 212 35.03 4.57 55.75
N SER D 213 35.86 4.26 54.76
CA SER D 213 37.31 4.23 54.95
C SER D 213 37.63 3.46 56.24
N THR D 214 37.18 2.22 56.30
CA THR D 214 37.43 1.36 57.44
C THR D 214 38.00 0.04 56.93
N LYS D 215 39.00 -0.45 57.64
CA LYS D 215 39.62 -1.72 57.30
C LYS D 215 39.84 -2.41 58.62
N VAL D 216 39.10 -3.48 58.85
CA VAL D 216 39.22 -4.24 60.09
C VAL D 216 39.48 -5.72 59.87
N ASP D 217 40.38 -6.28 60.68
CA ASP D 217 40.72 -7.72 60.63
C ASP D 217 40.13 -8.35 61.87
N LYS D 218 39.76 -9.63 61.78
CA LYS D 218 39.20 -10.32 62.93
C LYS D 218 39.74 -11.74 62.93
N LYS D 219 40.44 -12.13 64.00
CA LYS D 219 41.03 -13.47 64.09
C LYS D 219 40.01 -14.51 64.55
N ILE D 220 39.93 -15.62 63.81
CA ILE D 220 38.98 -16.67 64.13
C ILE D 220 39.49 -17.53 65.27
N VAL D 221 39.29 -17.07 66.50
CA VAL D 221 39.69 -17.79 67.70
C VAL D 221 38.75 -18.98 67.90
N PRO D 222 39.30 -20.14 68.26
CA PRO D 222 38.51 -21.35 68.49
C PRO D 222 37.43 -21.17 69.56
N ALA D 223 36.50 -22.13 69.65
CA ALA D 223 35.40 -22.08 70.63
C ALA D 223 35.93 -21.98 72.08
N ASP D 224 35.11 -21.37 72.96
CA ASP D 224 35.48 -21.18 74.37
C ASP D 224 35.86 -22.48 75.11
N CYS D 225 35.00 -23.49 74.99
CA CYS D 225 35.20 -24.80 75.62
C CYS D 225 34.95 -25.93 74.62
P MRG F 16 -31.47 9.85 -34.25
OP1 MRG F 16 -32.49 10.04 -35.31
OP2 MRG F 16 -31.03 11.01 -33.42
O5' MRG F 16 -32.00 8.69 -33.29
N9 MRG F 16 -31.11 6.44 -30.04
C4 MRG F 16 -30.59 5.65 -29.05
N3 MRG F 16 -31.19 4.58 -28.49
C2 MRG F 16 -30.45 4.05 -27.53
N1 MRG F 16 -29.22 4.53 -27.16
C6 MRG F 16 -28.59 5.64 -27.74
O6 MRG F 16 -27.48 6.00 -27.34
C5 MRG F 16 -29.37 6.21 -28.75
N7 MRG F 16 -29.11 7.30 -29.56
C8 MRG F 16 -30.16 7.39 -30.32
N2 MRG F 16 -30.90 2.97 -26.86
C21 MRG F 16 -32.15 2.93 -27.31
C22 MRG F 16 -33.10 1.85 -26.75
C23 MRG F 16 -32.71 0.69 -27.71
S24 MRG F 16 -33.21 0.68 -29.50
C2' MRG F 16 -33.06 7.76 -30.59
C5' MRG F 16 -32.57 7.52 -33.84
C4' MRG F 16 -33.31 6.77 -32.75
O4' MRG F 16 -32.34 6.02 -31.97
C1' MRG F 16 -32.46 6.37 -30.60
C3' MRG F 16 -33.96 7.77 -31.79
O3' MRG F 16 -35.25 7.37 -31.35
P ATM F 21 -37.26 15.82 -12.06
OP1 ATM F 21 -37.52 15.94 -10.59
OP2 ATM F 21 -38.36 15.48 -12.99
O5' ATM F 21 -36.62 17.20 -12.55
C5' ATM F 21 -35.68 17.89 -11.73
C4' ATM F 21 -35.16 19.11 -12.45
O4' ATM F 21 -34.57 18.67 -13.70
C3' ATM F 21 -36.27 20.07 -12.86
N3' ATM F 21 -36.44 21.00 -11.74
N4' ATM F 21 -37.49 21.09 -11.25
N5' ATM F 21 -38.71 21.24 -10.84
C2' ATM F 21 -35.73 20.72 -14.12
C1' ATM F 21 -34.77 19.68 -14.69
N1 ATM F 21 -35.19 19.01 -15.91
C2 ATM F 21 -34.56 19.38 -17.06
O2 ATM F 21 -33.69 20.22 -17.09
N3 ATM F 21 -34.98 18.71 -18.19
C4 ATM F 21 -35.93 17.71 -18.26
O4 ATM F 21 -36.18 17.19 -19.34
C5 ATM F 21 -36.56 17.38 -17.00
C5A ATM F 21 -37.60 16.30 -16.97
C6 ATM F 21 -36.18 18.05 -15.91
MG MG G . 0.93 -21.39 -41.82
#